data_6Z9M
#
_entry.id   6Z9M
#
_cell.length_a   1.00
_cell.length_b   1.00
_cell.length_c   1.00
_cell.angle_alpha   90.00
_cell.angle_beta   90.00
_cell.angle_gamma   90.00
#
_symmetry.space_group_name_H-M   'P 1'
#
_entity_poly.entity_id   1
_entity_poly.type   'polypeptide(L)'
_entity_poly.pdbx_seq_one_letter_code
;MHQGAPSWGRRWFVVWALLGLTLGVLVASAAPSSPGTPGVAAATQAANGGPATPAPPALGAAPTGDPKPKKNKKPKNPTP
PRPAGDNATVAAGHATLREHLRDIKAENTDANFYVCPPPTGATVVQFEQPRRCPTRPEGQNYTEGIAVVFKENIAPYKFK
ATMYYKDVTVSQVWFGHRYSQFMGIFEDRAPVPFEEVIDKINAKGVCRSTAKYVRNNLETTAFHRDDHETDMELKPANAA
TRTSRGWHTTDLKYNPSRVEAFHRYGTTVNCIVEEVDARSVYPYDEFVLATGDFVYMSPFYGYREGSHTEHTSYAADRFK
QVDGFYARDLTTKARATAPTTRNLLTTPKFTVAWDWVPKRPSVCTMTKWQEVDEMLRSEYGGSFRFSSDAISTTFTTNLT
EYPLSRVDLGDCIGKDARDAMDRIFARRYNATHIKVGQPQYYLANGGFLIAYQPLLSNTLAELYVREHLREQSRKPPNPT
PPPPGASANASVERIKTTSSIEFARLQFTYNHIQRPVNDMLGRVAIAWCELQNHELTLWNEARKLNPNAIASVTVGRRVS
ARMLGDVMAVSTCVPVAADNVIVQNSMRISSRPGACYSRPLVSFRYEDQGPLVEGQLGENNELRLTRDAIEPCTVGHRRY
FTFGGGYVYFEEYAYSHQLSRADITTVSTFIDLNITMLEDHEFVPLEVYTRHEIKDSGLLDYTEVQRRNQLHDLRFADID
TVIHADANAAMFAGLGAFFEGMGDLGRAVGKVVMGIVGGVVSAVSGVSSFMSNPFGALAVGLLVLAGLAAAFFAFRYVMR
LQSNPMKALYPLTTKELKNPTNPDASGEGEEGGDFDEAKLAEAREMIRYMALVSAMERTEHKAKKKGTSALLSAKVTDMV
MRKRRNTNYTQVPNKDGDADEDDL
;
_entity_poly.pdbx_strand_id   A,B,C
#
# COMPACT_ATOMS: atom_id res chain seq x y z
N ILE A 104 -4.78 20.35 -29.01
CA ILE A 104 -4.34 19.36 -29.98
C ILE A 104 -4.78 17.98 -29.55
N LYS A 105 -5.12 17.13 -30.52
CA LYS A 105 -5.42 15.74 -30.23
C LYS A 105 -4.18 15.07 -29.67
N ALA A 106 -4.38 13.91 -29.06
CA ALA A 106 -3.27 13.20 -28.44
C ALA A 106 -2.28 12.72 -29.49
N GLU A 107 -1.00 12.71 -29.14
CA GLU A 107 0.08 12.29 -30.03
C GLU A 107 0.92 11.17 -29.45
N ASN A 108 0.90 10.98 -28.14
CA ASN A 108 1.75 9.99 -27.47
C ASN A 108 1.15 8.61 -27.67
N THR A 109 1.34 8.05 -28.87
CA THR A 109 0.69 6.83 -29.30
C THR A 109 1.31 5.59 -28.68
N ASP A 110 2.30 5.77 -27.81
CA ASP A 110 2.96 4.64 -27.18
C ASP A 110 2.10 4.01 -26.10
N ALA A 111 0.90 4.54 -25.87
CA ALA A 111 -0.06 3.95 -24.95
C ALA A 111 -1.43 4.54 -25.22
N ASN A 112 -2.36 3.69 -25.61
CA ASN A 112 -3.74 4.10 -25.86
C ASN A 112 -4.45 4.37 -24.55
N PHE A 113 -5.33 5.35 -24.57
CA PHE A 113 -5.95 5.81 -23.34
C PHE A 113 -6.90 4.77 -22.77
N TYR A 114 -7.31 5.01 -21.54
CA TYR A 114 -8.31 4.24 -20.84
C TYR A 114 -9.50 5.13 -20.49
N VAL A 115 -10.69 4.69 -20.84
CA VAL A 115 -11.91 5.37 -20.43
C VAL A 115 -12.28 4.78 -19.07
N CYS A 116 -12.49 5.63 -18.07
CA CYS A 116 -12.84 5.06 -16.78
C CYS A 116 -14.21 5.53 -16.32
N PRO A 117 -15.28 4.86 -16.74
CA PRO A 117 -16.57 5.09 -16.13
C PRO A 117 -16.79 4.10 -14.99
N PRO A 118 -17.47 4.52 -13.94
CA PRO A 118 -17.74 3.60 -12.83
C PRO A 118 -18.45 2.35 -13.33
N PRO A 119 -17.90 1.19 -13.04
CA PRO A 119 -18.51 -0.05 -13.52
C PRO A 119 -19.45 -0.69 -12.52
N THR A 120 -20.44 -1.42 -13.02
CA THR A 120 -21.24 -2.32 -12.19
C THR A 120 -20.68 -3.74 -12.29
N GLY A 121 -19.85 -4.11 -11.32
CA GLY A 121 -19.27 -5.44 -11.32
C GLY A 121 -20.30 -6.52 -11.04
N ALA A 122 -19.80 -7.75 -10.97
CA ALA A 122 -20.66 -8.88 -10.63
C ALA A 122 -20.62 -9.18 -9.12
N THR A 123 -19.46 -9.49 -8.53
CA THR A 123 -18.22 -9.95 -9.15
C THR A 123 -17.99 -11.37 -8.65
N VAL A 124 -17.59 -12.27 -9.55
CA VAL A 124 -17.37 -13.65 -9.16
C VAL A 124 -15.87 -13.85 -9.07
N VAL A 125 -15.12 -12.81 -9.41
CA VAL A 125 -13.66 -12.85 -9.35
C VAL A 125 -13.22 -11.94 -8.21
N GLN A 126 -12.81 -12.55 -7.09
CA GLN A 126 -12.28 -11.79 -5.98
C GLN A 126 -11.11 -12.57 -5.40
N PHE A 127 -10.29 -11.88 -4.63
CA PHE A 127 -9.18 -12.52 -3.93
C PHE A 127 -9.74 -13.46 -2.86
N GLU A 128 -9.54 -14.75 -3.08
CA GLU A 128 -9.93 -15.72 -2.06
C GLU A 128 -9.10 -15.51 -0.80
N GLN A 129 -9.70 -15.80 0.35
CA GLN A 129 -9.02 -15.57 1.61
C GLN A 129 -7.78 -16.48 1.70
N PRO A 130 -6.65 -15.95 2.16
CA PRO A 130 -5.44 -16.76 2.22
C PRO A 130 -5.64 -18.04 3.03
N ARG A 131 -4.68 -18.95 2.94
CA ARG A 131 -4.84 -20.31 3.41
C ARG A 131 -3.88 -20.62 4.55
N ARG A 132 -4.28 -21.59 5.36
CA ARG A 132 -3.38 -22.20 6.33
C ARG A 132 -2.17 -22.77 5.61
N CYS A 133 -1.04 -22.79 6.29
CA CYS A 133 0.13 -23.36 5.64
C CYS A 133 0.16 -24.87 5.82
N PRO A 134 0.72 -25.59 4.85
CA PRO A 134 0.36 -27.01 4.69
C PRO A 134 1.07 -27.94 5.66
N THR A 135 0.91 -29.24 5.37
CA THR A 135 1.32 -30.33 6.25
C THR A 135 2.83 -30.41 6.44
N ARG A 136 3.21 -31.18 7.45
CA ARG A 136 4.52 -31.33 8.06
C ARG A 136 4.69 -32.83 8.34
N PRO A 137 5.68 -33.28 9.18
CA PRO A 137 6.56 -34.43 8.85
C PRO A 137 5.93 -35.75 8.39
N GLU A 138 6.79 -36.75 8.34
CA GLU A 138 6.99 -37.65 7.20
C GLU A 138 5.82 -38.58 6.95
N GLY A 139 6.13 -39.64 6.21
CA GLY A 139 5.42 -39.94 4.98
C GLY A 139 3.95 -39.61 5.04
N GLN A 140 3.56 -38.66 4.18
CA GLN A 140 2.25 -38.63 3.57
C GLN A 140 2.32 -39.09 2.12
N ASN A 141 3.30 -39.94 1.81
CA ASN A 141 3.58 -40.41 0.46
C ASN A 141 3.48 -39.28 -0.55
N TYR A 142 4.22 -38.21 -0.23
CA TYR A 142 4.33 -37.04 -1.10
C TYR A 142 4.67 -37.53 -2.50
N THR A 143 3.80 -37.30 -3.46
CA THR A 143 3.96 -37.87 -4.79
C THR A 143 3.93 -36.76 -5.84
N GLU A 144 5.02 -36.64 -6.59
CA GLU A 144 5.10 -35.63 -7.62
C GLU A 144 4.41 -36.11 -8.89
N GLY A 145 3.68 -35.20 -9.53
CA GLY A 145 3.05 -35.53 -10.78
C GLY A 145 2.37 -34.31 -11.37
N ILE A 146 2.09 -34.42 -12.66
CA ILE A 146 1.37 -33.43 -13.44
C ILE A 146 -0.12 -33.65 -13.27
N ALA A 147 -0.80 -32.66 -12.73
CA ALA A 147 -2.25 -32.66 -12.77
C ALA A 147 -2.72 -31.57 -13.71
N VAL A 148 -3.90 -31.78 -14.27
CA VAL A 148 -4.65 -30.76 -14.97
C VAL A 148 -5.99 -30.66 -14.28
N VAL A 149 -6.30 -29.48 -13.78
CA VAL A 149 -7.50 -29.23 -13.00
C VAL A 149 -8.47 -28.44 -13.86
N PHE A 150 -9.73 -28.88 -13.86
CA PHE A 150 -10.80 -28.47 -14.74
C PHE A 150 -12.01 -27.95 -13.96
N LYS A 151 -12.88 -27.23 -14.67
CA LYS A 151 -14.30 -27.10 -14.36
C LYS A 151 -15.11 -26.94 -15.64
N GLU A 152 -16.43 -26.95 -15.45
CA GLU A 152 -17.35 -26.83 -16.57
C GLU A 152 -17.28 -25.44 -17.18
N ASN A 153 -17.68 -25.35 -18.44
CA ASN A 153 -17.82 -24.05 -19.09
C ASN A 153 -19.10 -23.37 -18.60
N ILE A 154 -19.00 -22.11 -18.18
CA ILE A 154 -20.14 -21.41 -17.59
C ILE A 154 -20.99 -20.70 -18.64
N ALA A 155 -20.62 -20.80 -19.90
CA ALA A 155 -21.37 -20.31 -21.05
C ALA A 155 -22.02 -18.96 -20.80
N PRO A 156 -21.26 -17.88 -20.70
CA PRO A 156 -21.89 -16.56 -20.59
C PRO A 156 -22.43 -16.08 -21.92
N TYR A 157 -23.65 -16.48 -22.28
CA TYR A 157 -24.22 -16.05 -23.55
C TYR A 157 -24.29 -14.53 -23.62
N LYS A 158 -23.82 -13.97 -24.72
CA LYS A 158 -23.81 -12.53 -24.92
C LYS A 158 -24.82 -12.17 -26.00
N PHE A 159 -25.40 -10.98 -25.87
CA PHE A 159 -26.30 -10.44 -26.87
C PHE A 159 -26.46 -8.96 -26.58
N LYS A 160 -27.46 -8.35 -27.22
CA LYS A 160 -27.79 -6.97 -26.91
C LYS A 160 -29.29 -6.82 -26.71
N ALA A 161 -29.64 -5.88 -25.85
CA ALA A 161 -31.02 -5.58 -25.50
C ALA A 161 -31.19 -4.08 -25.42
N THR A 162 -32.38 -3.66 -25.02
CA THR A 162 -32.69 -2.25 -24.88
C THR A 162 -33.70 -2.05 -23.76
N MET A 163 -33.48 -1.00 -22.98
CA MET A 163 -34.24 -0.69 -21.78
C MET A 163 -35.30 0.35 -22.09
N TYR A 164 -36.45 0.21 -21.44
CA TYR A 164 -37.65 0.97 -21.74
C TYR A 164 -38.31 1.40 -20.44
N TYR A 165 -38.17 2.67 -20.09
CA TYR A 165 -38.91 3.17 -18.96
C TYR A 165 -39.02 4.68 -19.08
N LYS A 166 -39.63 5.28 -18.08
CA LYS A 166 -39.89 6.71 -18.06
C LYS A 166 -39.71 7.14 -16.62
N ASP A 167 -38.74 8.00 -16.40
CA ASP A 167 -38.54 8.54 -15.07
C ASP A 167 -39.41 9.77 -14.89
N VAL A 168 -40.16 9.77 -13.80
CA VAL A 168 -41.12 10.81 -13.52
C VAL A 168 -40.78 11.42 -12.18
N THR A 169 -40.82 12.75 -12.13
CA THR A 169 -40.45 13.47 -10.93
C THR A 169 -41.53 14.47 -10.57
N VAL A 170 -41.72 14.64 -9.27
CA VAL A 170 -42.69 15.56 -8.70
C VAL A 170 -41.98 16.43 -7.67
N SER A 171 -42.22 17.74 -7.72
CA SER A 171 -41.63 18.68 -6.79
C SER A 171 -42.74 19.25 -5.91
N GLN A 172 -42.80 18.75 -4.67
CA GLN A 172 -43.58 19.36 -3.60
C GLN A 172 -42.85 20.62 -3.20
N VAL A 173 -42.95 21.63 -4.02
CA VAL A 173 -42.45 22.93 -3.65
C VAL A 173 -43.33 23.46 -2.53
N TRP A 174 -42.69 24.10 -1.56
CA TRP A 174 -43.33 24.62 -0.37
C TRP A 174 -43.42 26.13 -0.46
N PHE A 175 -44.55 26.62 -0.96
CA PHE A 175 -44.79 28.04 -1.16
C PHE A 175 -45.31 28.63 0.15
N GLY A 176 -44.43 29.33 0.86
CA GLY A 176 -44.73 29.82 2.18
C GLY A 176 -45.30 31.22 2.16
N HIS A 177 -44.51 32.18 2.62
CA HIS A 177 -44.92 33.57 2.50
C HIS A 177 -44.31 34.23 1.28
N ARG A 178 -42.98 34.13 1.16
CA ARG A 178 -42.33 34.57 -0.07
C ARG A 178 -41.24 33.58 -0.43
N TYR A 179 -41.17 32.49 0.33
CA TYR A 179 -40.08 31.55 0.21
C TYR A 179 -40.53 30.26 -0.46
N SER A 180 -39.55 29.45 -0.85
CA SER A 180 -39.81 28.21 -1.57
C SER A 180 -38.89 27.10 -1.05
N GLN A 181 -39.43 26.23 -0.22
CA GLN A 181 -38.79 24.97 0.11
C GLN A 181 -39.22 23.93 -0.90
N PHE A 182 -38.25 23.17 -1.41
CA PHE A 182 -38.55 21.99 -2.18
C PHE A 182 -38.89 20.89 -1.20
N MET A 183 -40.09 20.94 -0.64
CA MET A 183 -40.55 19.85 0.21
C MET A 183 -40.75 18.56 -0.57
N GLY A 184 -40.32 18.53 -1.83
CA GLY A 184 -40.15 17.30 -2.57
C GLY A 184 -39.58 17.51 -3.96
N ILE A 185 -38.56 16.73 -4.34
CA ILE A 185 -38.20 16.50 -5.73
C ILE A 185 -37.95 14.99 -5.85
N PHE A 186 -39.00 14.24 -6.18
CA PHE A 186 -38.96 12.78 -6.17
C PHE A 186 -38.97 12.26 -7.60
N GLU A 187 -38.05 11.35 -7.90
CA GLU A 187 -37.90 10.78 -9.24
C GLU A 187 -38.00 9.26 -9.15
N ASP A 188 -38.64 8.65 -10.15
CA ASP A 188 -38.76 7.21 -10.18
C ASP A 188 -38.80 6.70 -11.61
N ARG A 189 -38.09 5.61 -11.85
CA ARG A 189 -38.13 4.87 -13.11
C ARG A 189 -39.43 4.09 -13.18
N ALA A 190 -40.09 4.13 -14.34
CA ALA A 190 -41.38 3.50 -14.48
C ALA A 190 -41.46 2.76 -15.81
N PRO A 191 -41.69 1.46 -15.82
CA PRO A 191 -41.56 0.67 -17.06
C PRO A 191 -42.36 1.20 -18.25
N VAL A 192 -41.67 1.50 -19.35
CA VAL A 192 -42.33 1.87 -20.60
C VAL A 192 -43.22 0.71 -21.05
N PRO A 193 -44.47 0.99 -21.41
CA PRO A 193 -45.36 -0.08 -21.88
C PRO A 193 -44.91 -0.65 -23.21
N PHE A 194 -45.46 -1.83 -23.51
CA PHE A 194 -45.21 -2.48 -24.80
C PHE A 194 -45.64 -1.56 -25.96
N GLU A 195 -46.69 -0.77 -25.74
CA GLU A 195 -47.23 0.05 -26.83
C GLU A 195 -46.29 1.20 -27.18
N GLU A 196 -45.70 1.85 -26.17
CA GLU A 196 -44.77 2.92 -26.47
C GLU A 196 -43.57 2.39 -27.24
N VAL A 197 -43.10 1.20 -26.87
CA VAL A 197 -42.06 0.55 -27.66
C VAL A 197 -42.52 0.38 -29.09
N ILE A 198 -43.55 -0.45 -29.30
CA ILE A 198 -43.93 -0.85 -30.65
C ILE A 198 -44.21 0.37 -31.52
N ASP A 199 -45.11 1.24 -31.07
CA ASP A 199 -45.47 2.38 -31.90
C ASP A 199 -44.65 3.62 -31.59
N LYS A 200 -44.74 4.16 -30.38
CA LYS A 200 -44.12 5.44 -30.08
C LYS A 200 -42.61 5.37 -30.14
N ILE A 201 -42.04 4.19 -29.93
CA ILE A 201 -40.60 4.06 -30.10
C ILE A 201 -40.27 3.29 -31.37
N ASN A 202 -40.63 2.00 -31.41
CA ASN A 202 -40.19 1.17 -32.54
C ASN A 202 -40.75 1.69 -33.85
N ALA A 203 -42.00 2.18 -33.83
CA ALA A 203 -42.55 2.75 -35.05
C ALA A 203 -42.28 4.24 -35.13
N LYS A 204 -42.24 4.93 -33.98
CA LYS A 204 -42.11 6.37 -33.97
C LYS A 204 -40.79 6.88 -33.39
N GLY A 205 -40.30 6.29 -32.30
CA GLY A 205 -39.05 6.75 -31.74
C GLY A 205 -39.18 7.88 -30.73
N VAL A 206 -40.36 8.06 -30.14
CA VAL A 206 -40.59 9.14 -29.20
C VAL A 206 -41.31 8.61 -27.97
N CYS A 207 -41.34 9.44 -26.93
CA CYS A 207 -41.97 9.08 -25.67
C CYS A 207 -42.72 10.28 -25.12
N ARG A 208 -43.95 10.04 -24.67
CA ARG A 208 -44.87 11.09 -24.28
C ARG A 208 -44.36 11.91 -23.11
N SER A 209 -44.73 13.19 -23.04
CA SER A 209 -44.43 14.02 -21.89
C SER A 209 -45.26 13.64 -20.69
N THR A 210 -46.15 12.68 -20.83
CA THR A 210 -46.78 12.01 -19.71
C THR A 210 -46.41 10.54 -19.75
N ALA A 211 -46.24 9.97 -18.57
CA ALA A 211 -45.95 8.55 -18.40
C ALA A 211 -47.14 7.91 -17.72
N LYS A 212 -47.72 6.91 -18.39
CA LYS A 212 -48.78 6.10 -17.81
C LYS A 212 -48.15 4.77 -17.37
N TYR A 213 -47.96 4.60 -16.07
CA TYR A 213 -47.10 3.52 -15.62
C TYR A 213 -47.75 2.78 -14.46
N VAL A 214 -47.20 1.64 -14.16
CA VAL A 214 -47.60 0.86 -13.00
C VAL A 214 -46.83 1.34 -11.79
N ARG A 215 -47.45 1.24 -10.62
CA ARG A 215 -46.76 1.37 -9.35
C ARG A 215 -47.53 0.58 -8.29
N ASN A 216 -46.98 -0.59 -7.93
CA ASN A 216 -47.56 -1.51 -6.94
C ASN A 216 -49.06 -1.72 -7.13
N ASN A 217 -49.46 -2.33 -8.24
CA ASN A 217 -50.82 -2.70 -8.59
C ASN A 217 -51.66 -1.45 -8.87
N LEU A 218 -51.11 -0.25 -8.73
CA LEU A 218 -51.85 0.98 -8.97
C LEU A 218 -51.33 1.66 -10.23
N GLU A 219 -52.18 1.78 -11.24
CA GLU A 219 -51.81 2.55 -12.41
C GLU A 219 -51.81 4.03 -12.05
N THR A 220 -50.70 4.70 -12.33
CA THR A 220 -50.58 6.13 -12.04
C THR A 220 -49.98 6.84 -13.24
N THR A 221 -50.43 8.08 -13.45
CA THR A 221 -49.94 8.90 -14.53
C THR A 221 -49.07 10.01 -13.97
N ALA A 222 -48.15 10.49 -14.81
CA ALA A 222 -47.36 11.66 -14.49
C ALA A 222 -47.28 12.52 -15.75
N PHE A 223 -47.20 13.82 -15.57
CA PHE A 223 -47.27 14.77 -16.66
C PHE A 223 -46.01 15.61 -16.73
N HIS A 224 -46.01 16.58 -17.64
CA HIS A 224 -44.87 17.46 -17.84
C HIS A 224 -45.28 18.89 -17.52
N ARG A 225 -44.82 19.40 -16.37
CA ARG A 225 -44.88 20.82 -16.03
C ARG A 225 -46.30 21.33 -15.85
N ASP A 226 -47.08 20.66 -14.98
CA ASP A 226 -48.48 21.01 -14.70
C ASP A 226 -49.31 21.13 -15.97
N ASP A 227 -48.92 20.42 -17.02
CA ASP A 227 -49.63 20.44 -18.30
C ASP A 227 -49.50 19.07 -18.95
N HIS A 228 -50.13 18.91 -20.11
CA HIS A 228 -50.51 17.58 -20.56
C HIS A 228 -49.48 16.97 -21.52
N GLU A 229 -49.88 15.84 -22.11
CA GLU A 229 -49.03 14.90 -22.82
C GLU A 229 -48.32 15.48 -24.04
N THR A 230 -47.11 14.98 -24.31
CA THR A 230 -46.37 15.39 -25.49
C THR A 230 -45.25 14.39 -25.77
N ASP A 231 -45.32 13.72 -26.92
CA ASP A 231 -44.22 12.89 -27.37
C ASP A 231 -42.99 13.75 -27.63
N MET A 232 -41.86 13.28 -27.13
CA MET A 232 -40.58 13.96 -27.23
C MET A 232 -39.53 12.97 -27.70
N GLU A 233 -38.55 13.48 -28.43
CA GLU A 233 -37.54 12.62 -29.03
C GLU A 233 -36.54 12.14 -27.98
N LEU A 234 -36.09 10.90 -28.13
CA LEU A 234 -35.12 10.33 -27.21
C LEU A 234 -33.72 10.77 -27.62
N LYS A 235 -33.34 11.97 -27.23
CA LYS A 235 -31.94 12.26 -27.50
C LYS A 235 -31.06 11.46 -26.56
N PRO A 236 -29.84 11.16 -26.98
CA PRO A 236 -28.93 10.38 -26.14
C PRO A 236 -28.93 10.87 -24.70
N ALA A 237 -29.12 9.93 -23.78
CA ALA A 237 -29.35 10.22 -22.37
C ALA A 237 -28.19 11.01 -21.77
N ASN A 238 -28.43 11.58 -20.61
CA ASN A 238 -27.36 12.20 -19.83
C ASN A 238 -26.50 11.08 -19.26
N ALA A 239 -25.19 11.15 -19.57
CA ALA A 239 -24.23 10.07 -19.37
C ALA A 239 -24.50 8.87 -20.27
N ALA A 240 -25.17 9.06 -21.41
CA ALA A 240 -25.32 8.00 -22.38
C ALA A 240 -24.02 7.70 -23.10
N THR A 241 -23.08 8.62 -23.07
CA THR A 241 -21.75 8.38 -23.61
C THR A 241 -20.97 7.50 -22.65
N ARG A 242 -19.82 7.01 -23.11
CA ARG A 242 -18.94 6.09 -22.38
C ARG A 242 -19.53 4.69 -22.26
N THR A 243 -20.74 4.48 -22.79
CA THR A 243 -21.38 3.17 -22.69
C THR A 243 -22.15 2.83 -23.97
N SER A 244 -22.68 1.61 -23.99
CA SER A 244 -23.72 1.29 -24.96
C SER A 244 -24.91 2.20 -24.73
N ARG A 245 -25.15 3.09 -25.70
CA ARG A 245 -25.79 4.37 -25.42
C ARG A 245 -27.21 4.23 -24.88
N GLY A 246 -27.66 5.29 -24.24
CA GLY A 246 -29.05 5.43 -23.83
C GLY A 246 -29.58 6.72 -24.43
N TRP A 247 -30.88 6.94 -24.27
CA TRP A 247 -31.49 8.09 -24.89
C TRP A 247 -32.53 8.70 -23.96
N HIS A 248 -32.52 10.03 -23.86
CA HIS A 248 -33.37 10.77 -22.94
C HIS A 248 -34.08 11.88 -23.70
N THR A 249 -34.74 12.76 -22.96
CA THR A 249 -35.52 13.82 -23.56
C THR A 249 -35.17 15.21 -23.04
N THR A 250 -34.72 15.36 -21.79
CA THR A 250 -34.45 16.69 -21.25
C THR A 250 -33.63 16.60 -19.97
N ASP A 251 -33.37 17.76 -19.39
CA ASP A 251 -32.64 17.87 -18.14
C ASP A 251 -33.25 18.93 -17.23
N LEU A 252 -34.57 18.91 -17.07
CA LEU A 252 -35.28 20.02 -16.45
C LEU A 252 -35.96 19.57 -15.16
N LYS A 253 -36.34 20.56 -14.34
CA LYS A 253 -37.24 20.40 -13.21
C LYS A 253 -38.24 21.54 -13.23
N TYR A 254 -39.51 21.24 -12.97
CA TYR A 254 -40.59 22.22 -13.06
C TYR A 254 -41.09 22.59 -11.67
N ASN A 255 -41.47 23.86 -11.51
CA ASN A 255 -42.06 24.38 -10.29
C ASN A 255 -43.54 24.66 -10.52
N PRO A 256 -44.43 24.05 -9.75
CA PRO A 256 -45.86 24.29 -9.97
C PRO A 256 -46.21 25.74 -9.75
N SER A 257 -47.21 26.20 -10.49
CA SER A 257 -47.61 27.60 -10.43
C SER A 257 -47.87 28.01 -8.99
N ARG A 258 -47.52 29.25 -8.66
CA ARG A 258 -47.42 29.62 -7.26
C ARG A 258 -48.81 29.78 -6.63
N VAL A 259 -49.09 28.93 -5.64
CA VAL A 259 -50.22 29.04 -4.72
C VAL A 259 -49.72 28.63 -3.35
N GLU A 260 -49.69 29.59 -2.42
CA GLU A 260 -49.00 29.42 -1.15
C GLU A 260 -49.90 28.81 -0.09
N ALA A 261 -49.31 28.59 1.08
CA ALA A 261 -49.99 28.00 2.24
C ALA A 261 -50.53 26.61 1.95
N PHE A 262 -49.82 25.86 1.11
CA PHE A 262 -50.16 24.49 0.79
C PHE A 262 -48.99 23.89 0.01
N HIS A 263 -48.74 22.60 0.20
CA HIS A 263 -47.68 21.91 -0.52
C HIS A 263 -48.14 21.73 -1.96
N ARG A 264 -47.44 22.35 -2.92
CA ARG A 264 -47.91 22.23 -4.29
C ARG A 264 -46.86 21.52 -5.13
N TYR A 265 -47.32 20.76 -6.12
CA TYR A 265 -46.53 19.73 -6.76
C TYR A 265 -46.41 20.05 -8.25
N GLY A 266 -45.19 20.08 -8.74
CA GLY A 266 -44.93 20.28 -10.15
C GLY A 266 -44.30 19.06 -10.80
N THR A 267 -44.74 18.70 -12.00
CA THR A 267 -44.43 17.39 -12.58
C THR A 267 -43.48 17.48 -13.76
N THR A 268 -42.75 16.39 -14.01
CA THR A 268 -41.91 16.25 -15.18
C THR A 268 -41.77 14.77 -15.53
N VAL A 269 -41.86 14.46 -16.82
CA VAL A 269 -41.80 13.10 -17.34
C VAL A 269 -40.71 13.03 -18.39
N ASN A 270 -39.90 11.98 -18.36
CA ASN A 270 -38.85 11.79 -19.36
C ASN A 270 -38.73 10.30 -19.68
N CYS A 271 -38.33 10.00 -20.92
CA CYS A 271 -38.23 8.62 -21.38
C CYS A 271 -36.79 8.16 -21.44
N ILE A 272 -36.57 6.87 -21.24
CA ILE A 272 -35.25 6.25 -21.29
C ILE A 272 -35.40 4.94 -22.05
N VAL A 273 -34.87 4.91 -23.26
CA VAL A 273 -34.84 3.72 -24.09
C VAL A 273 -33.42 3.57 -24.61
N GLU A 274 -32.79 2.46 -24.28
CA GLU A 274 -31.34 2.40 -24.23
C GLU A 274 -30.81 1.08 -24.76
N GLU A 275 -30.00 1.15 -25.82
CA GLU A 275 -29.32 -0.01 -26.36
C GLU A 275 -28.12 -0.36 -25.49
N VAL A 276 -28.03 -1.61 -25.08
CA VAL A 276 -26.97 -2.07 -24.20
C VAL A 276 -26.60 -3.51 -24.52
N ASP A 277 -25.42 -3.90 -24.05
CA ASP A 277 -24.90 -5.25 -24.19
C ASP A 277 -25.38 -6.09 -23.01
N ALA A 278 -25.32 -7.42 -23.16
CA ALA A 278 -25.96 -8.31 -22.19
C ALA A 278 -25.23 -9.65 -22.07
N ARG A 279 -25.08 -10.10 -20.83
CA ARG A 279 -24.33 -11.31 -20.48
C ARG A 279 -25.16 -12.18 -19.56
N SER A 280 -25.42 -13.41 -19.98
CA SER A 280 -25.90 -14.45 -19.09
C SER A 280 -24.81 -15.50 -18.99
N VAL A 281 -25.05 -16.53 -18.18
CA VAL A 281 -24.13 -17.65 -18.06
C VAL A 281 -24.94 -18.93 -17.89
N TYR A 282 -24.37 -20.03 -18.36
CA TYR A 282 -24.82 -21.33 -17.90
C TYR A 282 -24.82 -21.35 -16.37
N PRO A 283 -25.81 -21.99 -15.74
CA PRO A 283 -26.93 -22.78 -16.27
C PRO A 283 -28.09 -21.98 -16.86
N TYR A 284 -27.85 -20.73 -17.24
CA TYR A 284 -28.80 -19.97 -18.05
C TYR A 284 -30.17 -19.85 -17.40
N ASP A 285 -30.21 -19.29 -16.20
CA ASP A 285 -31.47 -19.04 -15.51
C ASP A 285 -31.44 -17.62 -14.98
N GLU A 286 -30.72 -16.76 -15.68
CA GLU A 286 -30.26 -15.49 -15.16
C GLU A 286 -29.76 -14.64 -16.32
N PHE A 287 -29.54 -13.37 -16.06
CA PHE A 287 -28.80 -12.52 -16.98
C PHE A 287 -28.53 -11.18 -16.31
N VAL A 288 -27.47 -10.52 -16.79
CA VAL A 288 -27.03 -9.25 -16.26
C VAL A 288 -27.70 -8.15 -17.09
N LEU A 289 -27.74 -6.94 -16.54
CA LEU A 289 -28.32 -5.80 -17.23
C LEU A 289 -27.34 -4.64 -17.17
N ALA A 290 -27.17 -3.99 -18.32
CA ALA A 290 -26.09 -3.02 -18.52
C ALA A 290 -26.55 -1.59 -18.18
N THR A 291 -27.18 -1.47 -17.01
CA THR A 291 -27.45 -0.18 -16.39
C THR A 291 -27.09 -0.26 -14.91
N GLY A 292 -27.04 -1.48 -14.39
CA GLY A 292 -26.82 -1.72 -12.98
C GLY A 292 -27.83 -2.70 -12.41
N ASP A 293 -28.59 -3.37 -13.27
CA ASP A 293 -29.66 -4.25 -12.85
C ASP A 293 -29.32 -5.70 -13.16
N PHE A 294 -30.02 -6.62 -12.52
CA PHE A 294 -29.94 -8.04 -12.83
C PHE A 294 -31.33 -8.66 -12.74
N VAL A 295 -31.60 -9.63 -13.61
CA VAL A 295 -32.85 -10.35 -13.62
C VAL A 295 -32.57 -11.85 -13.59
N TYR A 296 -33.31 -12.57 -12.75
CA TYR A 296 -33.02 -13.97 -12.43
C TYR A 296 -33.79 -14.94 -13.29
N MET A 297 -34.10 -14.56 -14.53
CA MET A 297 -34.88 -15.41 -15.41
C MET A 297 -33.96 -16.06 -16.43
N SER A 298 -34.41 -17.14 -17.04
CA SER A 298 -33.55 -17.82 -17.99
C SER A 298 -33.43 -16.98 -19.25
N PRO A 299 -32.21 -16.70 -19.71
CA PRO A 299 -32.05 -15.84 -20.90
C PRO A 299 -32.79 -16.36 -22.11
N PHE A 300 -32.74 -17.66 -22.36
CA PHE A 300 -33.44 -18.25 -23.49
C PHE A 300 -34.83 -18.68 -23.02
N TYR A 301 -35.81 -17.81 -23.23
CA TYR A 301 -37.14 -18.03 -22.68
C TYR A 301 -38.21 -17.60 -23.67
N GLY A 302 -37.82 -17.26 -24.89
CA GLY A 302 -38.80 -16.92 -25.91
C GLY A 302 -39.67 -18.11 -26.26
N TYR A 303 -40.89 -17.80 -26.71
CA TYR A 303 -41.87 -18.84 -27.01
C TYR A 303 -41.44 -19.79 -28.13
N ARG A 304 -40.24 -19.62 -28.68
CA ARG A 304 -39.86 -20.37 -29.87
C ARG A 304 -39.00 -21.58 -29.51
N GLU A 305 -39.13 -22.64 -30.31
CA GLU A 305 -38.35 -23.87 -30.26
C GLU A 305 -38.53 -24.65 -28.97
N GLY A 306 -39.44 -24.23 -28.08
CA GLY A 306 -39.51 -24.82 -26.76
C GLY A 306 -38.56 -24.20 -25.77
N SER A 307 -37.81 -23.17 -26.17
CA SER A 307 -36.95 -22.46 -25.23
C SER A 307 -37.75 -21.65 -24.23
N HIS A 308 -39.06 -21.48 -24.45
CA HIS A 308 -39.91 -20.94 -23.39
C HIS A 308 -40.19 -21.96 -22.30
N THR A 309 -40.07 -23.26 -22.61
CA THR A 309 -40.13 -24.28 -21.56
C THR A 309 -38.92 -24.19 -20.65
N GLU A 310 -37.87 -23.47 -21.07
CA GLU A 310 -36.72 -23.24 -20.24
C GLU A 310 -37.14 -22.41 -19.01
N HIS A 311 -36.22 -22.33 -18.04
CA HIS A 311 -36.52 -21.73 -16.75
C HIS A 311 -37.16 -20.36 -16.88
N THR A 312 -37.98 -20.03 -15.89
CA THR A 312 -38.38 -18.66 -15.64
C THR A 312 -38.41 -18.44 -14.15
N SER A 313 -38.32 -17.17 -13.77
CA SER A 313 -38.57 -16.81 -12.38
C SER A 313 -39.68 -15.76 -12.29
N TYR A 314 -40.48 -15.60 -13.34
CA TYR A 314 -41.54 -14.62 -13.39
C TYR A 314 -42.71 -15.16 -14.21
N ALA A 315 -43.77 -14.37 -14.28
CA ALA A 315 -44.98 -14.73 -15.00
C ALA A 315 -44.91 -14.24 -16.44
N ALA A 316 -45.88 -14.68 -17.23
CA ALA A 316 -45.94 -14.34 -18.66
C ALA A 316 -46.77 -13.08 -18.92
N ASP A 317 -46.91 -12.21 -17.93
CA ASP A 317 -47.68 -10.98 -18.07
C ASP A 317 -46.79 -9.78 -18.40
N ARG A 318 -45.48 -9.99 -18.53
CA ARG A 318 -44.54 -8.93 -18.86
C ARG A 318 -43.60 -9.32 -19.98
N PHE A 319 -43.49 -10.59 -20.32
CA PHE A 319 -42.71 -11.07 -21.45
C PHE A 319 -43.57 -11.04 -22.71
N LYS A 320 -43.18 -10.20 -23.65
CA LYS A 320 -43.90 -10.04 -24.90
C LYS A 320 -42.90 -10.21 -26.03
N GLN A 321 -42.92 -11.39 -26.65
CA GLN A 321 -41.98 -11.74 -27.70
C GLN A 321 -42.52 -11.30 -29.04
N VAL A 322 -41.94 -10.25 -29.61
CA VAL A 322 -42.24 -9.84 -30.96
C VAL A 322 -41.17 -10.45 -31.84
N ASP A 323 -41.47 -11.60 -32.43
CA ASP A 323 -40.78 -12.07 -33.60
C ASP A 323 -41.26 -11.21 -34.76
N GLY A 324 -40.49 -11.16 -35.83
CA GLY A 324 -40.76 -10.19 -36.86
C GLY A 324 -40.57 -8.77 -36.41
N PHE A 325 -40.13 -8.55 -35.17
CA PHE A 325 -39.83 -7.21 -34.71
C PHE A 325 -38.79 -6.60 -35.63
N TYR A 326 -38.77 -5.29 -35.70
CA TYR A 326 -37.73 -4.62 -36.48
C TYR A 326 -36.83 -3.87 -35.52
N ALA A 327 -35.57 -4.30 -35.48
CA ALA A 327 -34.58 -3.67 -34.61
C ALA A 327 -34.48 -2.20 -35.00
N ARG A 328 -34.93 -1.32 -34.11
CA ARG A 328 -34.89 0.11 -34.35
C ARG A 328 -33.62 0.66 -33.74
N ASP A 329 -32.68 1.07 -34.59
CA ASP A 329 -31.45 1.65 -34.08
C ASP A 329 -31.77 2.97 -33.40
N LEU A 330 -31.51 3.03 -32.09
CA LEU A 330 -31.85 4.19 -31.28
C LEU A 330 -30.91 5.36 -31.53
N THR A 331 -29.79 5.11 -32.21
CA THR A 331 -28.97 6.19 -32.75
C THR A 331 -29.66 6.76 -33.97
N THR A 332 -30.48 5.94 -34.65
CA THR A 332 -31.33 6.40 -35.73
C THR A 332 -32.75 6.68 -35.26
N LYS A 333 -33.20 6.04 -34.18
CA LYS A 333 -34.63 5.93 -33.88
C LYS A 333 -35.38 5.48 -35.12
N ALA A 334 -34.77 4.54 -35.84
CA ALA A 334 -35.29 4.02 -37.09
C ALA A 334 -34.98 2.54 -37.13
N ARG A 335 -35.88 1.78 -37.73
CA ARG A 335 -35.73 0.32 -37.78
C ARG A 335 -34.47 -0.07 -38.54
N ALA A 336 -34.14 -1.36 -38.48
CA ALA A 336 -32.90 -1.86 -39.09
C ALA A 336 -33.20 -3.19 -39.77
N THR A 337 -32.12 -3.94 -39.99
CA THR A 337 -32.09 -5.14 -40.83
C THR A 337 -33.11 -6.19 -40.45
N ALA A 338 -33.17 -7.27 -41.25
CA ALA A 338 -34.19 -8.31 -41.29
C ALA A 338 -34.69 -8.64 -39.88
N PRO A 339 -35.99 -8.85 -39.74
CA PRO A 339 -36.64 -8.75 -38.42
C PRO A 339 -35.95 -9.56 -37.34
N THR A 340 -35.74 -8.89 -36.21
CA THR A 340 -35.25 -9.51 -34.99
C THR A 340 -36.41 -10.02 -34.15
N THR A 341 -36.14 -11.09 -33.41
CA THR A 341 -37.06 -11.61 -32.41
C THR A 341 -36.77 -10.90 -31.09
N ARG A 342 -37.34 -9.73 -30.92
CA ARG A 342 -37.08 -9.02 -29.69
C ARG A 342 -38.10 -9.41 -28.62
N ASN A 343 -37.59 -9.88 -27.51
CA ASN A 343 -38.41 -10.23 -26.36
C ASN A 343 -38.44 -9.01 -25.46
N LEU A 344 -39.62 -8.66 -24.96
CA LEU A 344 -39.81 -7.48 -24.14
C LEU A 344 -40.30 -7.91 -22.77
N LEU A 345 -39.38 -7.97 -21.82
CA LEU A 345 -39.70 -8.25 -20.42
C LEU A 345 -40.01 -6.94 -19.74
N THR A 346 -41.28 -6.67 -19.53
CA THR A 346 -41.70 -5.44 -18.87
C THR A 346 -41.47 -5.60 -17.38
N THR A 347 -40.25 -5.30 -16.94
CA THR A 347 -39.87 -5.39 -15.54
C THR A 347 -40.66 -4.38 -14.72
N PRO A 348 -40.67 -4.52 -13.38
CA PRO A 348 -41.45 -3.58 -12.55
C PRO A 348 -40.90 -2.17 -12.63
N LYS A 349 -39.78 -2.02 -13.30
CA LYS A 349 -39.14 -0.72 -13.46
C LYS A 349 -38.90 -0.33 -14.91
N PHE A 350 -38.86 -1.28 -15.83
CA PHE A 350 -38.59 -1.01 -17.23
C PHE A 350 -39.08 -2.18 -18.06
N THR A 351 -38.67 -2.20 -19.32
CA THR A 351 -38.87 -3.33 -20.21
C THR A 351 -37.55 -3.58 -20.91
N VAL A 352 -37.27 -4.84 -21.17
CA VAL A 352 -36.04 -5.25 -21.83
C VAL A 352 -36.42 -5.95 -23.12
N ALA A 353 -35.94 -5.44 -24.24
CA ALA A 353 -36.17 -6.14 -25.51
C ALA A 353 -34.85 -6.62 -26.05
N TRP A 354 -34.81 -7.89 -26.42
CA TRP A 354 -33.54 -8.50 -26.79
C TRP A 354 -33.74 -9.55 -27.86
N ASP A 355 -32.73 -9.69 -28.70
CA ASP A 355 -32.64 -10.78 -29.65
C ASP A 355 -32.77 -12.10 -28.92
N TRP A 356 -33.73 -12.91 -29.33
CA TRP A 356 -33.89 -14.25 -28.79
C TRP A 356 -33.09 -15.25 -29.61
N VAL A 357 -32.52 -16.24 -28.95
CA VAL A 357 -31.74 -17.28 -29.62
C VAL A 357 -32.01 -18.62 -28.91
N PRO A 358 -31.80 -19.76 -29.55
CA PRO A 358 -31.92 -21.05 -28.85
C PRO A 358 -31.04 -21.13 -27.62
N LYS A 359 -31.39 -22.09 -26.75
CA LYS A 359 -30.79 -22.24 -25.43
C LYS A 359 -29.27 -22.21 -25.45
N ARG A 360 -28.65 -22.68 -26.52
CA ARG A 360 -27.20 -22.69 -26.63
C ARG A 360 -26.54 -23.36 -25.44
N PRO A 361 -26.62 -24.69 -25.31
CA PRO A 361 -25.90 -25.38 -24.23
C PRO A 361 -24.39 -25.40 -24.44
N SER A 362 -23.64 -26.05 -23.54
CA SER A 362 -22.18 -26.03 -23.60
C SER A 362 -21.62 -27.45 -23.45
N VAL A 363 -20.97 -27.94 -24.52
CA VAL A 363 -20.33 -29.25 -24.57
C VAL A 363 -19.18 -29.16 -25.57
N CYS A 364 -17.99 -29.67 -25.21
CA CYS A 364 -17.70 -30.36 -23.95
C CYS A 364 -17.32 -29.32 -22.89
N THR A 365 -18.12 -29.25 -21.83
CA THR A 365 -18.11 -28.09 -20.94
C THR A 365 -16.88 -28.07 -20.03
N MET A 366 -16.31 -29.24 -19.76
CA MET A 366 -15.22 -29.33 -18.82
C MET A 366 -14.00 -28.57 -19.33
N THR A 367 -13.62 -27.53 -18.60
CA THR A 367 -12.56 -26.61 -19.02
C THR A 367 -11.51 -26.54 -17.93
N LYS A 368 -10.26 -26.77 -18.32
CA LYS A 368 -9.18 -26.93 -17.35
C LYS A 368 -8.84 -25.62 -16.67
N TRP A 369 -8.94 -25.60 -15.34
CA TRP A 369 -8.27 -24.55 -14.58
C TRP A 369 -6.84 -24.37 -15.03
N GLN A 370 -6.00 -25.37 -14.81
CA GLN A 370 -4.56 -25.24 -15.00
C GLN A 370 -3.91 -26.58 -15.22
N GLU A 371 -2.79 -26.57 -15.94
CA GLU A 371 -1.83 -27.67 -15.91
C GLU A 371 -0.70 -27.30 -14.95
N VAL A 372 -0.41 -28.20 -14.01
CA VAL A 372 0.66 -27.98 -13.04
C VAL A 372 1.45 -29.27 -12.91
N ASP A 373 2.73 -29.24 -13.24
CA ASP A 373 3.58 -30.42 -13.12
C ASP A 373 4.00 -30.60 -11.67
N GLU A 374 4.28 -29.50 -11.00
CA GLU A 374 4.62 -29.52 -9.58
C GLU A 374 3.35 -29.78 -8.81
N MET A 375 2.79 -30.98 -8.97
CA MET A 375 1.61 -31.40 -8.26
C MET A 375 2.00 -32.47 -7.25
N LEU A 376 2.01 -32.10 -5.97
CA LEU A 376 2.50 -32.98 -4.93
C LEU A 376 1.34 -33.55 -4.13
N ARG A 377 1.38 -34.86 -3.91
CA ARG A 377 0.38 -35.58 -3.13
C ARG A 377 0.84 -35.70 -1.69
N SER A 378 -0.03 -35.31 -0.76
CA SER A 378 0.09 -35.64 0.65
C SER A 378 -1.13 -36.47 1.04
N GLU A 379 -0.93 -37.77 1.26
CA GLU A 379 -2.00 -38.59 1.80
C GLU A 379 -2.07 -38.31 3.30
N TYR A 380 -2.88 -37.32 3.67
CA TYR A 380 -2.82 -36.84 5.03
C TYR A 380 -4.17 -36.27 5.43
N GLY A 381 -4.45 -36.33 6.72
CA GLY A 381 -5.73 -35.93 7.25
C GLY A 381 -6.91 -36.60 6.58
N GLY A 382 -6.81 -37.90 6.31
CA GLY A 382 -7.86 -38.60 5.59
C GLY A 382 -8.16 -37.99 4.24
N SER A 383 -7.15 -37.41 3.58
CA SER A 383 -7.41 -36.58 2.42
C SER A 383 -6.21 -36.60 1.48
N PHE A 384 -6.49 -36.49 0.19
CA PHE A 384 -5.44 -36.22 -0.77
C PHE A 384 -5.22 -34.71 -0.86
N ARG A 385 -4.03 -34.30 -0.44
CA ARG A 385 -3.67 -32.90 -0.34
C ARG A 385 -2.78 -32.59 -1.53
N PHE A 386 -3.36 -31.96 -2.54
CA PHE A 386 -2.68 -31.66 -3.78
C PHE A 386 -2.10 -30.26 -3.67
N SER A 387 -0.78 -30.16 -3.70
CA SER A 387 -0.10 -28.88 -3.63
C SER A 387 0.43 -28.51 -5.01
N SER A 388 0.03 -27.34 -5.49
CA SER A 388 0.53 -26.74 -6.72
C SER A 388 1.33 -25.51 -6.33
N ASP A 389 2.60 -25.50 -6.67
CA ASP A 389 3.37 -24.29 -6.53
C ASP A 389 3.23 -23.38 -7.75
N ALA A 390 2.68 -23.89 -8.84
CA ALA A 390 2.39 -23.05 -9.99
C ALA A 390 1.31 -22.02 -9.70
N ILE A 391 0.25 -22.44 -8.99
CA ILE A 391 -0.74 -21.51 -8.46
C ILE A 391 -0.78 -21.53 -6.94
N SER A 392 0.01 -22.40 -6.31
CA SER A 392 0.19 -22.43 -4.85
C SER A 392 -1.14 -22.65 -4.13
N THR A 393 -1.70 -23.82 -4.37
CA THR A 393 -2.94 -24.22 -3.70
C THR A 393 -2.87 -25.70 -3.37
N THR A 394 -3.30 -26.04 -2.15
CA THR A 394 -3.49 -27.44 -1.78
C THR A 394 -4.98 -27.71 -1.76
N PHE A 395 -5.48 -28.30 -2.82
CA PHE A 395 -6.80 -28.89 -2.74
C PHE A 395 -6.74 -30.13 -1.87
N THR A 396 -7.48 -30.08 -0.77
CA THR A 396 -7.54 -31.17 0.17
C THR A 396 -8.84 -31.90 -0.09
N THR A 397 -8.78 -32.91 -0.95
CA THR A 397 -9.98 -33.53 -1.47
C THR A 397 -10.07 -34.98 -1.00
N ASN A 398 -11.15 -35.63 -1.41
CA ASN A 398 -11.40 -37.02 -1.05
C ASN A 398 -10.37 -37.92 -1.72
N LEU A 399 -10.20 -39.11 -1.14
CA LEU A 399 -9.28 -40.12 -1.63
C LEU A 399 -9.69 -40.70 -2.98
N THR A 400 -10.98 -40.98 -3.16
CA THR A 400 -11.44 -41.70 -4.34
C THR A 400 -11.23 -40.90 -5.60
N GLU A 401 -11.52 -41.53 -6.73
CA GLU A 401 -11.32 -40.94 -8.04
C GLU A 401 -12.64 -40.40 -8.58
N TYR A 402 -12.53 -39.57 -9.62
CA TYR A 402 -13.68 -38.93 -10.21
C TYR A 402 -13.94 -39.51 -11.60
N PRO A 403 -15.11 -40.05 -11.86
CA PRO A 403 -15.32 -40.79 -13.10
C PRO A 403 -15.74 -39.92 -14.26
N LEU A 404 -15.58 -40.43 -15.48
CA LEU A 404 -16.17 -39.81 -16.65
C LEU A 404 -17.68 -39.69 -16.53
N SER A 405 -18.31 -40.49 -15.67
CA SER A 405 -19.76 -40.49 -15.58
C SER A 405 -20.28 -39.26 -14.85
N ARG A 406 -19.55 -38.77 -13.85
CA ARG A 406 -20.01 -37.57 -13.16
C ARG A 406 -19.71 -36.29 -13.93
N VAL A 407 -19.18 -36.41 -15.14
CA VAL A 407 -18.95 -35.28 -16.03
C VAL A 407 -19.53 -35.62 -17.40
N ASP A 408 -19.61 -34.61 -18.26
CA ASP A 408 -20.08 -34.81 -19.63
C ASP A 408 -18.90 -35.22 -20.52
N LEU A 409 -18.98 -36.42 -21.09
CA LEU A 409 -18.00 -36.93 -22.05
C LEU A 409 -16.60 -36.88 -21.45
N GLY A 410 -16.36 -37.70 -20.43
CA GLY A 410 -15.04 -37.79 -19.82
C GLY A 410 -13.93 -38.09 -20.80
N ASP A 411 -14.28 -38.54 -22.00
CA ASP A 411 -13.26 -38.83 -23.01
C ASP A 411 -12.66 -37.56 -23.59
N CYS A 412 -13.47 -36.50 -23.75
CA CYS A 412 -12.94 -35.24 -24.24
C CYS A 412 -11.87 -34.72 -23.29
N ILE A 413 -12.12 -34.80 -21.98
CA ILE A 413 -11.14 -34.35 -21.00
C ILE A 413 -9.95 -35.30 -20.98
N GLY A 414 -10.19 -36.57 -21.27
CA GLY A 414 -9.07 -37.49 -21.40
C GLY A 414 -8.10 -37.05 -22.48
N LYS A 415 -8.63 -36.72 -23.65
CA LYS A 415 -7.82 -36.12 -24.70
C LYS A 415 -7.12 -34.87 -24.19
N ASP A 416 -7.90 -33.94 -23.63
CA ASP A 416 -7.35 -32.68 -23.14
C ASP A 416 -6.14 -32.91 -22.25
N ALA A 417 -6.29 -33.78 -21.26
CA ALA A 417 -5.27 -33.95 -20.24
C ALA A 417 -4.08 -34.74 -20.78
N ARG A 418 -4.34 -35.71 -21.66
CA ARG A 418 -3.24 -36.43 -22.28
C ARG A 418 -2.35 -35.47 -23.06
N ASP A 419 -2.96 -34.60 -23.86
CA ASP A 419 -2.19 -33.63 -24.62
C ASP A 419 -1.50 -32.63 -23.70
N ALA A 420 -2.20 -32.20 -22.65
CA ALA A 420 -1.61 -31.30 -21.66
C ALA A 420 -0.34 -31.89 -21.08
N MET A 421 -0.44 -33.08 -20.50
CA MET A 421 0.70 -33.71 -19.86
C MET A 421 1.82 -33.98 -20.86
N ASP A 422 1.46 -34.31 -22.11
CA ASP A 422 2.50 -34.43 -23.14
C ASP A 422 3.25 -33.13 -23.30
N ARG A 423 2.52 -32.02 -23.45
CA ARG A 423 3.17 -30.72 -23.56
C ARG A 423 4.08 -30.47 -22.36
N ILE A 424 3.64 -30.87 -21.18
CA ILE A 424 4.45 -30.64 -19.98
C ILE A 424 5.75 -31.44 -20.06
N PHE A 425 5.62 -32.76 -20.14
CA PHE A 425 6.79 -33.63 -20.10
C PHE A 425 7.73 -33.35 -21.25
N ALA A 426 7.25 -33.53 -22.48
CA ALA A 426 8.12 -33.44 -23.64
C ALA A 426 8.91 -32.14 -23.63
N ARG A 427 8.29 -31.05 -23.20
CA ARG A 427 9.02 -29.80 -23.13
C ARG A 427 10.02 -29.79 -21.98
N ARG A 428 9.66 -30.31 -20.82
CA ARG A 428 10.65 -30.08 -19.79
C ARG A 428 11.33 -31.34 -19.32
N TYR A 429 10.76 -32.52 -19.60
CA TYR A 429 11.19 -33.71 -18.90
C TYR A 429 11.55 -34.88 -19.80
N ASN A 430 11.94 -34.60 -21.06
CA ASN A 430 12.31 -35.68 -21.99
C ASN A 430 13.14 -36.76 -21.32
N ALA A 431 14.07 -36.36 -20.46
CA ALA A 431 14.87 -37.28 -19.68
C ALA A 431 15.01 -36.79 -18.24
N THR A 432 13.89 -36.43 -17.62
CA THR A 432 13.93 -35.85 -16.28
C THR A 432 13.18 -36.68 -15.24
N HIS A 433 12.08 -37.30 -15.64
CA HIS A 433 11.24 -38.06 -14.73
C HIS A 433 10.69 -39.30 -15.41
N ILE A 434 9.97 -40.09 -14.64
CA ILE A 434 9.32 -41.31 -15.13
C ILE A 434 7.84 -41.21 -14.82
N LYS A 435 7.01 -41.52 -15.81
CA LYS A 435 5.57 -41.53 -15.62
C LYS A 435 5.18 -42.59 -14.60
N VAL A 436 4.28 -42.22 -13.69
CA VAL A 436 3.84 -43.09 -12.62
C VAL A 436 2.33 -43.27 -12.76
N GLY A 437 1.91 -44.50 -13.04
CA GLY A 437 0.49 -44.81 -13.10
C GLY A 437 -0.25 -43.95 -14.11
N GLN A 438 -1.53 -43.79 -13.86
CA GLN A 438 -2.40 -43.06 -14.75
C GLN A 438 -2.69 -41.67 -14.20
N PRO A 439 -3.30 -40.80 -14.99
CA PRO A 439 -3.92 -39.61 -14.42
C PRO A 439 -5.07 -40.02 -13.52
N GLN A 440 -5.28 -39.24 -12.46
CA GLN A 440 -6.13 -39.62 -11.33
C GLN A 440 -6.95 -38.43 -10.90
N TYR A 441 -8.25 -38.65 -10.72
CA TYR A 441 -9.25 -37.61 -10.80
C TYR A 441 -9.86 -37.39 -9.43
N TYR A 442 -9.87 -36.15 -8.98
CA TYR A 442 -10.26 -35.82 -7.63
C TYR A 442 -11.11 -34.55 -7.60
N LEU A 443 -12.17 -34.60 -6.82
CA LEU A 443 -13.18 -33.54 -6.76
C LEU A 443 -12.96 -32.70 -5.52
N ALA A 444 -12.57 -31.45 -5.71
CA ALA A 444 -12.72 -30.46 -4.67
C ALA A 444 -14.10 -29.83 -4.78
N ASN A 445 -14.80 -29.76 -3.64
CA ASN A 445 -16.16 -29.23 -3.64
C ASN A 445 -16.20 -27.88 -4.33
N GLY A 446 -17.26 -27.66 -5.10
CA GLY A 446 -17.27 -26.59 -6.07
C GLY A 446 -16.82 -27.04 -7.44
N GLY A 447 -16.63 -28.35 -7.63
CA GLY A 447 -16.40 -28.90 -8.96
C GLY A 447 -15.01 -28.77 -9.50
N PHE A 448 -13.98 -28.75 -8.65
CA PHE A 448 -12.59 -28.66 -9.10
C PHE A 448 -12.09 -30.06 -9.41
N LEU A 449 -11.79 -30.32 -10.69
CA LEU A 449 -11.39 -31.64 -11.13
C LEU A 449 -9.88 -31.75 -11.26
N ILE A 450 -9.32 -32.79 -10.65
CA ILE A 450 -7.88 -33.00 -10.63
C ILE A 450 -7.62 -34.27 -11.43
N ALA A 451 -6.97 -34.13 -12.59
CA ALA A 451 -6.48 -35.31 -13.30
C ALA A 451 -4.96 -35.38 -13.18
N TYR A 452 -4.47 -36.43 -12.55
CA TYR A 452 -3.12 -36.40 -12.00
C TYR A 452 -2.33 -37.62 -12.44
N GLN A 453 -1.41 -37.38 -13.34
CA GLN A 453 -0.41 -38.36 -13.74
C GLN A 453 0.78 -38.19 -12.82
N PRO A 454 0.95 -39.06 -11.84
CA PRO A 454 2.09 -38.96 -10.94
C PRO A 454 3.39 -39.17 -11.68
N LEU A 455 4.46 -38.63 -11.10
CA LEU A 455 5.78 -38.70 -11.71
C LEU A 455 6.80 -39.08 -10.65
N LEU A 456 7.93 -39.60 -11.09
CA LEU A 456 8.99 -39.94 -10.15
C LEU A 456 10.32 -39.40 -10.66
N SER A 457 11.11 -38.84 -9.75
CA SER A 457 12.45 -38.38 -10.09
C SER A 457 13.38 -39.55 -10.35
N ASN A 458 14.37 -39.29 -11.21
CA ASN A 458 15.28 -40.36 -11.63
C ASN A 458 16.21 -40.80 -10.51
N THR A 459 16.11 -40.19 -9.34
CA THR A 459 16.83 -40.69 -8.18
C THR A 459 16.46 -42.14 -7.93
N LEU A 460 17.47 -42.97 -7.68
CA LEU A 460 17.25 -44.40 -7.46
C LEU A 460 16.53 -45.03 -8.64
N ALA A 461 17.19 -45.04 -9.80
CA ALA A 461 16.57 -45.53 -11.03
C ALA A 461 16.26 -47.02 -11.01
N GLU A 462 16.41 -47.68 -9.86
CA GLU A 462 16.26 -49.13 -9.81
C GLU A 462 14.85 -49.56 -9.42
N LEU A 463 13.93 -48.60 -9.26
CA LEU A 463 12.65 -48.86 -8.62
C LEU A 463 11.45 -48.58 -9.52
N TYR A 464 11.53 -48.86 -10.83
CA TYR A 464 10.43 -48.50 -11.71
C TYR A 464 9.19 -49.36 -11.45
N VAL A 465 9.28 -50.67 -11.73
CA VAL A 465 8.09 -51.52 -11.58
C VAL A 465 7.68 -51.60 -10.11
N ARG A 466 8.62 -51.28 -9.21
CA ARG A 466 8.37 -51.55 -7.80
C ARG A 466 7.78 -50.34 -7.08
N GLU A 467 8.46 -49.19 -7.12
CA GLU A 467 7.81 -47.98 -6.63
C GLU A 467 6.55 -47.70 -7.42
N HIS A 468 6.53 -48.12 -8.68
CA HIS A 468 5.30 -48.21 -9.44
C HIS A 468 4.16 -48.72 -8.56
N LEU A 469 4.32 -49.94 -8.04
CA LEU A 469 3.26 -50.54 -7.22
C LEU A 469 3.14 -49.83 -5.87
N ARG A 470 4.27 -49.59 -5.20
CA ARG A 470 4.22 -49.10 -3.83
C ARG A 470 3.50 -47.77 -3.74
N GLU A 471 3.65 -46.92 -4.75
CA GLU A 471 3.00 -45.62 -4.67
C GLU A 471 1.71 -45.56 -5.50
N GLN A 472 1.46 -46.55 -6.37
CA GLN A 472 0.11 -46.65 -6.91
C GLN A 472 -0.83 -47.27 -5.89
N SER A 473 -0.30 -47.67 -4.73
CA SER A 473 -1.10 -48.22 -3.66
C SER A 473 -2.13 -47.24 -3.09
N ARG A 474 -2.33 -46.06 -3.69
CA ARG A 474 -3.27 -45.09 -3.13
C ARG A 474 -4.32 -44.59 -4.11
N LYS A 475 -4.47 -45.20 -5.30
CA LYS A 475 -5.38 -44.63 -6.30
C LYS A 475 -6.77 -44.28 -5.78
N PRO A 476 -7.52 -45.18 -5.13
CA PRO A 476 -8.85 -44.76 -4.67
C PRO A 476 -8.77 -43.89 -3.42
N SER A 491 22.29 -69.92 8.58
CA SER A 491 21.76 -71.29 8.46
C SER A 491 21.91 -71.80 7.02
N VAL A 492 21.15 -72.83 6.70
CA VAL A 492 21.11 -73.41 5.35
C VAL A 492 20.04 -72.67 4.57
N GLU A 493 20.35 -72.32 3.32
CA GLU A 493 19.43 -71.53 2.52
C GLU A 493 19.78 -71.69 1.05
N ARG A 494 18.75 -71.57 0.22
CA ARG A 494 18.89 -71.54 -1.23
C ARG A 494 18.32 -70.21 -1.69
N ILE A 495 19.20 -69.33 -2.18
CA ILE A 495 18.86 -67.91 -2.35
C ILE A 495 17.64 -67.79 -3.24
N LYS A 496 16.54 -67.30 -2.67
CA LYS A 496 15.34 -67.02 -3.44
C LYS A 496 14.95 -65.56 -3.36
N THR A 497 15.91 -64.67 -3.13
CA THR A 497 15.66 -63.25 -3.19
C THR A 497 15.15 -62.87 -4.57
N THR A 498 14.47 -61.72 -4.65
CA THR A 498 14.04 -61.21 -5.94
C THR A 498 15.24 -61.00 -6.84
N SER A 499 15.02 -61.10 -8.16
CA SER A 499 16.10 -61.29 -9.13
C SER A 499 17.22 -60.25 -8.97
N SER A 500 16.97 -59.18 -8.23
CA SER A 500 18.01 -58.33 -7.65
C SER A 500 17.43 -57.83 -6.35
N ILE A 501 17.74 -58.50 -5.24
CA ILE A 501 17.22 -58.10 -3.94
C ILE A 501 17.41 -56.62 -3.68
N GLU A 502 18.34 -55.99 -4.40
CA GLU A 502 18.38 -54.52 -4.47
C GLU A 502 17.09 -53.96 -5.02
N PHE A 503 16.21 -54.81 -5.56
CA PHE A 503 14.82 -54.38 -5.63
C PHE A 503 14.31 -54.05 -4.25
N ALA A 504 14.31 -55.04 -3.35
CA ALA A 504 13.87 -54.80 -1.98
C ALA A 504 14.84 -53.88 -1.24
N ARG A 505 16.14 -54.05 -1.46
CA ARG A 505 17.11 -53.17 -0.80
C ARG A 505 16.88 -51.72 -1.19
N LEU A 506 16.78 -51.46 -2.49
CA LEU A 506 16.60 -50.09 -2.94
C LEU A 506 15.16 -49.61 -2.68
N GLN A 507 14.26 -50.54 -2.35
CA GLN A 507 12.97 -50.12 -1.78
C GLN A 507 13.12 -49.57 -0.38
N PHE A 508 13.92 -50.24 0.45
CA PHE A 508 14.19 -49.72 1.77
C PHE A 508 14.90 -48.37 1.68
N THR A 509 15.84 -48.25 0.73
CA THR A 509 16.47 -46.96 0.47
C THR A 509 15.44 -45.95 -0.05
N TYR A 510 14.43 -46.43 -0.79
CA TYR A 510 13.35 -45.55 -1.22
C TYR A 510 12.60 -44.99 -0.03
N ASN A 511 12.28 -45.83 0.95
CA ASN A 511 11.62 -45.34 2.15
C ASN A 511 12.49 -44.34 2.89
N HIS A 512 13.77 -44.70 3.07
CA HIS A 512 14.73 -43.75 3.61
C HIS A 512 14.61 -42.40 2.91
N ILE A 513 14.82 -42.38 1.59
CA ILE A 513 14.79 -41.13 0.83
C ILE A 513 13.45 -40.43 0.99
N GLN A 514 12.37 -41.21 0.95
CA GLN A 514 11.03 -40.70 1.22
C GLN A 514 11.05 -39.78 2.41
N ARG A 515 11.76 -40.19 3.45
CA ARG A 515 11.83 -39.30 4.61
C ARG A 515 12.37 -37.91 4.26
N PRO A 516 13.65 -37.73 3.89
CA PRO A 516 14.11 -36.35 3.67
C PRO A 516 13.50 -35.71 2.44
N VAL A 517 13.21 -36.46 1.39
CA VAL A 517 12.68 -35.82 0.20
C VAL A 517 11.33 -35.20 0.51
N ASN A 518 10.46 -35.92 1.20
CA ASN A 518 9.15 -35.39 1.51
C ASN A 518 9.23 -34.32 2.59
N ASP A 519 10.21 -34.43 3.49
CA ASP A 519 10.44 -33.37 4.44
C ASP A 519 10.78 -32.06 3.73
N MET A 520 11.74 -32.12 2.81
CA MET A 520 12.08 -30.99 1.97
C MET A 520 10.86 -30.46 1.24
N LEU A 521 10.06 -31.37 0.69
CA LEU A 521 8.85 -30.96 0.00
C LEU A 521 7.93 -30.16 0.91
N GLY A 522 7.70 -30.66 2.12
CA GLY A 522 6.88 -29.92 3.06
C GLY A 522 7.44 -28.55 3.37
N ARG A 523 8.76 -28.49 3.59
CA ARG A 523 9.39 -27.21 3.91
C ARG A 523 9.22 -26.21 2.77
N VAL A 524 9.58 -26.62 1.55
CA VAL A 524 9.50 -25.70 0.41
C VAL A 524 8.05 -25.37 0.11
N ALA A 525 7.13 -26.28 0.42
CA ALA A 525 5.72 -26.04 0.16
C ALA A 525 5.19 -24.99 1.12
N ILE A 526 5.62 -25.05 2.39
CA ILE A 526 5.19 -24.02 3.34
C ILE A 526 5.86 -22.70 3.02
N ALA A 527 7.08 -22.76 2.47
CA ALA A 527 7.68 -21.56 1.92
C ALA A 527 6.76 -20.94 0.86
N TRP A 528 6.29 -21.75 -0.08
CA TRP A 528 5.37 -21.27 -1.11
C TRP A 528 4.11 -20.69 -0.48
N CYS A 529 3.56 -21.40 0.51
CA CYS A 529 2.39 -20.94 1.23
C CYS A 529 2.57 -19.53 1.77
N GLU A 530 3.63 -19.32 2.55
CA GLU A 530 3.82 -18.01 3.13
C GLU A 530 4.07 -16.97 2.05
N LEU A 531 4.79 -17.34 0.99
CA LEU A 531 5.01 -16.36 -0.09
C LEU A 531 3.69 -15.89 -0.68
N GLN A 532 2.80 -16.82 -1.02
CA GLN A 532 1.57 -16.44 -1.68
C GLN A 532 0.60 -15.75 -0.73
N ASN A 533 0.51 -16.26 0.50
CA ASN A 533 -0.35 -15.61 1.49
C ASN A 533 0.12 -14.19 1.76
N HIS A 534 1.44 -13.98 1.75
CA HIS A 534 1.99 -12.64 1.85
C HIS A 534 1.37 -11.74 0.79
N GLU A 535 1.56 -12.08 -0.47
CA GLU A 535 1.20 -11.21 -1.57
C GLU A 535 -0.30 -11.06 -1.74
N LEU A 536 -1.09 -12.00 -1.20
CA LEU A 536 -2.53 -11.88 -1.33
C LEU A 536 -3.04 -10.54 -0.80
N THR A 537 -2.70 -10.23 0.45
CA THR A 537 -3.14 -8.95 1.00
C THR A 537 -2.49 -7.79 0.27
N LEU A 538 -1.25 -7.95 -0.18
CA LEU A 538 -0.63 -6.95 -1.02
C LEU A 538 -1.55 -6.58 -2.18
N TRP A 539 -2.11 -7.58 -2.83
CA TRP A 539 -2.98 -7.31 -3.96
C TRP A 539 -4.32 -6.78 -3.51
N ASN A 540 -4.74 -7.14 -2.30
CA ASN A 540 -5.91 -6.48 -1.72
C ASN A 540 -5.70 -4.97 -1.66
N GLU A 541 -4.56 -4.55 -1.09
CA GLU A 541 -4.30 -3.12 -1.06
C GLU A 541 -4.07 -2.56 -2.45
N ALA A 542 -3.60 -3.40 -3.37
CA ALA A 542 -3.38 -2.96 -4.75
C ALA A 542 -4.69 -2.55 -5.40
N ARG A 543 -5.70 -3.42 -5.32
CA ARG A 543 -7.00 -3.04 -5.85
C ARG A 543 -7.62 -1.92 -5.04
N LYS A 544 -7.25 -1.78 -3.76
CA LYS A 544 -7.59 -0.54 -3.07
C LYS A 544 -7.00 0.67 -3.79
N LEU A 545 -5.80 0.54 -4.33
CA LEU A 545 -5.19 1.66 -5.02
C LEU A 545 -5.83 1.90 -6.39
N ASN A 546 -5.68 0.95 -7.30
CA ASN A 546 -6.13 1.15 -8.66
C ASN A 546 -6.60 -0.18 -9.21
N PRO A 547 -7.83 -0.58 -8.91
CA PRO A 547 -8.35 -1.84 -9.44
C PRO A 547 -8.41 -1.86 -10.95
N ASN A 548 -8.50 -0.69 -11.60
CA ASN A 548 -8.38 -0.65 -13.05
C ASN A 548 -7.05 -1.23 -13.50
N ALA A 549 -5.95 -0.76 -12.91
CA ALA A 549 -4.65 -1.32 -13.24
C ALA A 549 -4.58 -2.78 -12.80
N ILE A 550 -5.18 -3.10 -11.66
CA ILE A 550 -5.15 -4.47 -11.17
C ILE A 550 -5.76 -5.40 -12.21
N ALA A 551 -6.83 -4.97 -12.85
CA ALA A 551 -7.38 -5.76 -13.93
C ALA A 551 -6.49 -5.69 -15.17
N SER A 552 -6.07 -4.48 -15.53
CA SER A 552 -5.25 -4.31 -16.72
C SER A 552 -3.96 -5.11 -16.63
N VAL A 553 -3.70 -5.73 -15.48
CA VAL A 553 -2.62 -6.71 -15.41
C VAL A 553 -3.18 -8.12 -15.26
N THR A 554 -4.06 -8.35 -14.27
CA THR A 554 -4.52 -9.70 -13.97
C THR A 554 -5.28 -10.33 -15.13
N VAL A 555 -6.09 -9.56 -15.85
CA VAL A 555 -6.60 -9.96 -17.14
C VAL A 555 -5.80 -9.31 -18.25
N GLY A 556 -5.01 -8.30 -17.90
CA GLY A 556 -4.06 -7.72 -18.81
C GLY A 556 -4.60 -6.73 -19.81
N ARG A 557 -5.87 -6.34 -19.70
CA ARG A 557 -6.52 -5.60 -20.77
C ARG A 557 -7.11 -4.32 -20.22
N ARG A 558 -7.37 -3.39 -21.13
CA ARG A 558 -8.03 -2.14 -20.80
C ARG A 558 -9.39 -2.44 -20.19
N VAL A 559 -9.76 -1.67 -19.17
CA VAL A 559 -10.87 -2.07 -18.29
C VAL A 559 -11.35 -0.87 -17.49
N SER A 560 -12.62 -0.87 -17.09
CA SER A 560 -13.13 0.08 -16.12
C SER A 560 -13.48 -0.65 -14.83
N ALA A 561 -12.86 -0.25 -13.72
CA ALA A 561 -12.98 -0.97 -12.46
C ALA A 561 -13.19 0.01 -11.31
N ARG A 562 -13.54 -0.53 -10.15
CA ARG A 562 -13.63 0.25 -8.92
C ARG A 562 -13.88 -0.70 -7.75
N MET A 563 -13.54 -0.24 -6.56
CA MET A 563 -13.61 -1.04 -5.35
C MET A 563 -14.97 -0.87 -4.69
N LEU A 564 -15.74 -1.95 -4.66
CA LEU A 564 -17.05 -1.95 -4.01
C LEU A 564 -16.93 -2.57 -2.62
N GLY A 565 -16.24 -1.85 -1.74
CA GLY A 565 -16.13 -2.33 -0.39
C GLY A 565 -15.15 -3.47 -0.23
N ASP A 566 -15.67 -4.70 -0.12
CA ASP A 566 -14.83 -5.88 -0.12
C ASP A 566 -14.94 -6.67 -1.41
N VAL A 567 -15.63 -6.14 -2.42
CA VAL A 567 -15.67 -6.74 -3.73
C VAL A 567 -15.41 -5.67 -4.79
N MET A 568 -15.13 -6.12 -6.00
CA MET A 568 -14.71 -5.23 -7.06
C MET A 568 -15.81 -5.05 -8.10
N ALA A 569 -15.62 -4.07 -8.98
CA ALA A 569 -16.50 -3.84 -10.10
C ALA A 569 -15.75 -4.06 -11.40
N VAL A 570 -16.30 -4.92 -12.25
CA VAL A 570 -15.64 -5.41 -13.46
C VAL A 570 -16.40 -4.94 -14.70
N SER A 571 -15.65 -4.56 -15.72
CA SER A 571 -16.24 -4.14 -16.99
C SER A 571 -15.17 -4.04 -18.07
N THR A 572 -15.53 -3.41 -19.20
CA THR A 572 -14.57 -2.93 -20.17
C THR A 572 -15.11 -1.61 -20.68
N CYS A 573 -14.24 -0.69 -21.10
CA CYS A 573 -14.66 0.67 -21.40
C CYS A 573 -14.68 0.89 -22.91
N VAL A 574 -15.22 2.06 -23.30
CA VAL A 574 -15.28 2.43 -24.70
C VAL A 574 -13.86 2.74 -25.16
N PRO A 575 -13.45 2.26 -26.32
CA PRO A 575 -12.05 2.42 -26.74
C PRO A 575 -11.69 3.84 -27.11
N VAL A 576 -10.53 4.30 -26.63
CA VAL A 576 -9.93 5.55 -27.08
C VAL A 576 -8.44 5.31 -27.21
N ALA A 577 -7.92 5.39 -28.42
CA ALA A 577 -6.49 5.33 -28.66
C ALA A 577 -5.87 6.66 -28.22
N ALA A 578 -4.56 6.77 -28.38
CA ALA A 578 -3.86 7.98 -27.94
C ALA A 578 -3.80 9.01 -29.05
N ASP A 579 -4.96 9.28 -29.65
CA ASP A 579 -5.07 10.37 -30.61
C ASP A 579 -6.40 11.09 -30.56
N ASN A 580 -7.27 10.74 -29.62
CA ASN A 580 -8.64 11.22 -29.63
C ASN A 580 -8.91 12.25 -28.56
N VAL A 581 -7.94 12.47 -27.68
CA VAL A 581 -8.14 13.28 -26.50
C VAL A 581 -7.32 14.55 -26.65
N ILE A 582 -7.82 15.64 -26.07
CA ILE A 582 -7.31 16.98 -26.26
C ILE A 582 -7.36 17.66 -24.90
N VAL A 583 -6.21 17.86 -24.28
CA VAL A 583 -6.19 18.51 -22.98
C VAL A 583 -6.65 19.95 -23.13
N GLN A 584 -7.38 20.45 -22.13
CA GLN A 584 -7.69 21.87 -22.06
C GLN A 584 -6.57 22.59 -21.34
N ASN A 585 -6.51 23.91 -21.52
CA ASN A 585 -5.53 24.73 -20.82
C ASN A 585 -6.15 25.56 -19.70
N SER A 586 -7.47 25.68 -19.68
CA SER A 586 -8.18 26.40 -18.62
C SER A 586 -8.36 25.45 -17.43
N MET A 587 -7.61 25.69 -16.36
CA MET A 587 -7.40 24.68 -15.33
C MET A 587 -7.83 25.19 -13.96
N ARG A 588 -9.06 25.71 -13.87
CA ARG A 588 -9.55 26.24 -12.60
C ARG A 588 -11.05 26.49 -12.71
N ILE A 589 -11.67 26.62 -11.55
CA ILE A 589 -13.00 27.21 -11.46
C ILE A 589 -12.96 28.26 -10.37
N SER A 590 -13.54 29.42 -10.67
CA SER A 590 -13.44 30.56 -9.77
C SER A 590 -14.79 31.05 -9.28
N SER A 591 -15.89 30.44 -9.72
CA SER A 591 -17.15 30.67 -9.04
C SER A 591 -17.04 30.38 -7.55
N ARG A 592 -16.52 29.20 -7.20
CA ARG A 592 -15.79 29.03 -5.95
C ARG A 592 -14.43 29.64 -6.20
N PRO A 593 -14.14 30.80 -5.63
CA PRO A 593 -12.96 31.57 -6.07
C PRO A 593 -11.70 30.72 -6.14
N GLY A 594 -11.23 30.53 -7.38
CA GLY A 594 -9.98 29.85 -7.65
C GLY A 594 -9.95 28.41 -7.19
N ALA A 595 -10.66 27.53 -7.88
CA ALA A 595 -10.61 26.10 -7.58
C ALA A 595 -10.13 25.37 -8.83
N CYS A 596 -8.87 24.95 -8.83
CA CYS A 596 -8.27 24.35 -9.99
C CYS A 596 -8.60 22.87 -10.05
N TYR A 597 -8.82 22.38 -11.24
CA TYR A 597 -9.36 21.03 -11.40
C TYR A 597 -8.31 19.97 -11.08
N SER A 598 -8.78 18.76 -10.78
CA SER A 598 -7.91 17.75 -10.20
C SER A 598 -6.88 17.24 -11.20
N ARG A 599 -7.31 16.89 -12.40
CA ARG A 599 -6.44 16.28 -13.38
C ARG A 599 -6.90 16.77 -14.74
N PRO A 600 -6.01 16.81 -15.74
CA PRO A 600 -6.28 17.60 -16.95
C PRO A 600 -7.67 17.43 -17.55
N LEU A 601 -8.40 18.54 -17.58
CA LEU A 601 -9.59 18.68 -18.40
C LEU A 601 -9.26 18.34 -19.84
N VAL A 602 -10.07 17.49 -20.42
CA VAL A 602 -9.82 16.91 -21.73
C VAL A 602 -11.13 16.82 -22.49
N SER A 603 -11.08 17.27 -23.74
CA SER A 603 -12.16 17.06 -24.69
C SER A 603 -11.71 15.90 -25.57
N PHE A 604 -12.56 14.90 -25.69
CA PHE A 604 -12.14 13.66 -26.31
C PHE A 604 -13.29 13.12 -27.12
N ARG A 605 -13.12 11.91 -27.64
CA ARG A 605 -14.08 11.37 -28.58
C ARG A 605 -13.79 9.89 -28.79
N TYR A 606 -14.85 9.13 -29.04
CA TYR A 606 -14.68 7.71 -29.35
C TYR A 606 -13.75 7.56 -30.54
N GLU A 607 -14.15 8.13 -31.67
CA GLU A 607 -13.31 8.18 -32.87
C GLU A 607 -13.26 9.62 -33.38
N ASP A 608 -12.69 9.81 -34.57
CA ASP A 608 -12.77 11.11 -35.22
C ASP A 608 -14.21 11.55 -35.41
N GLN A 609 -15.13 10.61 -35.57
CA GLN A 609 -16.55 10.88 -35.51
C GLN A 609 -17.08 10.80 -34.09
N GLY A 610 -16.24 10.48 -33.11
CA GLY A 610 -16.66 10.35 -31.75
C GLY A 610 -17.07 11.68 -31.16
N PRO A 611 -17.95 11.65 -30.16
CA PRO A 611 -18.40 12.91 -29.56
C PRO A 611 -17.29 13.53 -28.76
N LEU A 612 -16.87 14.73 -29.17
CA LEU A 612 -15.95 15.48 -28.35
C LEU A 612 -16.66 15.95 -27.09
N VAL A 613 -16.31 15.31 -25.99
CA VAL A 613 -16.98 15.44 -24.71
C VAL A 613 -15.93 15.80 -23.67
N GLU A 614 -16.36 16.44 -22.59
CA GLU A 614 -15.47 16.99 -21.58
C GLU A 614 -15.37 16.05 -20.39
N GLY A 615 -14.14 15.78 -19.95
CA GLY A 615 -13.89 15.04 -18.75
C GLY A 615 -12.55 15.46 -18.18
N GLN A 616 -12.06 14.68 -17.21
CA GLN A 616 -10.71 14.88 -16.75
C GLN A 616 -9.90 13.63 -17.04
N LEU A 617 -8.62 13.83 -17.33
CA LEU A 617 -7.69 12.72 -17.38
C LEU A 617 -7.73 12.00 -16.04
N GLY A 618 -7.58 10.68 -16.07
CA GLY A 618 -7.30 9.93 -14.86
C GLY A 618 -5.89 9.37 -14.89
N GLU A 619 -5.46 8.85 -13.74
CA GLU A 619 -4.08 8.43 -13.58
C GLU A 619 -3.74 7.31 -14.56
N ASN A 620 -2.65 7.48 -15.29
CA ASN A 620 -2.22 6.52 -16.31
C ASN A 620 -3.29 6.33 -17.38
N ASN A 621 -3.52 7.40 -18.16
CA ASN A 621 -4.37 7.40 -19.34
C ASN A 621 -5.83 7.06 -19.03
N GLU A 622 -6.25 7.14 -17.77
CA GLU A 622 -7.66 6.97 -17.46
C GLU A 622 -8.44 8.21 -17.90
N LEU A 623 -9.62 7.98 -18.46
CA LEU A 623 -10.49 9.06 -18.92
C LEU A 623 -11.77 9.07 -18.10
N ARG A 624 -11.76 9.84 -17.03
CA ARG A 624 -12.97 10.03 -16.25
C ARG A 624 -13.73 11.23 -16.77
N LEU A 625 -15.06 11.11 -16.80
CA LEU A 625 -15.91 12.17 -17.32
C LEU A 625 -15.90 13.43 -16.46
N THR A 626 -15.20 13.38 -15.34
CA THR A 626 -15.27 14.46 -14.35
C THR A 626 -14.96 15.81 -15.00
N ARG A 627 -15.83 16.77 -14.76
CA ARG A 627 -15.58 18.14 -15.17
C ARG A 627 -15.93 19.11 -14.05
N ASP A 628 -15.93 18.61 -12.82
CA ASP A 628 -16.07 19.46 -11.64
C ASP A 628 -15.02 19.07 -10.62
N ALA A 629 -14.17 18.10 -10.97
CA ALA A 629 -13.21 17.55 -10.04
C ALA A 629 -12.12 18.59 -9.82
N ILE A 630 -12.30 19.40 -8.78
CA ILE A 630 -11.39 20.48 -8.44
C ILE A 630 -10.72 20.20 -7.12
N GLU A 631 -9.91 21.14 -6.69
CA GLU A 631 -9.21 21.25 -5.42
C GLU A 631 -8.53 22.60 -5.51
N PRO A 632 -8.14 23.23 -4.39
CA PRO A 632 -7.64 24.61 -4.45
C PRO A 632 -6.47 24.80 -5.41
N CYS A 633 -6.38 25.99 -5.98
CA CYS A 633 -5.29 26.36 -6.88
C CYS A 633 -4.04 26.72 -6.09
N THR A 634 -3.25 25.71 -5.72
CA THR A 634 -1.98 25.95 -5.06
C THR A 634 -0.98 26.48 -6.07
N VAL A 635 -0.43 27.65 -5.78
CA VAL A 635 0.64 28.23 -6.58
C VAL A 635 1.81 27.27 -6.44
N GLY A 636 2.57 27.09 -7.50
CA GLY A 636 3.66 26.13 -7.45
C GLY A 636 3.24 24.88 -8.18
N HIS A 637 2.10 24.94 -8.85
CA HIS A 637 1.64 23.83 -9.65
C HIS A 637 2.59 23.55 -10.80
N ARG A 638 3.27 22.41 -10.73
CA ARG A 638 4.13 21.97 -11.83
C ARG A 638 3.96 20.46 -11.93
N ARG A 639 3.02 20.01 -12.75
CA ARG A 639 2.60 18.63 -12.69
C ARG A 639 2.68 17.96 -14.06
N TYR A 640 3.33 16.81 -14.11
CA TYR A 640 3.17 15.85 -15.20
C TYR A 640 1.85 15.13 -15.02
N PHE A 641 1.36 14.58 -16.11
CA PHE A 641 0.23 13.65 -16.10
C PHE A 641 0.42 12.66 -17.23
N THR A 642 0.14 11.39 -16.96
CA THR A 642 0.30 10.38 -17.98
C THR A 642 -0.57 10.71 -19.17
N PHE A 643 0.06 11.07 -20.28
CA PHE A 643 -0.65 11.47 -21.47
C PHE A 643 -0.27 10.50 -22.57
N GLY A 644 -1.15 9.53 -22.84
CA GLY A 644 -0.92 8.55 -23.87
C GLY A 644 0.32 7.73 -23.61
N GLY A 645 1.18 7.64 -24.62
CA GLY A 645 2.48 7.02 -24.46
C GLY A 645 3.54 8.03 -24.08
N GLY A 646 3.16 8.99 -23.26
CA GLY A 646 4.09 9.96 -22.71
C GLY A 646 3.47 10.70 -21.54
N TYR A 647 3.77 11.99 -21.43
CA TYR A 647 3.27 12.79 -20.33
C TYR A 647 3.01 14.20 -20.81
N VAL A 648 1.87 14.73 -20.41
CA VAL A 648 1.61 16.15 -20.50
C VAL A 648 2.27 16.76 -19.28
N TYR A 649 2.57 18.04 -19.35
CA TYR A 649 3.07 18.78 -18.21
C TYR A 649 2.49 20.17 -18.23
N PHE A 650 1.85 20.53 -17.14
CA PHE A 650 1.28 21.85 -16.95
C PHE A 650 2.04 22.55 -15.85
N GLU A 651 2.35 23.83 -16.05
CA GLU A 651 2.97 24.65 -15.03
C GLU A 651 1.95 25.68 -14.57
N GLU A 652 1.78 25.79 -13.25
CA GLU A 652 0.80 26.69 -12.63
C GLU A 652 -0.51 26.75 -13.40
N TYR A 653 -1.14 25.60 -13.62
CA TYR A 653 -2.49 25.51 -14.12
C TYR A 653 -2.59 25.94 -15.58
N ALA A 654 -1.45 26.00 -16.28
CA ALA A 654 -1.40 26.28 -17.71
C ALA A 654 -0.52 25.24 -18.37
N TYR A 655 -0.73 25.00 -19.66
CA TYR A 655 -0.03 23.92 -20.33
C TYR A 655 1.40 24.30 -20.68
N SER A 656 2.38 23.59 -20.13
CA SER A 656 3.75 23.81 -20.57
C SER A 656 4.08 22.97 -21.80
N HIS A 657 4.11 21.64 -21.66
CA HIS A 657 4.64 20.83 -22.74
C HIS A 657 4.53 19.33 -22.52
N GLN A 658 4.63 18.56 -23.60
CA GLN A 658 4.63 17.11 -23.50
C GLN A 658 6.05 16.55 -23.51
N LEU A 659 6.15 15.29 -23.11
CA LEU A 659 7.42 14.57 -23.09
C LEU A 659 7.12 13.09 -23.24
N SER A 660 7.72 12.44 -24.22
CA SER A 660 7.54 11.01 -24.38
C SER A 660 8.16 10.26 -23.19
N ARG A 661 7.74 9.00 -23.02
CA ARG A 661 8.24 8.20 -21.91
C ARG A 661 9.75 7.98 -22.02
N ALA A 662 10.21 7.49 -23.15
CA ALA A 662 11.64 7.23 -23.37
C ALA A 662 12.36 8.46 -23.89
N ASP A 663 11.88 9.65 -23.59
CA ASP A 663 12.52 10.89 -24.01
C ASP A 663 12.86 11.79 -22.82
N ILE A 664 12.45 11.40 -21.62
CA ILE A 664 12.90 12.10 -20.42
C ILE A 664 14.05 11.30 -19.82
N THR A 665 15.26 11.67 -20.20
CA THR A 665 16.51 11.08 -19.70
C THR A 665 16.71 9.66 -20.22
N THR A 666 15.65 9.07 -20.79
CA THR A 666 15.69 7.83 -21.55
C THR A 666 16.56 6.74 -20.92
N VAL A 667 16.40 6.50 -19.61
CA VAL A 667 17.01 5.38 -18.90
C VAL A 667 16.22 5.13 -17.62
N SER A 668 16.44 3.95 -17.01
CA SER A 668 15.55 3.45 -15.97
C SER A 668 16.01 3.67 -14.52
N THR A 669 17.10 3.04 -14.10
CA THR A 669 17.45 2.95 -12.69
C THR A 669 18.75 3.67 -12.33
N PHE A 670 19.50 4.11 -13.34
CA PHE A 670 20.61 5.06 -13.24
C PHE A 670 20.34 6.20 -12.27
N ILE A 671 21.16 6.44 -11.25
CA ILE A 671 22.00 7.64 -11.24
C ILE A 671 22.37 8.00 -9.81
N ASP A 672 23.41 8.81 -9.64
CA ASP A 672 23.52 9.73 -8.52
C ASP A 672 23.32 11.14 -9.09
N LEU A 673 22.13 11.74 -8.95
CA LEU A 673 21.07 11.62 -7.91
C LEU A 673 21.50 12.04 -6.51
N ASN A 674 21.82 13.33 -6.38
CA ASN A 674 22.11 13.95 -5.09
C ASN A 674 21.52 15.35 -5.03
N ILE A 675 20.60 15.66 -5.95
CA ILE A 675 20.12 17.01 -6.21
C ILE A 675 19.74 17.77 -4.95
N THR A 676 20.20 19.02 -4.84
CA THR A 676 19.93 19.92 -3.73
C THR A 676 18.84 20.93 -4.07
N MET A 677 18.51 21.80 -3.13
CA MET A 677 17.46 22.82 -3.29
C MET A 677 17.57 23.83 -2.15
N LEU A 678 16.81 24.92 -2.25
CA LEU A 678 16.77 25.90 -1.17
C LEU A 678 15.54 25.72 -0.29
N GLU A 679 15.31 26.67 0.62
CA GLU A 679 14.37 26.55 1.73
C GLU A 679 13.03 27.21 1.45
N ASP A 680 12.22 27.42 2.50
CA ASP A 680 10.94 28.11 2.41
C ASP A 680 11.08 29.29 1.46
N HIS A 681 10.22 29.32 0.45
CA HIS A 681 10.48 30.14 -0.71
C HIS A 681 9.33 31.13 -0.93
N GLU A 682 9.52 31.96 -1.93
CA GLU A 682 8.55 32.88 -2.48
C GLU A 682 7.57 32.10 -3.34
N PHE A 683 6.97 32.80 -4.32
CA PHE A 683 5.71 32.41 -4.92
C PHE A 683 4.64 32.67 -3.86
N VAL A 684 4.40 33.96 -3.61
CA VAL A 684 4.05 34.49 -2.29
C VAL A 684 2.59 34.96 -2.29
N PRO A 685 1.61 34.09 -2.07
CA PRO A 685 0.41 34.51 -1.33
C PRO A 685 0.67 34.42 0.17
N LEU A 686 0.46 35.53 0.89
CA LEU A 686 1.10 35.68 2.18
C LEU A 686 0.24 36.35 3.24
N GLU A 687 0.56 36.06 4.49
CA GLU A 687 0.60 37.07 5.54
C GLU A 687 1.99 36.95 6.17
N VAL A 688 2.52 35.72 6.20
CA VAL A 688 3.91 35.37 6.49
C VAL A 688 4.17 33.99 5.92
N TYR A 689 5.30 33.80 5.23
CA TYR A 689 5.80 32.45 4.93
C TYR A 689 4.80 31.61 4.13
N THR A 690 4.77 31.86 2.82
CA THR A 690 3.66 31.56 1.91
C THR A 690 2.91 30.28 2.25
N ARG A 691 1.58 30.35 2.15
CA ARG A 691 0.67 29.31 2.61
C ARG A 691 0.21 28.39 1.48
N HIS A 692 0.32 28.81 0.22
CA HIS A 692 -0.28 28.02 -0.84
C HIS A 692 0.49 26.75 -1.14
N GLU A 693 1.76 26.70 -0.73
CA GLU A 693 2.50 25.45 -0.83
C GLU A 693 2.09 24.47 0.27
N ILE A 694 1.70 24.98 1.44
CA ILE A 694 0.95 24.14 2.37
C ILE A 694 -0.32 23.66 1.70
N LYS A 695 -0.99 24.55 0.96
CA LYS A 695 -2.11 24.13 0.14
C LYS A 695 -1.65 23.27 -1.03
N ASP A 696 -0.36 22.97 -1.11
CA ASP A 696 0.16 21.92 -1.98
C ASP A 696 0.69 20.77 -1.15
N SER A 697 -0.03 20.40 -0.09
CA SER A 697 0.41 19.35 0.82
C SER A 697 1.74 19.72 1.48
N GLY A 698 1.70 20.66 2.41
CA GLY A 698 2.86 21.14 3.14
C GLY A 698 3.41 20.23 4.22
N LEU A 699 3.95 19.07 3.83
CA LEU A 699 4.76 18.18 4.67
C LEU A 699 4.09 17.62 5.93
N LEU A 700 3.03 16.79 5.84
CA LEU A 700 2.07 16.61 4.74
C LEU A 700 2.66 16.23 3.36
N ASP A 701 3.22 15.04 3.14
CA ASP A 701 2.83 13.74 3.72
C ASP A 701 1.35 13.55 3.48
N TYR A 702 1.02 13.27 2.22
CA TYR A 702 -0.36 13.00 1.82
C TYR A 702 -1.12 12.30 2.94
N THR A 703 -0.55 11.21 3.46
CA THR A 703 -1.19 10.54 4.58
C THR A 703 -1.30 11.49 5.77
N GLU A 704 -0.24 12.24 6.10
CA GLU A 704 -0.40 13.21 7.17
C GLU A 704 -1.26 14.39 6.74
N VAL A 705 -1.35 14.65 5.45
CA VAL A 705 -2.38 15.60 5.01
C VAL A 705 -3.72 15.17 5.57
N GLN A 706 -4.09 13.92 5.34
CA GLN A 706 -5.33 13.39 5.90
C GLN A 706 -5.30 13.45 7.42
N ARG A 707 -4.16 13.12 8.02
CA ARG A 707 -4.10 12.99 9.46
C ARG A 707 -4.22 14.35 10.14
N ARG A 708 -3.99 15.44 9.40
CA ARG A 708 -4.18 16.75 10.01
C ARG A 708 -5.55 17.33 9.64
N ASN A 709 -6.00 17.13 8.41
CA ASN A 709 -7.26 17.74 8.06
C ASN A 709 -8.41 17.13 8.86
N GLN A 710 -8.23 15.92 9.37
CA GLN A 710 -9.17 15.35 10.32
C GLN A 710 -9.13 16.05 11.67
N LEU A 711 -8.28 17.07 11.81
CA LEU A 711 -8.28 17.89 13.00
C LEU A 711 -9.09 19.16 12.83
N HIS A 712 -9.88 19.23 11.77
CA HIS A 712 -10.62 20.42 11.45
C HIS A 712 -12.07 20.30 11.84
N ASP A 713 -12.64 19.11 11.70
CA ASP A 713 -13.92 18.77 12.32
C ASP A 713 -14.00 19.27 13.75
N LEU A 714 -12.86 19.34 14.43
CA LEU A 714 -12.81 19.59 15.86
C LEU A 714 -13.23 21.00 16.25
N ARG A 715 -13.80 21.78 15.33
CA ARG A 715 -14.04 23.19 15.58
C ARG A 715 -15.42 23.65 15.16
N PHE A 716 -16.28 22.75 14.69
CA PHE A 716 -17.54 23.13 14.05
C PHE A 716 -18.60 23.38 15.11
N ALA A 717 -18.34 24.36 15.97
CA ALA A 717 -19.22 24.72 17.06
C ALA A 717 -18.83 26.13 17.50
N ASP A 718 -19.19 26.47 18.73
CA ASP A 718 -18.46 27.50 19.47
C ASP A 718 -18.81 28.88 18.98
N ILE A 719 -20.01 29.03 18.47
CA ILE A 719 -20.61 30.32 18.20
C ILE A 719 -21.91 30.25 18.97
N ASP A 720 -21.99 29.26 19.85
CA ASP A 720 -23.24 28.79 20.45
C ASP A 720 -23.10 28.42 21.92
N THR A 721 -22.33 29.19 22.69
CA THR A 721 -22.08 28.84 24.09
C THR A 721 -21.73 30.06 24.92
N VAL A 722 -22.14 30.04 26.19
CA VAL A 722 -21.67 30.97 27.21
C VAL A 722 -21.12 30.14 28.36
N ILE A 723 -20.13 30.69 29.05
CA ILE A 723 -19.48 29.96 30.13
C ILE A 723 -19.74 30.63 31.47
N ILE B 104 -28.70 -13.80 10.96
CA ILE B 104 -28.40 -15.21 11.16
C ILE B 104 -27.04 -15.35 11.84
N LYS B 105 -26.96 -16.27 12.79
CA LYS B 105 -25.73 -16.61 13.47
C LYS B 105 -24.64 -16.92 12.43
N ALA B 106 -23.39 -16.79 12.87
CA ALA B 106 -22.26 -17.03 11.96
C ALA B 106 -22.27 -18.48 11.50
N GLU B 107 -22.45 -18.68 10.20
CA GLU B 107 -22.45 -20.03 9.64
C GLU B 107 -21.34 -20.26 8.62
N ASN B 108 -20.78 -19.21 8.03
CA ASN B 108 -19.56 -19.32 7.24
C ASN B 108 -18.39 -19.32 8.20
N THR B 109 -18.25 -20.39 8.98
CA THR B 109 -17.19 -20.47 9.97
C THR B 109 -16.18 -21.52 9.52
N ASP B 110 -15.92 -21.54 8.21
CA ASP B 110 -14.66 -22.06 7.72
C ASP B 110 -13.51 -21.14 8.10
N ALA B 111 -13.84 -19.99 8.71
CA ALA B 111 -12.88 -19.08 9.31
C ALA B 111 -13.50 -18.56 10.59
N ASN B 112 -12.91 -18.93 11.73
CA ASN B 112 -13.44 -18.51 13.01
C ASN B 112 -13.42 -16.99 13.11
N PHE B 113 -14.39 -16.46 13.85
CA PHE B 113 -14.60 -15.03 13.93
C PHE B 113 -13.94 -14.47 15.18
N TYR B 114 -13.63 -13.19 15.13
CA TYR B 114 -12.78 -12.55 16.13
C TYR B 114 -13.28 -11.14 16.38
N VAL B 115 -13.65 -10.84 17.60
CA VAL B 115 -14.09 -9.49 17.95
C VAL B 115 -12.87 -8.61 17.99
N CYS B 116 -13.06 -7.30 17.79
CA CYS B 116 -11.96 -6.35 17.73
C CYS B 116 -11.66 -5.72 19.08
N PRO B 117 -10.57 -6.12 19.74
CA PRO B 117 -10.21 -5.51 21.01
C PRO B 117 -9.22 -4.38 20.81
N PRO B 118 -9.01 -3.54 21.82
CA PRO B 118 -8.00 -2.49 21.73
C PRO B 118 -6.61 -3.07 21.98
N PRO B 119 -5.72 -2.96 21.00
CA PRO B 119 -4.37 -3.53 21.18
C PRO B 119 -3.33 -2.58 21.73
N THR B 120 -2.40 -3.12 22.52
CA THR B 120 -1.17 -2.44 22.93
C THR B 120 0.01 -3.40 22.83
N GLY B 121 1.11 -2.92 22.25
CA GLY B 121 2.20 -3.80 21.88
C GLY B 121 3.58 -3.25 22.22
N ALA B 122 4.60 -4.02 21.86
CA ALA B 122 5.98 -3.70 22.19
C ALA B 122 6.85 -3.43 20.96
N THR B 123 6.91 -4.32 19.95
CA THR B 123 6.15 -5.56 19.81
C THR B 123 7.08 -6.76 19.87
N VAL B 124 6.53 -7.92 20.23
CA VAL B 124 7.33 -9.11 20.54
C VAL B 124 8.07 -9.66 19.33
N VAL B 125 7.49 -9.56 18.15
CA VAL B 125 8.17 -9.89 16.90
C VAL B 125 8.10 -8.64 16.05
N GLN B 126 9.09 -7.77 16.18
CA GLN B 126 8.92 -6.39 15.78
C GLN B 126 9.58 -6.10 14.44
N PHE B 127 8.91 -5.24 13.69
CA PHE B 127 9.43 -4.64 12.48
C PHE B 127 10.78 -4.01 12.72
N GLU B 128 11.80 -4.45 11.98
CA GLU B 128 13.04 -3.71 11.97
C GLU B 128 13.12 -2.88 10.70
N GLN B 129 14.16 -2.06 10.59
CA GLN B 129 14.30 -1.15 9.47
C GLN B 129 15.26 -1.74 8.45
N PRO B 130 15.06 -1.48 7.16
CA PRO B 130 16.06 -1.88 6.16
C PRO B 130 17.40 -1.23 6.45
N ARG B 131 18.49 -1.87 6.04
CA ARG B 131 19.82 -1.38 6.38
C ARG B 131 20.70 -1.31 5.13
N ARG B 132 21.68 -0.41 5.17
CA ARG B 132 22.68 -0.33 4.12
C ARG B 132 23.49 -1.61 4.06
N CYS B 133 23.69 -2.12 2.84
CA CYS B 133 24.37 -3.40 2.95
C CYS B 133 25.79 -3.34 2.36
N PRO B 134 26.73 -3.95 3.07
CA PRO B 134 28.16 -3.69 2.83
C PRO B 134 28.79 -4.50 1.70
N THR B 135 30.12 -4.43 1.67
CA THR B 135 31.02 -4.95 0.63
C THR B 135 30.63 -6.27 -0.01
N ARG B 136 30.70 -6.31 -1.32
CA ARG B 136 30.61 -7.50 -2.17
C ARG B 136 31.93 -8.28 -2.21
N PRO B 137 33.05 -7.70 -2.68
CA PRO B 137 34.22 -8.51 -3.02
C PRO B 137 35.29 -8.64 -1.94
N GLU B 138 35.29 -7.78 -0.92
CA GLU B 138 36.48 -7.52 -0.14
C GLU B 138 36.22 -7.96 1.29
N GLY B 139 37.13 -7.59 2.20
CA GLY B 139 37.70 -8.52 3.16
C GLY B 139 36.84 -9.71 3.49
N GLN B 140 37.42 -10.87 3.22
CA GLN B 140 36.72 -12.09 2.86
C GLN B 140 37.47 -13.34 3.28
N ASN B 141 37.29 -14.42 2.52
CA ASN B 141 37.26 -15.80 3.00
C ASN B 141 35.96 -16.00 3.76
N TYR B 142 34.85 -15.73 3.07
CA TYR B 142 33.52 -16.07 3.57
C TYR B 142 33.55 -17.48 4.14
N THR B 143 32.94 -17.66 5.29
CA THR B 143 32.93 -18.96 5.95
C THR B 143 31.60 -19.64 5.70
N GLU B 144 31.56 -20.49 4.67
CA GLU B 144 30.36 -21.27 4.40
C GLU B 144 30.22 -22.33 5.48
N GLY B 145 28.98 -22.62 5.84
CA GLY B 145 28.74 -23.52 6.94
C GLY B 145 27.53 -23.01 7.69
N ILE B 146 27.09 -23.83 8.64
CA ILE B 146 25.90 -23.54 9.42
C ILE B 146 26.27 -22.50 10.47
N ALA B 147 25.31 -21.65 10.80
CA ALA B 147 25.29 -21.01 12.10
C ALA B 147 24.00 -21.40 12.79
N VAL B 148 23.99 -21.26 14.10
CA VAL B 148 22.82 -21.51 14.92
C VAL B 148 22.72 -20.35 15.88
N VAL B 149 21.74 -19.49 15.66
CA VAL B 149 21.53 -18.32 16.50
C VAL B 149 20.64 -18.73 17.65
N PHE B 150 21.11 -18.43 18.85
CA PHE B 150 20.36 -18.57 20.08
C PHE B 150 19.89 -17.19 20.53
N LYS B 151 18.72 -17.17 21.15
CA LYS B 151 18.21 -15.99 21.83
C LYS B 151 17.56 -16.41 23.13
N GLU B 152 17.84 -15.65 24.18
CA GLU B 152 17.43 -16.02 25.53
C GLU B 152 15.91 -16.09 25.60
N ASN B 153 15.39 -17.25 25.92
CA ASN B 153 14.00 -17.37 26.32
C ASN B 153 13.88 -16.80 27.72
N ILE B 154 13.06 -15.76 27.85
CA ILE B 154 12.85 -15.17 29.16
C ILE B 154 11.79 -15.99 29.87
N ALA B 155 10.89 -16.59 29.10
CA ALA B 155 9.74 -17.30 29.64
C ALA B 155 8.96 -16.38 30.56
N PRO B 156 8.24 -15.42 30.00
CA PRO B 156 7.50 -14.46 30.84
C PRO B 156 6.35 -15.12 31.61
N TYR B 157 6.27 -14.79 32.89
CA TYR B 157 5.23 -15.32 33.76
C TYR B 157 3.87 -14.82 33.35
N LYS B 158 2.90 -15.72 33.29
CA LYS B 158 1.52 -15.41 32.91
C LYS B 158 0.60 -15.93 34.00
N PHE B 159 -0.30 -15.06 34.48
CA PHE B 159 -1.18 -15.46 35.57
C PHE B 159 -2.34 -14.48 35.63
N LYS B 160 -3.03 -14.48 36.78
CA LYS B 160 -4.27 -13.73 36.92
C LYS B 160 -4.17 -12.66 38.00
N ALA B 161 -5.03 -11.66 37.88
CA ALA B 161 -5.12 -10.60 38.88
C ALA B 161 -6.51 -9.97 38.80
N THR B 162 -6.71 -8.92 39.57
CA THR B 162 -8.00 -8.23 39.61
C THR B 162 -7.80 -6.77 40.02
N MET B 163 -8.44 -5.87 39.29
CA MET B 163 -8.35 -4.43 39.49
C MET B 163 -9.53 -3.94 40.29
N TYR B 164 -9.28 -2.93 41.12
CA TYR B 164 -10.22 -2.46 42.11
C TYR B 164 -10.22 -0.94 42.12
N TYR B 165 -11.35 -0.33 41.73
CA TYR B 165 -11.44 1.12 41.78
C TYR B 165 -12.91 1.51 41.70
N LYS B 166 -13.17 2.76 42.05
CA LYS B 166 -14.50 3.35 42.00
C LYS B 166 -14.39 4.59 41.14
N ASP B 167 -15.10 4.59 40.04
CA ASP B 167 -15.07 5.75 39.18
C ASP B 167 -16.14 6.74 39.60
N VAL B 168 -15.71 7.97 39.83
CA VAL B 168 -16.53 9.00 40.42
C VAL B 168 -16.68 10.11 39.40
N THR B 169 -17.79 10.84 39.51
CA THR B 169 -18.03 11.97 38.65
C THR B 169 -18.83 13.00 39.44
N VAL B 170 -18.44 14.26 39.25
CA VAL B 170 -19.11 15.40 39.88
C VAL B 170 -19.36 16.45 38.82
N SER B 171 -20.61 16.88 38.69
CA SER B 171 -21.02 17.82 37.67
C SER B 171 -21.24 19.19 38.31
N GLN B 172 -20.33 20.10 38.02
CA GLN B 172 -20.47 21.52 38.32
C GLN B 172 -21.26 22.14 37.18
N VAL B 173 -22.56 22.00 37.24
CA VAL B 173 -23.41 22.67 36.28
C VAL B 173 -23.33 24.17 36.51
N TRP B 174 -23.43 24.91 35.41
CA TRP B 174 -23.43 26.37 35.40
C TRP B 174 -24.85 26.87 35.15
N PHE B 175 -25.54 27.23 36.21
CA PHE B 175 -26.94 27.65 36.15
C PHE B 175 -27.01 29.17 36.21
N GLY B 176 -27.19 29.80 35.07
CA GLY B 176 -27.28 31.25 34.97
C GLY B 176 -28.69 31.74 35.15
N HIS B 177 -29.18 32.44 34.13
CA HIS B 177 -30.57 32.91 34.13
C HIS B 177 -31.54 31.76 34.30
N ARG B 178 -31.58 30.84 33.35
CA ARG B 178 -32.45 29.68 33.42
C ARG B 178 -31.69 28.53 32.79
N TYR B 179 -30.66 28.88 32.03
CA TYR B 179 -29.90 27.95 31.23
C TYR B 179 -28.92 27.15 32.08
N SER B 180 -28.33 26.14 31.46
CA SER B 180 -27.50 25.17 32.18
C SER B 180 -26.34 24.72 31.32
N GLN B 181 -25.16 25.28 31.58
CA GLN B 181 -23.91 24.71 31.10
C GLN B 181 -23.29 23.89 32.20
N PHE B 182 -22.43 22.97 31.81
CA PHE B 182 -21.71 22.14 32.77
C PHE B 182 -20.32 22.74 32.94
N MET B 183 -20.13 23.54 33.98
CA MET B 183 -18.77 23.94 34.32
C MET B 183 -17.96 22.76 34.84
N GLY B 184 -18.52 21.55 34.80
CA GLY B 184 -17.73 20.36 35.08
C GLY B 184 -18.49 19.04 35.04
N ILE B 185 -17.87 18.01 34.49
CA ILE B 185 -18.23 16.62 34.71
C ILE B 185 -16.91 15.91 35.00
N PHE B 186 -16.57 15.75 36.28
CA PHE B 186 -15.23 15.40 36.72
C PHE B 186 -15.21 13.91 37.04
N GLU B 187 -14.30 13.18 36.39
CA GLU B 187 -14.39 11.73 36.24
C GLU B 187 -13.06 11.08 36.60
N ASP B 188 -13.10 10.16 37.57
CA ASP B 188 -11.89 9.67 38.22
C ASP B 188 -12.02 8.20 38.56
N ARG B 189 -10.89 7.51 38.65
CA ARG B 189 -10.81 6.20 39.28
C ARG B 189 -10.13 6.33 40.63
N ALA B 190 -10.82 5.90 41.68
CA ALA B 190 -10.26 5.87 43.01
C ALA B 190 -9.98 4.43 43.38
N PRO B 191 -8.74 4.03 43.58
CA PRO B 191 -8.46 2.63 43.93
C PRO B 191 -9.30 2.11 45.07
N VAL B 192 -10.11 1.09 44.81
CA VAL B 192 -10.84 0.41 45.89
C VAL B 192 -9.83 -0.03 46.93
N PRO B 193 -10.03 0.34 48.19
CA PRO B 193 -9.09 -0.06 49.23
C PRO B 193 -8.99 -1.58 49.33
N PHE B 194 -7.81 -2.03 49.74
CA PHE B 194 -7.57 -3.45 49.99
C PHE B 194 -8.65 -4.03 50.90
N GLU B 195 -9.18 -3.21 51.82
CA GLU B 195 -10.19 -3.68 52.76
C GLU B 195 -11.51 -4.01 52.07
N GLU B 196 -12.02 -3.08 51.25
CA GLU B 196 -13.29 -3.31 50.58
C GLU B 196 -13.23 -4.54 49.71
N VAL B 197 -12.08 -4.77 49.09
CA VAL B 197 -11.80 -6.05 48.45
C VAL B 197 -11.98 -7.19 49.45
N ILE B 198 -11.18 -7.19 50.53
CA ILE B 198 -11.25 -8.24 51.53
C ILE B 198 -12.69 -8.60 51.88
N ASP B 199 -13.52 -7.61 52.22
CA ASP B 199 -14.82 -7.93 52.77
C ASP B 199 -15.99 -7.56 51.88
N LYS B 200 -16.14 -6.29 51.50
CA LYS B 200 -17.32 -5.92 50.74
C LYS B 200 -17.30 -6.56 49.37
N ILE B 201 -16.12 -6.94 48.88
CA ILE B 201 -16.04 -7.51 47.54
C ILE B 201 -15.71 -8.99 47.60
N ASN B 202 -14.77 -9.38 48.46
CA ASN B 202 -14.43 -10.80 48.54
C ASN B 202 -15.34 -11.52 49.52
N ALA B 203 -15.76 -10.84 50.58
CA ALA B 203 -16.70 -11.49 51.50
C ALA B 203 -18.13 -11.15 51.16
N LYS B 204 -18.35 -10.02 50.49
CA LYS B 204 -19.70 -9.64 50.11
C LYS B 204 -19.91 -9.50 48.60
N GLY B 205 -18.94 -8.96 47.87
CA GLY B 205 -19.17 -8.68 46.47
C GLY B 205 -19.87 -7.36 46.22
N VAL B 206 -19.95 -6.50 47.23
CA VAL B 206 -20.68 -5.24 47.17
C VAL B 206 -19.69 -4.11 47.38
N CYS B 207 -20.13 -2.88 47.12
CA CYS B 207 -19.28 -1.73 47.36
C CYS B 207 -20.08 -0.44 47.33
N ARG B 208 -19.81 0.42 48.30
CA ARG B 208 -20.55 1.66 48.52
C ARG B 208 -20.64 2.52 47.26
N SER B 209 -21.68 3.33 47.20
CA SER B 209 -21.87 4.32 46.15
C SER B 209 -20.93 5.50 46.30
N THR B 210 -19.91 5.38 47.14
CA THR B 210 -19.03 6.49 47.46
C THR B 210 -17.58 6.03 47.37
N ALA B 211 -16.73 6.89 46.84
CA ALA B 211 -15.30 6.63 46.81
C ALA B 211 -14.62 7.72 47.62
N LYS B 212 -13.75 7.30 48.53
CA LYS B 212 -13.04 8.22 49.42
C LYS B 212 -11.58 8.26 49.00
N TYR B 213 -11.16 9.36 48.40
CA TYR B 213 -9.86 9.37 47.73
C TYR B 213 -9.33 10.79 47.71
N VAL B 214 -8.04 10.91 47.46
CA VAL B 214 -7.38 12.20 47.48
C VAL B 214 -7.64 12.94 46.19
N ARG B 215 -7.95 14.23 46.30
CA ARG B 215 -7.96 15.15 45.17
C ARG B 215 -7.57 16.53 45.69
N ASN B 216 -6.67 17.21 44.98
CA ASN B 216 -6.09 18.50 45.37
C ASN B 216 -5.35 18.40 46.70
N ASN B 217 -4.71 17.26 46.98
CA ASN B 217 -4.05 16.90 48.24
C ASN B 217 -5.07 16.88 49.39
N LEU B 218 -6.36 16.99 49.09
CA LEU B 218 -7.42 16.93 50.08
C LEU B 218 -8.10 15.58 49.95
N GLU B 219 -8.12 14.82 51.03
CA GLU B 219 -8.90 13.60 51.00
C GLU B 219 -10.38 13.97 50.84
N THR B 220 -10.85 13.91 49.61
CA THR B 220 -12.22 14.26 49.29
C THR B 220 -13.06 13.00 49.28
N THR B 221 -14.36 13.20 49.27
CA THR B 221 -15.29 12.10 49.16
C THR B 221 -16.12 12.30 47.89
N ALA B 222 -16.66 11.20 47.38
CA ALA B 222 -17.54 11.25 46.23
C ALA B 222 -18.73 10.33 46.50
N PHE B 223 -19.92 10.93 46.57
CA PHE B 223 -21.15 10.22 46.89
C PHE B 223 -22.00 10.06 45.65
N HIS B 224 -23.22 9.59 45.85
CA HIS B 224 -24.10 9.25 44.75
C HIS B 224 -25.35 10.12 44.80
N ARG B 225 -25.47 11.03 43.84
CA ARG B 225 -26.68 11.81 43.56
C ARG B 225 -27.04 12.81 44.64
N ASP B 226 -26.08 13.55 45.18
CA ASP B 226 -26.31 14.62 46.15
C ASP B 226 -27.01 14.14 47.41
N ASP B 227 -26.90 12.84 47.69
CA ASP B 227 -27.42 12.25 48.92
C ASP B 227 -26.41 11.23 49.42
N HIS B 228 -26.61 10.77 50.66
CA HIS B 228 -25.56 10.06 51.38
C HIS B 228 -25.32 8.64 50.87
N GLU B 229 -24.40 7.93 51.51
CA GLU B 229 -23.79 6.73 50.95
C GLU B 229 -24.79 5.58 50.84
N THR B 230 -24.52 4.67 49.91
CA THR B 230 -25.25 3.41 49.81
C THR B 230 -24.37 2.39 49.09
N ASP B 231 -24.48 1.13 49.49
CA ASP B 231 -23.78 0.08 48.75
C ASP B 231 -24.46 -0.18 47.42
N MET B 232 -23.67 -0.58 46.44
CA MET B 232 -24.12 -0.94 45.12
C MET B 232 -23.49 -2.26 44.72
N GLU B 233 -24.20 -2.99 43.86
CA GLU B 233 -23.71 -4.27 43.38
C GLU B 233 -22.89 -4.09 42.11
N LEU B 234 -21.81 -4.86 42.00
CA LEU B 234 -20.97 -4.88 40.82
C LEU B 234 -21.60 -5.76 39.74
N LYS B 235 -22.43 -5.17 38.91
CA LYS B 235 -22.94 -6.07 37.88
C LYS B 235 -21.87 -6.27 36.82
N PRO B 236 -21.68 -7.50 36.37
CA PRO B 236 -20.61 -7.78 35.41
C PRO B 236 -20.80 -6.99 34.12
N ALA B 237 -19.72 -6.37 33.67
CA ALA B 237 -19.74 -5.63 32.42
C ALA B 237 -19.53 -6.59 31.25
N ASN B 238 -19.41 -6.02 30.06
CA ASN B 238 -18.87 -6.74 28.91
C ASN B 238 -17.48 -7.29 29.20
N ALA B 239 -16.80 -6.74 30.21
CA ALA B 239 -15.48 -7.19 30.63
C ALA B 239 -15.56 -8.36 31.61
N ALA B 240 -16.75 -8.93 31.79
CA ALA B 240 -16.89 -10.25 32.40
C ALA B 240 -16.37 -11.34 31.48
N THR B 241 -15.85 -10.95 30.31
CA THR B 241 -15.31 -11.85 29.30
C THR B 241 -14.14 -11.14 28.63
N ARG B 242 -13.56 -11.79 27.62
CA ARG B 242 -12.47 -11.26 26.80
C ARG B 242 -11.17 -11.14 27.60
N THR B 243 -11.25 -11.42 28.89
CA THR B 243 -10.12 -11.60 29.79
C THR B 243 -10.71 -12.33 30.99
N SER B 244 -10.03 -12.24 32.12
CA SER B 244 -10.71 -12.69 33.32
C SER B 244 -11.94 -11.79 33.53
N ARG B 245 -12.88 -12.23 34.36
CA ARG B 245 -14.19 -11.58 34.46
C ARG B 245 -14.12 -10.17 35.02
N GLY B 246 -15.22 -9.43 34.97
CA GLY B 246 -15.19 -8.06 35.45
C GLY B 246 -16.60 -7.55 35.68
N TRP B 247 -16.69 -6.55 36.55
CA TRP B 247 -17.98 -6.17 37.11
C TRP B 247 -18.06 -4.66 37.29
N HIS B 248 -19.27 -4.13 37.12
CA HIS B 248 -19.50 -2.71 36.95
C HIS B 248 -20.90 -2.39 37.43
N THR B 249 -21.39 -1.22 37.02
CA THR B 249 -22.75 -0.78 37.24
C THR B 249 -23.27 -0.06 36.00
N THR B 250 -24.58 0.18 35.98
CA THR B 250 -25.23 0.84 34.86
C THR B 250 -24.74 2.27 34.72
N ASP B 251 -24.92 2.84 33.53
CA ASP B 251 -24.45 4.18 33.21
C ASP B 251 -25.37 5.20 33.89
N LEU B 252 -25.07 5.55 35.13
CA LEU B 252 -25.87 6.50 35.89
C LEU B 252 -25.13 7.83 35.98
N LYS B 253 -25.92 8.90 35.92
CA LYS B 253 -25.42 10.25 36.17
C LYS B 253 -26.51 11.03 36.90
N TYR B 254 -26.10 11.97 37.74
CA TYR B 254 -27.03 12.83 38.46
C TYR B 254 -26.67 14.29 38.22
N ASN B 255 -27.72 15.11 38.05
CA ASN B 255 -27.52 16.55 37.91
C ASN B 255 -27.95 17.23 39.21
N PRO B 256 -27.12 18.13 39.72
CA PRO B 256 -27.42 18.75 41.01
C PRO B 256 -28.77 19.45 41.03
N SER B 257 -29.28 19.61 42.25
CA SER B 257 -30.52 20.35 42.44
C SER B 257 -30.41 21.76 41.87
N ARG B 258 -31.56 22.36 41.56
CA ARG B 258 -31.59 23.60 40.79
C ARG B 258 -31.44 24.78 41.74
N VAL B 259 -30.24 25.36 41.79
CA VAL B 259 -29.96 26.61 42.47
C VAL B 259 -29.04 27.42 41.57
N GLU B 260 -29.59 28.44 40.90
CA GLU B 260 -28.85 29.15 39.87
C GLU B 260 -27.96 30.24 40.46
N ALA B 261 -27.19 30.90 39.59
CA ALA B 261 -26.29 31.99 39.94
C ALA B 261 -25.21 31.56 40.92
N PHE B 262 -24.86 30.28 40.91
CA PHE B 262 -23.77 29.74 41.71
C PHE B 262 -23.43 28.36 41.15
N HIS B 263 -22.13 28.09 41.03
CA HIS B 263 -21.64 26.80 40.55
C HIS B 263 -22.33 25.70 41.35
N ARG B 264 -23.08 24.82 40.67
CA ARG B 264 -23.95 23.89 41.38
C ARG B 264 -23.50 22.47 41.10
N TYR B 265 -23.36 21.68 42.16
CA TYR B 265 -22.57 20.47 42.11
C TYR B 265 -23.42 19.24 42.44
N GLY B 266 -23.37 18.25 41.56
CA GLY B 266 -24.08 17.00 41.77
C GLY B 266 -23.25 15.78 41.47
N THR B 267 -23.34 14.72 42.28
CA THR B 267 -22.35 13.65 42.28
C THR B 267 -22.94 12.32 41.81
N THR B 268 -22.05 11.38 41.45
CA THR B 268 -22.40 10.02 41.11
C THR B 268 -21.14 9.15 41.08
N VAL B 269 -21.20 8.00 41.75
CA VAL B 269 -20.04 7.12 41.89
C VAL B 269 -20.46 5.70 41.54
N ASN B 270 -19.62 5.01 40.78
CA ASN B 270 -19.91 3.68 40.29
C ASN B 270 -18.69 2.79 40.51
N CYS B 271 -18.93 1.60 41.05
CA CYS B 271 -17.86 0.72 41.49
C CYS B 271 -17.40 -0.19 40.36
N ILE B 272 -16.12 -0.62 40.41
CA ILE B 272 -15.51 -1.40 39.34
C ILE B 272 -14.50 -2.37 39.94
N VAL B 273 -14.79 -3.66 39.80
CA VAL B 273 -13.83 -4.72 40.08
C VAL B 273 -13.70 -5.54 38.81
N GLU B 274 -12.46 -5.81 38.40
CA GLU B 274 -12.18 -6.35 37.09
C GLU B 274 -11.01 -7.31 37.15
N GLU B 275 -11.28 -8.59 37.32
CA GLU B 275 -10.20 -9.55 37.24
C GLU B 275 -9.79 -9.70 35.78
N VAL B 276 -8.49 -9.81 35.55
CA VAL B 276 -7.93 -9.80 34.22
C VAL B 276 -6.69 -10.69 34.18
N ASP B 277 -6.12 -10.79 32.97
CA ASP B 277 -4.96 -11.61 32.68
C ASP B 277 -3.70 -10.74 32.72
N ALA B 278 -2.62 -11.32 33.24
CA ALA B 278 -1.45 -10.52 33.60
C ALA B 278 -0.17 -11.20 33.14
N ARG B 279 0.80 -10.38 32.72
CA ARG B 279 2.04 -10.90 32.14
C ARG B 279 3.24 -10.19 32.73
N SER B 280 3.91 -10.82 33.68
CA SER B 280 5.25 -10.39 34.02
C SER B 280 6.17 -10.98 32.98
N VAL B 281 7.26 -10.30 32.66
CA VAL B 281 8.20 -10.84 31.68
C VAL B 281 9.58 -10.88 32.32
N TYR B 282 10.28 -11.97 32.06
CA TYR B 282 11.62 -12.12 32.58
C TYR B 282 12.54 -11.12 31.91
N PRO B 283 13.52 -10.55 32.64
CA PRO B 283 14.07 -10.86 33.97
C PRO B 283 13.19 -10.55 35.19
N TYR B 284 11.88 -10.43 35.02
CA TYR B 284 10.94 -10.43 36.13
C TYR B 284 11.25 -9.34 37.13
N ASP B 285 11.07 -8.10 36.72
CA ASP B 285 11.17 -7.00 37.68
C ASP B 285 9.91 -6.13 37.64
N GLU B 286 8.78 -6.69 37.23
CA GLU B 286 7.72 -5.90 36.63
C GLU B 286 6.56 -6.83 36.34
N PHE B 287 5.48 -6.24 35.82
CA PHE B 287 4.38 -7.01 35.27
C PHE B 287 3.46 -6.05 34.52
N VAL B 288 2.89 -6.53 33.42
CA VAL B 288 2.04 -5.72 32.56
C VAL B 288 0.62 -6.24 32.70
N LEU B 289 -0.35 -5.37 32.41
CA LEU B 289 -1.74 -5.57 32.77
C LEU B 289 -2.58 -5.69 31.51
N ALA B 290 -3.83 -6.13 31.69
CA ALA B 290 -4.77 -6.34 30.59
C ALA B 290 -5.59 -5.10 30.28
N THR B 291 -5.40 -4.01 31.02
CA THR B 291 -6.14 -2.78 30.80
C THR B 291 -5.33 -1.80 29.96
N GLY B 292 -4.05 -2.08 29.76
CA GLY B 292 -3.18 -1.12 29.10
C GLY B 292 -2.32 -0.37 30.09
N ASP B 293 -1.86 -1.07 31.12
CA ASP B 293 -1.06 -0.48 32.19
C ASP B 293 0.19 -1.32 32.37
N PHE B 294 1.27 -0.67 32.75
CA PHE B 294 2.48 -1.36 33.20
C PHE B 294 2.85 -0.90 34.60
N VAL B 295 3.46 -1.82 35.36
CA VAL B 295 4.06 -1.48 36.65
C VAL B 295 5.30 -2.34 36.83
N TYR B 296 6.23 -1.83 37.63
CA TYR B 296 7.47 -2.48 38.01
C TYR B 296 7.21 -3.30 39.27
N MET B 297 8.26 -3.57 40.06
CA MET B 297 8.13 -4.30 41.31
C MET B 297 7.71 -5.74 41.07
N SER B 298 8.66 -6.54 40.60
CA SER B 298 8.44 -7.92 40.16
C SER B 298 7.38 -8.62 40.99
N PRO B 299 6.41 -9.28 40.36
CA PRO B 299 5.24 -9.78 41.08
C PRO B 299 5.52 -10.82 42.14
N PHE B 300 6.66 -11.49 42.08
CA PHE B 300 7.04 -12.45 43.13
C PHE B 300 7.46 -11.61 44.33
N TYR B 301 6.50 -10.92 44.94
CA TYR B 301 6.83 -10.12 46.12
C TYR B 301 6.19 -10.69 47.38
N GLY B 302 5.63 -11.89 47.32
CA GLY B 302 5.09 -12.50 48.51
C GLY B 302 6.14 -12.63 49.60
N TYR B 303 5.67 -12.68 50.84
CA TYR B 303 6.58 -12.66 51.98
C TYR B 303 7.34 -13.96 52.11
N ARG B 304 6.78 -15.06 51.62
CA ARG B 304 7.37 -16.38 51.82
C ARG B 304 8.30 -16.75 50.66
N GLU B 305 8.98 -17.89 50.82
CA GLU B 305 9.86 -18.46 49.82
C GLU B 305 11.07 -17.56 49.54
N GLY B 306 11.22 -16.48 50.30
CA GLY B 306 12.31 -15.56 50.07
C GLY B 306 12.07 -14.64 48.90
N SER B 307 10.82 -14.62 48.41
CA SER B 307 10.48 -13.81 47.24
C SER B 307 10.59 -12.31 47.52
N HIS B 308 10.81 -11.92 48.78
CA HIS B 308 11.02 -10.51 49.09
C HIS B 308 12.17 -9.89 48.31
N THR B 309 13.25 -10.64 48.08
CA THR B 309 14.37 -10.09 47.32
C THR B 309 14.03 -9.91 45.85
N GLU B 310 13.06 -10.68 45.34
CA GLU B 310 12.56 -10.48 43.99
C GLU B 310 12.06 -9.04 43.83
N HIS B 311 12.33 -8.48 42.64
CA HIS B 311 12.36 -7.04 42.48
C HIS B 311 11.15 -6.32 43.03
N THR B 312 11.41 -5.26 43.79
CA THR B 312 10.39 -4.29 44.14
C THR B 312 10.85 -2.94 43.65
N SER B 313 9.87 -2.13 43.23
CA SER B 313 10.14 -0.77 42.82
C SER B 313 9.27 0.15 43.66
N TYR B 314 8.32 -0.45 44.36
CA TYR B 314 7.35 0.30 45.15
C TYR B 314 7.53 -0.15 46.60
N ALA B 315 7.35 0.78 47.53
CA ALA B 315 7.48 0.48 48.95
C ALA B 315 6.54 -0.65 49.35
N ALA B 316 6.84 -1.32 50.46
CA ALA B 316 6.01 -2.41 50.97
C ALA B 316 4.76 -1.90 51.65
N ASP B 317 4.41 -0.62 51.47
CA ASP B 317 3.25 -0.03 52.13
C ASP B 317 1.93 -0.53 51.57
N ARG B 318 1.87 -0.86 50.27
CA ARG B 318 0.63 -1.30 49.64
C ARG B 318 0.71 -2.71 49.09
N PHE B 319 1.64 -3.54 49.56
CA PHE B 319 1.65 -4.96 49.25
C PHE B 319 0.90 -5.70 50.35
N LYS B 320 -0.24 -6.28 50.00
CA LYS B 320 -1.10 -6.94 50.97
C LYS B 320 -1.20 -8.40 50.60
N GLN B 321 -0.46 -9.24 51.31
CA GLN B 321 -0.42 -10.66 51.03
C GLN B 321 -1.44 -11.37 51.90
N VAL B 322 -2.59 -11.69 51.34
CA VAL B 322 -3.59 -12.50 52.03
C VAL B 322 -3.51 -13.88 51.39
N ASP B 323 -2.87 -14.81 52.09
CA ASP B 323 -2.95 -16.21 51.70
C ASP B 323 -4.24 -16.80 52.23
N GLY B 324 -4.67 -17.91 51.63
CA GLY B 324 -5.96 -18.45 51.96
C GLY B 324 -7.03 -17.44 51.61
N PHE B 325 -6.67 -16.52 50.71
CA PHE B 325 -7.60 -15.49 50.25
C PHE B 325 -8.17 -15.94 48.92
N TYR B 326 -9.33 -16.56 48.96
CA TYR B 326 -10.03 -16.90 47.74
C TYR B 326 -10.38 -15.61 47.00
N ALA B 327 -10.90 -15.77 45.79
CA ALA B 327 -11.48 -14.67 45.05
C ALA B 327 -12.96 -14.95 44.90
N ARG B 328 -13.78 -14.14 45.55
CA ARG B 328 -15.23 -14.29 45.51
C ARG B 328 -15.66 -14.25 44.06
N ASP B 329 -16.49 -15.21 43.66
CA ASP B 329 -17.06 -15.12 42.34
C ASP B 329 -17.95 -13.90 42.29
N LEU B 330 -17.44 -12.83 41.68
CA LEU B 330 -18.14 -11.57 41.60
C LEU B 330 -19.17 -11.55 40.48
N THR B 331 -19.16 -12.54 39.58
CA THR B 331 -20.35 -12.76 38.77
C THR B 331 -21.51 -13.23 39.63
N THR B 332 -21.20 -13.77 40.81
CA THR B 332 -22.21 -14.23 41.76
C THR B 332 -22.05 -13.65 43.14
N LYS B 333 -21.06 -12.79 43.39
CA LYS B 333 -20.77 -12.26 44.72
C LYS B 333 -20.63 -13.41 45.71
N ALA B 334 -20.15 -14.56 45.24
CA ALA B 334 -20.08 -15.77 46.06
C ALA B 334 -18.64 -16.22 46.12
N ARG B 335 -18.25 -16.87 47.21
CA ARG B 335 -16.92 -17.42 47.33
C ARG B 335 -16.58 -18.29 46.13
N ALA B 336 -15.38 -18.12 45.59
CA ALA B 336 -14.88 -18.96 44.51
C ALA B 336 -13.36 -19.01 44.62
N THR B 337 -12.73 -19.78 43.72
CA THR B 337 -11.28 -19.83 43.64
C THR B 337 -10.67 -20.22 44.97
N ALA B 338 -10.82 -21.50 45.35
CA ALA B 338 -10.50 -22.04 46.68
C ALA B 338 -9.29 -21.36 47.28
N PRO B 339 -9.34 -21.04 48.58
CA PRO B 339 -8.56 -19.92 49.13
C PRO B 339 -7.16 -19.79 48.56
N THR B 340 -6.84 -18.59 48.08
CA THR B 340 -5.72 -18.39 47.19
C THR B 340 -4.75 -17.39 47.79
N THR B 341 -3.47 -17.53 47.43
CA THR B 341 -2.44 -16.56 47.80
C THR B 341 -2.61 -15.31 46.94
N ARG B 342 -3.45 -14.40 47.41
CA ARG B 342 -3.68 -13.18 46.67
C ARG B 342 -2.90 -12.02 47.28
N ASN B 343 -2.03 -11.45 46.46
CA ASN B 343 -1.30 -10.25 46.84
C ASN B 343 -2.01 -9.06 46.21
N LEU B 344 -2.07 -7.96 46.94
CA LEU B 344 -2.83 -6.79 46.53
C LEU B 344 -1.92 -5.58 46.55
N LEU B 345 -1.85 -4.89 45.42
CA LEU B 345 -1.23 -3.57 45.35
C LEU B 345 -2.34 -2.57 45.09
N THR B 346 -2.70 -1.82 46.11
CA THR B 346 -3.63 -0.71 45.94
C THR B 346 -2.88 0.39 45.19
N THR B 347 -2.79 0.23 43.87
CA THR B 347 -2.11 1.19 43.02
C THR B 347 -2.76 2.56 43.15
N PRO B 348 -2.09 3.62 42.67
CA PRO B 348 -2.68 4.96 42.79
C PRO B 348 -4.01 5.12 42.07
N LYS B 349 -4.41 4.11 41.32
CA LYS B 349 -5.60 4.23 40.48
C LYS B 349 -6.56 3.08 40.75
N PHE B 350 -6.01 1.97 41.24
CA PHE B 350 -6.78 0.74 41.41
C PHE B 350 -6.05 -0.11 42.43
N THR B 351 -6.51 -1.34 42.57
CA THR B 351 -5.82 -2.34 43.37
C THR B 351 -5.73 -3.62 42.54
N VAL B 352 -4.57 -4.25 42.58
CA VAL B 352 -4.31 -5.51 41.90
C VAL B 352 -4.33 -6.62 42.94
N ALA B 353 -5.05 -7.68 42.66
CA ALA B 353 -5.04 -8.87 43.50
C ALA B 353 -4.69 -10.05 42.63
N TRP B 354 -3.60 -10.73 42.95
CA TRP B 354 -3.05 -11.70 42.02
C TRP B 354 -2.52 -12.90 42.78
N ASP B 355 -2.67 -14.07 42.15
CA ASP B 355 -2.06 -15.28 42.68
C ASP B 355 -0.55 -15.08 42.74
N TRP B 356 0.03 -15.48 43.85
CA TRP B 356 1.47 -15.33 44.07
C TRP B 356 2.13 -16.70 43.90
N VAL B 357 3.34 -16.71 43.37
CA VAL B 357 4.08 -17.95 43.13
C VAL B 357 5.54 -17.77 43.52
N PRO B 358 6.31 -18.85 43.67
CA PRO B 358 7.76 -18.72 43.84
C PRO B 358 8.39 -18.01 42.66
N LYS B 359 9.70 -17.74 42.80
CA LYS B 359 10.47 -16.92 41.87
C LYS B 359 10.15 -17.21 40.41
N ARG B 360 9.89 -18.47 40.08
CA ARG B 360 9.72 -18.92 38.71
C ARG B 360 10.95 -18.60 37.89
N PRO B 361 12.06 -19.31 38.10
CA PRO B 361 13.25 -19.12 37.25
C PRO B 361 12.99 -19.43 35.79
N SER B 362 13.98 -19.21 34.92
CA SER B 362 13.78 -19.36 33.48
C SER B 362 14.88 -20.15 32.78
N VAL B 363 15.52 -21.08 33.50
CA VAL B 363 16.52 -21.95 32.88
C VAL B 363 15.81 -23.03 32.08
N CYS B 364 16.28 -23.29 30.86
CA CYS B 364 17.47 -22.70 30.26
C CYS B 364 17.10 -21.46 29.45
N THR B 365 17.67 -20.31 29.83
CA THR B 365 17.30 -19.03 29.22
C THR B 365 17.67 -18.97 27.75
N MET B 366 18.96 -19.09 27.44
CA MET B 366 19.43 -18.94 26.07
C MET B 366 18.90 -20.07 25.21
N THR B 367 18.18 -19.71 24.15
CA THR B 367 17.44 -20.68 23.35
C THR B 367 17.66 -20.37 21.88
N LYS B 368 17.84 -21.42 21.09
CA LYS B 368 18.17 -21.25 19.68
C LYS B 368 17.14 -20.37 19.00
N TRP B 369 17.56 -19.19 18.56
CA TRP B 369 16.65 -18.41 17.74
C TRP B 369 16.31 -19.16 16.46
N GLN B 370 17.32 -19.52 15.67
CA GLN B 370 17.13 -20.29 14.44
C GLN B 370 18.38 -21.12 14.17
N GLU B 371 18.25 -22.08 13.26
CA GLU B 371 19.40 -22.77 12.68
C GLU B 371 19.48 -22.40 11.19
N VAL B 372 20.54 -21.70 10.81
CA VAL B 372 20.68 -21.16 9.46
C VAL B 372 21.75 -21.96 8.73
N ASP B 373 21.34 -22.66 7.67
CA ASP B 373 22.28 -23.42 6.85
C ASP B 373 23.29 -22.49 6.21
N GLU B 374 22.81 -21.63 5.31
CA GLU B 374 23.67 -20.71 4.57
C GLU B 374 24.08 -19.61 5.53
N MET B 375 25.37 -19.52 5.80
CA MET B 375 25.92 -18.52 6.70
C MET B 375 27.32 -18.19 6.23
N LEU B 376 27.61 -16.91 6.10
CA LEU B 376 28.89 -16.47 5.54
C LEU B 376 29.54 -15.43 6.45
N ARG B 377 30.85 -15.57 6.66
CA ARG B 377 31.63 -14.61 7.43
C ARG B 377 32.43 -13.75 6.48
N SER B 378 32.08 -12.48 6.38
CA SER B 378 32.97 -11.51 5.76
C SER B 378 33.82 -10.90 6.87
N GLU B 379 35.06 -11.34 6.99
CA GLU B 379 35.97 -10.74 7.96
C GLU B 379 36.32 -9.35 7.44
N TYR B 380 35.57 -8.36 7.88
CA TYR B 380 35.59 -7.07 7.22
C TYR B 380 35.29 -5.97 8.21
N GLY B 381 35.71 -4.76 7.88
CA GLY B 381 35.53 -3.63 8.75
C GLY B 381 36.01 -3.84 10.17
N GLY B 382 37.07 -4.63 10.35
CA GLY B 382 37.52 -4.98 11.68
C GLY B 382 36.53 -5.86 12.41
N SER B 383 35.71 -6.57 11.66
CA SER B 383 34.69 -7.41 12.27
C SER B 383 34.34 -8.57 11.37
N PHE B 384 33.67 -9.56 11.94
CA PHE B 384 33.01 -10.58 11.16
C PHE B 384 31.60 -10.10 10.86
N ARG B 385 31.19 -10.24 9.60
CA ARG B 385 29.83 -9.90 9.20
C ARG B 385 29.18 -11.20 8.77
N PHE B 386 28.22 -11.64 9.57
CA PHE B 386 27.51 -12.89 9.38
C PHE B 386 26.31 -12.61 8.49
N SER B 387 26.31 -13.23 7.31
CA SER B 387 25.31 -13.00 6.29
C SER B 387 24.52 -14.28 6.05
N SER B 388 23.20 -14.15 5.99
CA SER B 388 22.28 -15.25 5.71
C SER B 388 21.28 -14.82 4.66
N ASP B 389 21.51 -15.25 3.42
CA ASP B 389 20.45 -15.37 2.42
C ASP B 389 19.64 -16.63 2.62
N ALA B 390 19.77 -17.28 3.78
CA ALA B 390 18.88 -18.35 4.17
C ALA B 390 17.82 -17.89 5.16
N ILE B 391 18.14 -16.93 6.03
CA ILE B 391 17.14 -16.30 6.88
C ILE B 391 17.18 -14.78 6.77
N SER B 392 17.89 -14.23 5.78
CA SER B 392 17.86 -12.81 5.46
C SER B 392 18.37 -11.92 6.60
N THR B 393 19.62 -12.09 7.00
CA THR B 393 20.19 -11.20 7.98
C THR B 393 21.63 -10.86 7.63
N THR B 394 22.08 -9.72 8.15
CA THR B 394 23.50 -9.35 8.10
C THR B 394 23.88 -8.74 9.44
N PHE B 395 24.35 -9.57 10.34
CA PHE B 395 24.89 -9.03 11.58
C PHE B 395 26.36 -8.71 11.41
N THR B 396 26.82 -7.79 12.24
CA THR B 396 28.24 -7.47 12.34
C THR B 396 28.65 -7.80 13.76
N THR B 397 29.19 -9.00 13.95
CA THR B 397 29.33 -9.59 15.27
C THR B 397 30.80 -9.64 15.67
N ASN B 398 31.04 -10.06 16.90
CA ASN B 398 32.37 -10.20 17.44
C ASN B 398 33.09 -11.40 16.81
N LEU B 399 34.41 -11.31 16.77
CA LEU B 399 35.26 -12.32 16.16
C LEU B 399 35.45 -13.55 17.04
N THR B 400 35.52 -13.36 18.35
CA THR B 400 35.81 -14.46 19.26
C THR B 400 34.55 -15.23 19.58
N GLU B 401 34.70 -16.20 20.47
CA GLU B 401 33.61 -17.11 20.78
C GLU B 401 33.05 -16.81 22.17
N TYR B 402 31.78 -16.45 22.23
CA TYR B 402 31.11 -16.25 23.50
C TYR B 402 31.10 -17.54 24.32
N PRO B 403 31.88 -17.62 25.39
CA PRO B 403 32.03 -18.87 26.12
C PRO B 403 30.79 -19.23 26.92
N LEU B 404 30.81 -20.45 27.45
CA LEU B 404 29.80 -20.87 28.40
C LEU B 404 29.76 -19.97 29.63
N SER B 405 30.81 -19.17 29.86
CA SER B 405 30.91 -18.40 31.09
C SER B 405 30.22 -17.05 30.99
N ARG B 406 30.44 -16.32 29.90
CA ARG B 406 29.94 -14.95 29.81
C ARG B 406 28.42 -14.87 29.83
N VAL B 407 27.73 -15.98 29.63
CA VAL B 407 26.28 -16.06 29.84
C VAL B 407 26.01 -17.24 30.77
N ASP B 408 24.87 -17.20 31.43
CA ASP B 408 24.51 -18.21 32.43
C ASP B 408 24.10 -19.51 31.73
N LEU B 409 24.68 -20.63 32.17
CA LEU B 409 24.28 -21.97 31.77
C LEU B 409 24.36 -22.20 30.26
N GLY B 410 25.57 -22.18 29.70
CA GLY B 410 25.74 -22.32 28.27
C GLY B 410 25.95 -23.72 27.75
N ASP B 411 25.60 -24.74 28.53
CA ASP B 411 25.78 -26.11 28.06
C ASP B 411 24.56 -26.61 27.29
N CYS B 412 23.35 -26.40 27.85
CA CYS B 412 22.13 -26.75 27.13
C CYS B 412 22.13 -26.18 25.73
N ILE B 413 22.62 -24.95 25.59
CA ILE B 413 22.80 -24.34 24.28
C ILE B 413 23.69 -25.19 23.39
N GLY B 414 24.80 -25.68 23.95
CA GLY B 414 25.71 -26.48 23.15
C GLY B 414 25.09 -27.77 22.66
N LYS B 415 24.33 -28.44 23.55
CA LYS B 415 23.60 -29.62 23.13
C LYS B 415 22.63 -29.28 22.00
N ASP B 416 21.82 -28.24 22.21
CA ASP B 416 20.83 -27.84 21.21
C ASP B 416 21.49 -27.52 19.88
N ALA B 417 22.67 -26.91 19.93
CA ALA B 417 23.37 -26.53 18.70
C ALA B 417 23.91 -27.75 17.99
N ARG B 418 24.47 -28.70 18.73
CA ARG B 418 24.84 -29.98 18.14
C ARG B 418 23.66 -30.59 17.41
N ASP B 419 22.49 -30.57 18.06
CA ASP B 419 21.29 -31.14 17.45
C ASP B 419 20.93 -30.41 16.16
N ALA B 420 20.88 -29.08 16.23
CA ALA B 420 20.52 -28.29 15.06
C ALA B 420 21.47 -28.57 13.90
N MET B 421 22.77 -28.60 14.19
CA MET B 421 23.77 -28.78 13.15
C MET B 421 23.64 -30.16 12.49
N ASP B 422 23.51 -31.21 13.30
CA ASP B 422 23.40 -32.54 12.69
C ASP B 422 22.11 -32.67 11.89
N ARG B 423 21.02 -32.08 12.37
CA ARG B 423 19.78 -32.09 11.61
C ARG B 423 19.96 -31.39 10.27
N ILE B 424 20.65 -30.25 10.28
CA ILE B 424 20.89 -29.51 9.04
C ILE B 424 21.68 -30.36 8.06
N PHE B 425 22.81 -30.90 8.52
CA PHE B 425 23.59 -31.79 7.67
C PHE B 425 22.73 -32.88 7.07
N ALA B 426 22.09 -33.65 7.93
CA ALA B 426 21.32 -34.81 7.46
C ALA B 426 20.23 -34.38 6.50
N ARG B 427 19.65 -33.21 6.72
CA ARG B 427 18.54 -32.78 5.88
C ARG B 427 19.02 -32.29 4.52
N ARG B 428 20.27 -31.87 4.41
CA ARG B 428 20.67 -31.44 3.08
C ARG B 428 22.03 -31.96 2.63
N TYR B 429 22.89 -32.35 3.55
CA TYR B 429 24.32 -32.41 3.24
C TYR B 429 24.98 -33.77 3.44
N ASN B 430 24.23 -34.87 3.33
CA ASN B 430 24.87 -36.19 3.36
C ASN B 430 26.07 -36.25 2.43
N ALA B 431 25.96 -35.70 1.24
CA ALA B 431 27.06 -35.63 0.30
C ALA B 431 27.10 -34.27 -0.40
N THR B 432 26.96 -33.19 0.36
CA THR B 432 26.86 -31.86 -0.24
C THR B 432 28.04 -30.96 0.07
N HIS B 433 28.62 -31.07 1.26
CA HIS B 433 29.73 -30.21 1.65
C HIS B 433 30.69 -30.98 2.55
N ILE B 434 31.73 -30.28 2.99
CA ILE B 434 32.77 -30.87 3.84
C ILE B 434 32.77 -30.14 5.18
N LYS B 435 32.67 -30.90 6.27
CA LYS B 435 32.79 -30.32 7.60
C LYS B 435 34.22 -29.92 7.89
N VAL B 436 34.40 -28.71 8.40
CA VAL B 436 35.70 -28.20 8.82
C VAL B 436 35.49 -27.30 10.03
N GLY B 437 36.24 -27.56 11.10
CA GLY B 437 36.21 -26.70 12.25
C GLY B 437 35.12 -27.07 13.24
N GLN B 438 35.14 -26.38 14.38
CA GLN B 438 34.19 -26.63 15.42
C GLN B 438 32.94 -25.80 15.18
N PRO B 439 31.95 -25.92 16.05
CA PRO B 439 31.04 -24.78 16.26
C PRO B 439 31.77 -23.68 17.00
N GLN B 440 31.42 -22.43 16.69
CA GLN B 440 32.12 -21.27 17.21
C GLN B 440 31.10 -20.20 17.55
N TYR B 441 31.25 -19.57 18.71
CA TYR B 441 30.26 -18.63 19.24
C TYR B 441 30.57 -17.26 18.69
N TYR B 442 29.53 -16.47 18.44
CA TYR B 442 29.69 -15.09 17.99
C TYR B 442 28.54 -14.24 18.49
N LEU B 443 28.86 -13.09 19.06
CA LEU B 443 27.86 -12.21 19.64
C LEU B 443 27.43 -11.17 18.61
N ALA B 444 26.30 -11.42 17.96
CA ALA B 444 25.55 -10.34 17.34
C ALA B 444 24.92 -9.53 18.47
N ASN B 445 25.54 -8.39 18.76
CA ASN B 445 25.25 -7.66 19.98
C ASN B 445 23.79 -7.31 20.10
N GLY B 446 23.34 -7.06 21.33
CA GLY B 446 21.94 -7.03 21.67
C GLY B 446 21.43 -8.37 22.17
N GLY B 447 22.28 -9.39 22.18
CA GLY B 447 21.91 -10.68 22.70
C GLY B 447 21.51 -11.72 21.66
N PHE B 448 22.32 -11.86 20.61
CA PHE B 448 22.11 -12.90 19.61
C PHE B 448 23.36 -13.77 19.51
N LEU B 449 23.23 -15.05 19.84
CA LEU B 449 24.37 -15.95 19.84
C LEU B 449 24.44 -16.68 18.51
N ILE B 450 25.67 -16.88 18.02
CA ILE B 450 25.88 -17.50 16.72
C ILE B 450 26.91 -18.61 16.85
N ALA B 451 26.45 -19.85 17.00
CA ALA B 451 27.36 -20.98 16.87
C ALA B 451 27.60 -21.24 15.38
N TYR B 452 28.79 -21.73 15.06
CA TYR B 452 29.06 -21.96 13.64
C TYR B 452 29.76 -23.29 13.47
N GLN B 453 29.40 -23.97 12.41
CA GLN B 453 30.16 -25.12 11.94
C GLN B 453 30.45 -24.87 10.48
N PRO B 454 31.70 -24.52 10.17
CA PRO B 454 32.03 -24.15 8.79
C PRO B 454 31.95 -25.33 7.85
N LEU B 455 31.79 -25.00 6.56
CA LEU B 455 31.70 -25.99 5.51
C LEU B 455 32.76 -25.75 4.48
N LEU B 456 32.79 -26.64 3.50
CA LEU B 456 33.55 -26.45 2.26
C LEU B 456 32.72 -26.92 1.10
N SER B 457 32.67 -26.13 0.04
CA SER B 457 32.15 -26.60 -1.23
C SER B 457 33.07 -27.65 -1.82
N ASN B 458 32.52 -28.45 -2.72
CA ASN B 458 33.26 -29.53 -3.33
C ASN B 458 34.18 -29.05 -4.43
N THR B 459 34.37 -27.74 -4.55
CA THR B 459 35.31 -27.15 -5.48
C THR B 459 36.71 -27.49 -4.97
N LEU B 460 37.49 -28.15 -5.82
CA LEU B 460 38.78 -28.69 -5.41
C LEU B 460 38.63 -29.57 -4.18
N ALA B 461 37.95 -30.71 -4.34
CA ALA B 461 37.63 -31.60 -3.23
C ALA B 461 38.87 -32.20 -2.57
N GLU B 462 40.07 -31.80 -3.00
CA GLU B 462 41.30 -32.42 -2.54
C GLU B 462 41.94 -31.69 -1.36
N LEU B 463 41.52 -30.47 -1.05
CA LEU B 463 42.25 -29.60 -0.14
C LEU B 463 41.65 -29.54 1.26
N TYR B 464 41.10 -30.65 1.75
CA TYR B 464 40.47 -30.63 3.07
C TYR B 464 41.49 -30.37 4.17
N VAL B 465 42.51 -31.23 4.29
CA VAL B 465 43.45 -31.11 5.40
C VAL B 465 44.10 -29.73 5.39
N ARG B 466 44.38 -29.21 4.20
CA ARG B 466 44.98 -27.88 4.10
C ARG B 466 43.99 -26.80 4.48
N GLU B 467 42.77 -26.86 3.92
CA GLU B 467 41.86 -25.73 4.08
C GLU B 467 41.36 -25.62 5.50
N HIS B 468 41.18 -26.75 6.21
CA HIS B 468 40.73 -26.61 7.59
C HIS B 468 41.75 -25.83 8.39
N LEU B 469 43.04 -26.03 8.14
CA LEU B 469 44.06 -25.18 8.74
C LEU B 469 43.96 -23.74 8.23
N ARG B 470 43.94 -23.59 6.90
CA ARG B 470 44.11 -22.26 6.31
C ARG B 470 43.00 -21.32 6.75
N GLU B 471 41.84 -21.87 7.09
CA GLU B 471 40.77 -20.98 7.49
C GLU B 471 40.37 -21.17 8.95
N GLN B 472 40.95 -22.15 9.67
CA GLN B 472 40.94 -22.02 11.12
C GLN B 472 41.96 -20.99 11.55
N SER B 473 42.73 -20.48 10.59
CA SER B 473 43.56 -19.29 10.79
C SER B 473 42.76 -18.03 11.16
N ARG B 474 41.43 -18.12 11.34
CA ARG B 474 40.61 -16.95 11.62
C ARG B 474 39.57 -17.17 12.71
N LYS B 475 39.76 -18.14 13.61
CA LYS B 475 38.72 -18.44 14.60
C LYS B 475 38.37 -17.29 15.52
N PRO B 476 39.26 -16.80 16.40
CA PRO B 476 38.77 -15.86 17.41
C PRO B 476 38.58 -14.45 16.86
N SER B 491 72.38 -29.63 -8.87
CA SER B 491 72.45 -30.03 -7.46
C SER B 491 71.54 -31.21 -7.19
N VAL B 492 71.77 -31.89 -6.07
CA VAL B 492 70.96 -33.02 -5.65
C VAL B 492 69.94 -32.51 -4.65
N GLU B 493 68.68 -32.42 -5.08
CA GLU B 493 67.63 -31.88 -4.25
C GLU B 493 66.49 -32.89 -4.14
N ARG B 494 65.83 -32.88 -3.00
CA ARG B 494 64.60 -33.64 -2.83
C ARG B 494 63.42 -32.71 -3.00
N ILE B 495 62.42 -33.17 -3.75
CA ILE B 495 61.26 -32.34 -4.06
C ILE B 495 60.40 -32.36 -2.81
N LYS B 496 60.66 -31.41 -1.92
CA LYS B 496 59.98 -31.32 -0.62
C LYS B 496 58.81 -30.38 -0.77
N THR B 497 57.63 -30.94 -0.98
CA THR B 497 56.42 -30.14 -1.10
C THR B 497 55.39 -30.63 -0.11
N THR B 498 54.20 -30.05 -0.14
CA THR B 498 53.04 -30.67 0.47
C THR B 498 52.87 -32.05 -0.13
N SER B 499 52.19 -32.94 0.61
CA SER B 499 52.09 -34.37 0.31
C SER B 499 51.96 -34.61 -1.19
N SER B 500 51.12 -33.82 -1.84
CA SER B 500 51.19 -33.60 -3.27
C SER B 500 51.30 -32.11 -3.50
N ILE B 501 52.41 -31.69 -4.14
CA ILE B 501 52.58 -30.29 -4.51
C ILE B 501 51.32 -29.69 -5.11
N GLU B 502 50.46 -30.52 -5.72
CA GLU B 502 49.16 -30.04 -6.16
C GLU B 502 48.40 -29.35 -5.04
N PHE B 503 48.50 -29.87 -3.82
CA PHE B 503 47.90 -29.15 -2.70
C PHE B 503 48.43 -27.74 -2.62
N ALA B 504 49.75 -27.57 -2.66
CA ALA B 504 50.32 -26.25 -2.79
C ALA B 504 49.94 -25.62 -4.12
N ARG B 505 49.87 -26.41 -5.19
CA ARG B 505 49.32 -25.88 -6.44
C ARG B 505 47.91 -25.35 -6.21
N LEU B 506 47.01 -26.20 -5.72
CA LEU B 506 45.60 -25.86 -5.68
C LEU B 506 45.32 -24.79 -4.64
N GLN B 507 46.10 -24.77 -3.55
CA GLN B 507 46.05 -23.65 -2.61
C GLN B 507 46.15 -22.32 -3.32
N PHE B 508 47.02 -22.26 -4.35
CA PHE B 508 47.09 -21.08 -5.21
C PHE B 508 45.70 -20.70 -5.71
N THR B 509 45.08 -21.58 -6.48
CA THR B 509 43.83 -21.20 -7.14
C THR B 509 42.71 -21.07 -6.11
N TYR B 510 42.82 -21.81 -5.00
CA TYR B 510 41.93 -21.59 -3.88
C TYR B 510 41.85 -20.11 -3.53
N ASN B 511 43.01 -19.47 -3.39
CA ASN B 511 43.02 -18.02 -3.17
C ASN B 511 42.32 -17.30 -4.31
N HIS B 512 42.70 -17.65 -5.54
CA HIS B 512 42.10 -17.06 -6.73
C HIS B 512 40.66 -17.55 -6.90
N ILE B 513 40.29 -18.59 -6.17
CA ILE B 513 38.88 -18.95 -6.05
C ILE B 513 38.22 -18.10 -4.98
N GLN B 514 38.92 -17.89 -3.86
CA GLN B 514 38.34 -17.20 -2.70
C GLN B 514 37.58 -15.96 -3.11
N ARG B 515 38.31 -14.96 -3.61
CA ARG B 515 37.69 -13.68 -3.91
C ARG B 515 36.55 -13.81 -4.90
N PRO B 516 36.75 -14.30 -6.13
CA PRO B 516 35.61 -14.36 -7.07
C PRO B 516 34.41 -15.06 -6.50
N VAL B 517 34.60 -16.24 -5.92
CA VAL B 517 33.53 -16.88 -5.17
C VAL B 517 32.97 -15.91 -4.14
N ASN B 518 33.82 -15.44 -3.22
CA ASN B 518 33.39 -14.42 -2.27
C ASN B 518 32.72 -13.26 -2.97
N ASP B 519 33.26 -12.86 -4.14
CA ASP B 519 32.59 -11.85 -4.94
C ASP B 519 31.15 -12.25 -5.23
N MET B 520 30.97 -13.38 -5.92
CA MET B 520 29.62 -13.91 -6.15
C MET B 520 28.86 -14.01 -4.84
N LEU B 521 29.48 -14.64 -3.83
CA LEU B 521 28.88 -14.70 -2.51
C LEU B 521 28.41 -13.32 -2.06
N GLY B 522 29.29 -12.33 -2.11
CA GLY B 522 28.86 -10.97 -1.86
C GLY B 522 27.83 -10.53 -2.87
N ARG B 523 28.15 -10.70 -4.16
CA ARG B 523 27.28 -10.20 -5.23
C ARG B 523 25.85 -10.66 -5.05
N VAL B 524 25.63 -11.97 -5.04
CA VAL B 524 24.28 -12.51 -4.90
C VAL B 524 23.63 -11.95 -3.64
N ALA B 525 24.41 -11.84 -2.56
CA ALA B 525 23.87 -11.33 -1.31
C ALA B 525 23.26 -9.95 -1.51
N ILE B 526 23.96 -9.08 -2.23
CA ILE B 526 23.44 -7.74 -2.50
C ILE B 526 22.08 -7.84 -3.16
N ALA B 527 21.95 -8.71 -4.16
CA ALA B 527 20.64 -8.98 -4.72
C ALA B 527 19.66 -9.31 -3.61
N TRP B 528 19.95 -10.36 -2.86
CA TRP B 528 19.21 -10.67 -1.65
C TRP B 528 18.94 -9.42 -0.82
N CYS B 529 20.00 -8.65 -0.56
CA CYS B 529 19.87 -7.38 0.15
C CYS B 529 18.65 -6.62 -0.32
N GLU B 530 18.66 -6.23 -1.61
CA GLU B 530 17.52 -5.50 -2.15
C GLU B 530 16.23 -6.22 -1.80
N LEU B 531 16.11 -7.48 -2.22
CA LEU B 531 14.92 -8.27 -1.91
C LEU B 531 14.50 -8.06 -0.48
N GLN B 532 15.41 -8.34 0.46
CA GLN B 532 15.11 -8.07 1.87
C GLN B 532 14.73 -6.61 2.05
N ASN B 533 15.69 -5.72 1.80
CA ASN B 533 15.44 -4.29 1.92
C ASN B 533 14.25 -3.86 1.07
N HIS B 534 13.82 -4.72 0.15
CA HIS B 534 12.71 -4.38 -0.72
C HIS B 534 11.45 -4.10 0.08
N GLU B 535 11.17 -4.89 1.12
CA GLU B 535 9.78 -4.96 1.52
C GLU B 535 9.50 -4.45 2.93
N LEU B 536 10.54 -4.21 3.75
CA LEU B 536 10.33 -4.00 5.17
C LEU B 536 9.25 -2.96 5.44
N THR B 537 9.49 -1.72 5.02
CA THR B 537 8.54 -0.65 5.32
C THR B 537 7.14 -0.99 4.84
N LEU B 538 7.04 -1.67 3.70
CA LEU B 538 5.73 -2.00 3.15
C LEU B 538 4.91 -2.81 4.14
N TRP B 539 5.56 -3.75 4.84
CA TRP B 539 4.84 -4.47 5.88
C TRP B 539 4.23 -3.53 6.90
N ASN B 540 4.99 -2.51 7.32
CA ASN B 540 4.43 -1.47 8.17
C ASN B 540 3.19 -0.85 7.54
N GLU B 541 3.27 -0.54 6.24
CA GLU B 541 2.11 0.05 5.58
C GLU B 541 1.02 -0.99 5.37
N ALA B 542 1.40 -2.26 5.26
CA ALA B 542 0.39 -3.31 5.14
C ALA B 542 -0.58 -3.25 6.31
N ARG B 543 -0.04 -3.23 7.53
CA ARG B 543 -0.89 -3.08 8.70
C ARG B 543 -1.77 -1.85 8.61
N LYS B 544 -1.27 -0.77 7.99
CA LYS B 544 -2.08 0.44 7.87
C LYS B 544 -3.45 0.14 7.27
N LEU B 545 -3.51 -0.83 6.36
CA LEU B 545 -4.79 -1.47 6.08
C LEU B 545 -5.05 -2.59 7.07
N ASN B 546 -4.07 -3.45 7.30
CA ASN B 546 -4.43 -4.76 7.83
C ASN B 546 -3.61 -5.19 9.04
N PRO B 547 -3.96 -4.69 10.23
CA PRO B 547 -3.55 -5.43 11.43
C PRO B 547 -4.24 -6.77 11.49
N ASN B 548 -5.44 -6.85 10.92
CA ASN B 548 -6.07 -8.14 10.65
C ASN B 548 -5.08 -9.11 10.02
N ALA B 549 -4.59 -8.77 8.84
CA ALA B 549 -3.75 -9.71 8.11
C ALA B 549 -2.38 -9.84 8.74
N ILE B 550 -1.76 -8.71 9.12
CA ILE B 550 -0.44 -8.77 9.75
C ILE B 550 -0.48 -9.69 10.97
N ALA B 551 -1.56 -9.60 11.75
CA ALA B 551 -1.65 -10.42 12.94
C ALA B 551 -1.99 -11.86 12.59
N SER B 552 -2.86 -12.06 11.60
CA SER B 552 -3.24 -13.42 11.25
C SER B 552 -2.12 -14.11 10.48
N VAL B 553 -1.05 -13.39 10.15
CA VAL B 553 0.11 -14.07 9.58
C VAL B 553 1.21 -14.21 10.62
N THR B 554 1.70 -13.11 11.16
CA THR B 554 2.81 -13.18 12.09
C THR B 554 2.38 -13.74 13.44
N VAL B 555 1.22 -13.34 13.93
CA VAL B 555 0.55 -14.01 15.04
C VAL B 555 -0.03 -15.34 14.59
N GLY B 556 -0.76 -15.34 13.47
CA GLY B 556 -1.13 -16.58 12.83
C GLY B 556 -2.62 -16.79 12.69
N ARG B 557 -3.38 -16.45 13.71
CA ARG B 557 -4.83 -16.54 13.64
C ARG B 557 -5.50 -15.37 14.33
N ARG B 558 -4.71 -14.49 14.92
CA ARG B 558 -5.25 -13.43 15.74
C ARG B 558 -5.21 -12.11 14.97
N VAL B 559 -5.75 -11.07 15.59
CA VAL B 559 -6.13 -9.82 14.95
C VAL B 559 -5.81 -8.65 15.88
N SER B 560 -6.26 -7.45 15.49
CA SER B 560 -6.21 -6.27 16.36
C SER B 560 -4.81 -5.80 16.72
N ALA B 561 -4.11 -5.23 15.75
CA ALA B 561 -2.92 -4.43 16.01
C ALA B 561 -3.23 -2.99 15.63
N ARG B 562 -2.33 -2.07 15.98
CA ARG B 562 -2.53 -0.67 15.60
C ARG B 562 -1.25 0.12 15.78
N MET B 563 -1.24 1.32 15.20
CA MET B 563 -0.05 2.15 15.13
C MET B 563 -0.03 3.20 16.23
N LEU B 564 0.87 3.04 17.19
CA LEU B 564 1.11 4.06 18.21
C LEU B 564 2.38 4.84 17.87
N GLY B 565 2.24 5.74 16.90
CA GLY B 565 3.33 6.63 16.58
C GLY B 565 4.26 5.99 15.58
N ASP B 566 5.34 5.37 16.07
CA ASP B 566 6.18 4.52 15.26
C ASP B 566 6.34 3.11 15.85
N VAL B 567 5.34 2.61 16.58
CA VAL B 567 5.41 1.28 17.17
C VAL B 567 4.08 0.59 16.97
N MET B 568 4.08 -0.73 17.06
CA MET B 568 2.88 -1.52 16.83
C MET B 568 2.25 -1.93 18.16
N ALA B 569 0.95 -2.24 18.10
CA ALA B 569 0.14 -2.51 19.28
C ALA B 569 -0.69 -3.77 19.06
N VAL B 570 -0.67 -4.67 20.04
CA VAL B 570 -1.18 -6.03 19.88
C VAL B 570 -2.17 -6.35 21.01
N SER B 571 -3.11 -7.25 20.69
CA SER B 571 -4.03 -7.81 21.67
C SER B 571 -4.47 -9.18 21.19
N THR B 572 -4.11 -10.23 21.96
CA THR B 572 -4.40 -11.59 21.56
C THR B 572 -5.09 -12.34 22.70
N CYS B 573 -6.40 -12.16 22.83
CA CYS B 573 -7.15 -12.89 23.85
C CYS B 573 -8.54 -13.36 23.38
N VAL B 574 -9.04 -12.78 22.29
CA VAL B 574 -10.47 -12.70 21.99
C VAL B 574 -11.18 -14.05 21.96
N PRO B 575 -12.04 -14.36 22.94
CA PRO B 575 -12.92 -15.53 22.81
C PRO B 575 -14.21 -15.15 22.09
N VAL B 576 -14.51 -15.89 21.03
CA VAL B 576 -15.64 -15.55 20.17
C VAL B 576 -16.51 -16.78 19.95
N ALA B 577 -17.82 -16.57 20.04
CA ALA B 577 -18.78 -17.51 19.49
C ALA B 577 -18.75 -17.37 17.97
N ALA B 578 -17.76 -18.00 17.34
CA ALA B 578 -17.59 -17.92 15.90
C ALA B 578 -18.75 -18.53 15.12
N ASP B 579 -19.76 -19.06 15.81
CA ASP B 579 -21.01 -19.45 15.18
C ASP B 579 -22.11 -18.42 15.38
N ASN B 580 -22.01 -17.57 16.41
CA ASN B 580 -23.06 -16.63 16.75
C ASN B 580 -22.63 -15.21 16.37
N VAL B 581 -22.84 -14.89 15.10
CA VAL B 581 -22.52 -13.58 14.55
C VAL B 581 -23.58 -13.27 13.50
N ILE B 582 -24.30 -12.19 13.70
CA ILE B 582 -25.55 -11.93 13.01
C ILE B 582 -25.48 -10.55 12.39
N VAL B 583 -25.43 -10.50 11.07
CA VAL B 583 -25.55 -9.22 10.39
C VAL B 583 -26.98 -8.72 10.57
N GLN B 584 -27.12 -7.53 11.14
CA GLN B 584 -28.45 -6.98 11.37
C GLN B 584 -29.15 -6.70 10.04
N ASN B 585 -30.46 -6.92 10.02
CA ASN B 585 -31.29 -6.52 8.89
C ASN B 585 -31.86 -5.12 9.07
N SER B 586 -31.27 -4.32 9.95
CA SER B 586 -31.51 -2.89 10.01
C SER B 586 -30.25 -2.20 9.48
N MET B 587 -30.40 -1.44 8.40
CA MET B 587 -29.26 -0.97 7.63
C MET B 587 -29.27 0.55 7.49
N ARG B 588 -29.57 1.26 8.57
CA ARG B 588 -29.76 2.71 8.51
C ARG B 588 -29.66 3.32 9.89
N ILE B 589 -29.43 4.63 9.90
CA ILE B 589 -29.72 5.46 11.06
C ILE B 589 -30.56 6.63 10.58
N SER B 590 -31.43 7.12 11.46
CA SER B 590 -32.32 8.22 11.12
C SER B 590 -32.03 9.47 11.94
N SER B 591 -31.02 9.42 12.80
CA SER B 591 -30.55 10.63 13.47
C SER B 591 -30.22 11.71 12.46
N ARG B 592 -29.23 11.47 11.62
CA ARG B 592 -29.16 12.11 10.31
C ARG B 592 -30.20 11.38 9.49
N PRO B 593 -31.35 12.00 9.20
CA PRO B 593 -32.51 11.25 8.73
C PRO B 593 -32.17 10.31 7.58
N GLY B 594 -32.28 9.01 7.87
CA GLY B 594 -32.02 8.00 6.86
C GLY B 594 -30.57 7.89 6.47
N ALA B 595 -29.72 7.43 7.38
CA ALA B 595 -28.31 7.22 7.08
C ALA B 595 -28.00 5.74 7.19
N CYS B 596 -27.89 5.08 6.03
CA CYS B 596 -27.59 3.67 5.95
C CYS B 596 -26.25 3.38 6.62
N TYR B 597 -26.21 2.38 7.48
CA TYR B 597 -24.96 2.02 8.12
C TYR B 597 -24.01 1.37 7.13
N SER B 598 -22.73 1.76 7.20
CA SER B 598 -21.77 1.33 6.19
C SER B 598 -21.21 -0.05 6.41
N ARG B 599 -20.79 -0.38 7.61
CA ARG B 599 -20.15 -1.67 7.83
C ARG B 599 -21.15 -2.58 8.53
N PRO B 600 -21.16 -3.88 8.21
CA PRO B 600 -22.23 -4.75 8.72
C PRO B 600 -22.38 -4.71 10.22
N LEU B 601 -23.51 -4.19 10.67
CA LEU B 601 -23.90 -4.25 12.06
C LEU B 601 -24.25 -5.70 12.39
N VAL B 602 -23.77 -6.15 13.55
CA VAL B 602 -23.85 -7.55 13.93
C VAL B 602 -24.15 -7.67 15.41
N SER B 603 -25.11 -8.53 15.72
CA SER B 603 -25.30 -9.04 17.07
C SER B 603 -24.43 -10.28 17.20
N PHE B 604 -23.61 -10.32 18.24
CA PHE B 604 -22.70 -11.44 18.40
C PHE B 604 -22.68 -11.85 19.86
N ARG B 605 -21.72 -12.69 20.22
CA ARG B 605 -21.58 -13.07 21.62
C ARG B 605 -20.22 -13.73 21.82
N TYR B 606 -19.71 -13.61 23.04
CA TYR B 606 -18.42 -14.17 23.40
C TYR B 606 -18.44 -15.69 23.45
N GLU B 607 -19.56 -16.28 23.85
CA GLU B 607 -19.71 -17.71 23.98
C GLU B 607 -20.98 -18.13 23.27
N ASP B 608 -21.20 -19.45 23.17
CA ASP B 608 -22.37 -19.97 22.47
C ASP B 608 -23.67 -19.45 23.05
N GLN B 609 -23.75 -19.28 24.37
CA GLN B 609 -24.90 -18.66 24.99
C GLN B 609 -24.61 -17.22 25.41
N GLY B 610 -23.47 -16.66 25.01
CA GLY B 610 -23.10 -15.32 25.37
C GLY B 610 -24.15 -14.31 24.93
N PRO B 611 -24.05 -13.08 25.43
CA PRO B 611 -25.01 -12.06 25.03
C PRO B 611 -24.75 -11.60 23.61
N LEU B 612 -25.78 -11.71 22.77
CA LEU B 612 -25.71 -11.06 21.48
C LEU B 612 -25.70 -9.55 21.69
N VAL B 613 -24.56 -8.95 21.43
CA VAL B 613 -24.32 -7.54 21.69
C VAL B 613 -24.07 -6.87 20.34
N GLU B 614 -24.29 -5.56 20.30
CA GLU B 614 -24.23 -4.78 19.08
C GLU B 614 -22.80 -4.40 18.74
N GLY B 615 -22.42 -4.62 17.49
CA GLY B 615 -21.16 -4.14 16.99
C GLY B 615 -21.25 -4.08 15.48
N GLN B 616 -20.08 -4.04 14.85
CA GLN B 616 -20.05 -3.84 13.42
C GLN B 616 -19.03 -4.77 12.79
N LEU B 617 -19.47 -5.50 11.77
CA LEU B 617 -18.61 -6.49 11.13
C LEU B 617 -17.61 -5.81 10.21
N GLY B 618 -16.43 -5.54 10.74
CA GLY B 618 -15.29 -5.27 9.90
C GLY B 618 -14.91 -6.49 9.10
N GLU B 619 -13.92 -6.31 8.24
CA GLU B 619 -13.53 -7.36 7.30
C GLU B 619 -12.93 -8.55 8.03
N ASN B 620 -13.12 -9.73 7.45
CA ASN B 620 -12.42 -10.95 7.86
C ASN B 620 -12.65 -11.29 9.33
N ASN B 621 -13.89 -11.65 9.64
CA ASN B 621 -14.20 -12.30 10.91
C ASN B 621 -14.10 -11.31 12.07
N GLU B 622 -14.17 -10.02 11.77
CA GLU B 622 -13.89 -9.01 12.78
C GLU B 622 -15.16 -8.27 13.19
N LEU B 623 -15.36 -8.13 14.49
CA LEU B 623 -16.49 -7.39 15.03
C LEU B 623 -15.96 -6.26 15.90
N ARG B 624 -15.94 -5.05 15.34
CA ARG B 624 -15.63 -3.87 16.12
C ARG B 624 -16.77 -3.60 17.06
N LEU B 625 -16.45 -3.15 18.26
CA LEU B 625 -17.48 -2.87 19.25
C LEU B 625 -18.34 -1.67 18.89
N THR B 626 -17.95 -0.92 17.88
CA THR B 626 -18.60 0.34 17.53
C THR B 626 -19.75 0.09 16.55
N ARG B 627 -20.74 0.98 16.62
CA ARG B 627 -21.81 1.05 15.63
C ARG B 627 -22.14 2.52 15.38
N ASP B 628 -21.36 3.17 14.52
CA ASP B 628 -21.69 4.53 14.13
C ASP B 628 -21.46 4.73 12.64
N ALA B 629 -20.94 3.70 11.98
CA ALA B 629 -20.46 3.80 10.61
C ALA B 629 -21.66 3.77 9.67
N ILE B 630 -22.20 4.94 9.38
CA ILE B 630 -23.32 5.10 8.46
C ILE B 630 -22.82 5.61 7.13
N GLU B 631 -23.72 5.69 6.15
CA GLU B 631 -23.41 6.21 4.82
C GLU B 631 -24.69 6.55 4.05
N PRO B 632 -24.60 7.40 3.02
CA PRO B 632 -25.77 7.66 2.16
C PRO B 632 -26.08 6.45 1.30
N CYS B 633 -27.34 6.03 1.32
CA CYS B 633 -27.70 4.75 0.72
C CYS B 633 -27.49 4.80 -0.78
N THR B 634 -26.40 4.18 -1.23
CA THR B 634 -26.10 4.08 -2.65
C THR B 634 -27.19 3.21 -3.27
N VAL B 635 -28.08 3.83 -4.01
CA VAL B 635 -29.10 3.10 -4.73
C VAL B 635 -28.43 2.08 -5.63
N GLY B 636 -28.94 0.87 -5.64
CA GLY B 636 -28.27 -0.24 -6.28
C GLY B 636 -27.20 -0.90 -5.44
N HIS B 637 -27.17 -0.61 -4.14
CA HIS B 637 -26.19 -1.23 -3.26
C HIS B 637 -26.25 -2.75 -3.34
N ARG B 638 -25.12 -3.35 -3.66
CA ARG B 638 -24.99 -4.80 -3.73
C ARG B 638 -23.62 -5.19 -3.20
N ARG B 639 -23.53 -5.57 -1.93
CA ARG B 639 -22.23 -5.61 -1.28
C ARG B 639 -22.02 -6.90 -0.50
N TYR B 640 -20.86 -7.51 -0.76
CA TYR B 640 -20.31 -8.57 0.08
C TYR B 640 -19.41 -7.95 1.12
N PHE B 641 -19.32 -8.60 2.26
CA PHE B 641 -18.31 -8.29 3.26
C PHE B 641 -17.77 -9.60 3.80
N THR B 642 -16.47 -9.62 4.07
CA THR B 642 -15.79 -10.86 4.36
C THR B 642 -16.37 -11.48 5.62
N PHE B 643 -17.09 -12.58 5.45
CA PHE B 643 -17.82 -13.20 6.55
C PHE B 643 -17.30 -14.62 6.70
N GLY B 644 -16.22 -14.77 7.45
CA GLY B 644 -15.67 -16.09 7.75
C GLY B 644 -15.49 -16.95 6.53
N GLY B 645 -16.11 -18.12 6.55
CA GLY B 645 -16.01 -19.12 5.49
C GLY B 645 -16.57 -18.70 4.15
N GLY B 646 -17.03 -17.46 4.07
CA GLY B 646 -17.45 -16.90 2.80
C GLY B 646 -17.62 -15.40 2.91
N TYR B 647 -18.62 -14.87 2.21
CA TYR B 647 -18.99 -13.47 2.28
C TYR B 647 -20.46 -13.35 2.62
N VAL B 648 -20.80 -12.19 3.15
CA VAL B 648 -22.18 -11.78 3.38
C VAL B 648 -22.56 -10.85 2.25
N TYR B 649 -23.83 -10.86 1.86
CA TYR B 649 -24.31 -10.05 0.77
C TYR B 649 -25.59 -9.35 1.19
N PHE B 650 -25.60 -8.03 1.06
CA PHE B 650 -26.81 -7.25 1.20
C PHE B 650 -27.08 -6.51 -0.10
N GLU B 651 -28.34 -6.52 -0.51
CA GLU B 651 -28.79 -5.90 -1.75
C GLU B 651 -29.53 -4.63 -1.40
N GLU B 652 -28.97 -3.49 -1.79
CA GLU B 652 -29.50 -2.18 -1.43
C GLU B 652 -29.86 -2.13 0.04
N TYR B 653 -28.90 -2.45 0.89
CA TYR B 653 -29.06 -2.39 2.33
C TYR B 653 -30.20 -3.28 2.80
N ALA B 654 -30.26 -4.48 2.24
CA ALA B 654 -31.18 -5.53 2.63
C ALA B 654 -30.50 -6.87 2.38
N TYR B 655 -30.58 -7.77 3.37
CA TYR B 655 -29.81 -9.00 3.31
C TYR B 655 -30.16 -9.84 2.09
N SER B 656 -29.21 -10.01 1.19
CA SER B 656 -29.46 -10.87 0.03
C SER B 656 -29.20 -12.33 0.39
N HIS B 657 -27.95 -12.67 0.67
CA HIS B 657 -27.53 -14.04 0.92
C HIS B 657 -26.05 -14.05 1.25
N GLN B 658 -25.62 -15.13 1.89
CA GLN B 658 -24.20 -15.40 1.98
C GLN B 658 -23.70 -16.02 0.69
N LEU B 659 -22.40 -16.29 0.67
CA LEU B 659 -21.80 -17.25 -0.26
C LEU B 659 -20.52 -17.77 0.35
N SER B 660 -20.45 -19.08 0.60
CA SER B 660 -19.18 -19.67 0.95
C SER B 660 -18.21 -19.53 -0.22
N ARG B 661 -16.94 -19.75 0.06
CA ARG B 661 -15.90 -19.48 -0.93
C ARG B 661 -15.60 -20.66 -1.86
N ALA B 662 -16.38 -21.73 -1.80
CA ALA B 662 -16.13 -22.91 -2.61
C ALA B 662 -16.69 -22.83 -4.02
N ASP B 663 -17.33 -21.71 -4.39
CA ASP B 663 -18.10 -21.66 -5.62
C ASP B 663 -17.89 -20.36 -6.41
N ILE B 664 -17.14 -19.40 -5.87
CA ILE B 664 -16.96 -18.10 -6.51
C ILE B 664 -15.51 -17.96 -6.93
N THR B 665 -15.30 -17.57 -8.18
CA THR B 665 -14.01 -17.67 -8.87
C THR B 665 -12.92 -16.74 -8.36
N THR B 666 -11.71 -16.97 -8.84
CA THR B 666 -10.55 -16.11 -8.61
C THR B 666 -9.69 -16.24 -9.86
N VAL B 667 -8.66 -15.40 -10.00
CA VAL B 667 -7.86 -15.30 -11.23
C VAL B 667 -7.34 -16.67 -11.68
N SER B 668 -7.65 -17.03 -12.91
CA SER B 668 -7.26 -18.34 -13.44
C SER B 668 -7.25 -18.34 -14.96
N THR B 669 -7.10 -19.53 -15.55
CA THR B 669 -6.92 -19.60 -17.00
C THR B 669 -8.25 -19.68 -17.75
N PHE B 670 -9.02 -20.76 -17.53
CA PHE B 670 -10.09 -21.16 -18.43
C PHE B 670 -11.20 -20.14 -18.53
N ILE B 671 -12.25 -20.44 -19.30
CA ILE B 671 -12.91 -19.49 -20.19
C ILE B 671 -12.95 -18.08 -19.61
N ASP B 672 -12.44 -17.13 -20.37
CA ASP B 672 -12.22 -15.78 -19.89
C ASP B 672 -13.57 -15.12 -19.65
N LEU B 673 -13.80 -14.61 -18.43
CA LEU B 673 -12.87 -14.33 -17.31
C LEU B 673 -11.90 -13.22 -17.73
N ASN B 674 -12.17 -12.63 -18.89
CA ASN B 674 -11.59 -11.34 -19.27
C ASN B 674 -12.68 -10.38 -19.72
N ILE B 675 -13.94 -10.77 -19.64
CA ILE B 675 -15.03 -10.04 -20.26
C ILE B 675 -15.47 -8.84 -19.44
N THR B 676 -16.18 -7.91 -20.10
CA THR B 676 -16.86 -6.82 -19.41
C THR B 676 -18.02 -7.36 -18.60
N MET B 677 -18.42 -6.63 -17.57
CA MET B 677 -19.64 -6.94 -16.83
C MET B 677 -20.55 -5.73 -16.91
N LEU B 678 -21.61 -5.74 -16.09
CA LEU B 678 -22.64 -4.69 -16.09
C LEU B 678 -22.01 -3.31 -16.07
N GLU B 679 -22.70 -2.32 -16.64
CA GLU B 679 -22.21 -0.95 -16.54
C GLU B 679 -23.18 -0.11 -15.73
N ASP B 680 -22.69 0.96 -15.13
CA ASP B 680 -23.52 1.87 -14.36
C ASP B 680 -24.26 2.79 -15.32
N HIS B 681 -25.39 3.30 -14.85
CA HIS B 681 -26.05 4.37 -15.57
C HIS B 681 -26.87 5.23 -14.62
N GLU B 682 -27.76 6.06 -15.17
CA GLU B 682 -28.67 6.87 -14.40
C GLU B 682 -29.46 5.98 -13.44
N PHE B 683 -29.86 6.60 -12.32
CA PHE B 683 -30.79 6.01 -11.38
C PHE B 683 -31.68 7.15 -10.89
N VAL B 684 -32.52 6.96 -9.88
CA VAL B 684 -33.47 8.04 -9.64
C VAL B 684 -33.37 8.68 -8.25
N PRO B 685 -32.18 8.81 -7.67
CA PRO B 685 -31.69 10.15 -7.34
C PRO B 685 -30.72 10.54 -8.44
N LEU B 686 -31.05 11.47 -9.31
CA LEU B 686 -30.09 11.97 -10.29
C LEU B 686 -30.61 13.25 -10.90
N GLU B 687 -30.01 14.37 -10.52
CA GLU B 687 -30.04 15.57 -11.34
C GLU B 687 -28.75 15.71 -12.13
N VAL B 688 -27.61 15.82 -11.44
CA VAL B 688 -26.27 15.51 -11.92
C VAL B 688 -25.48 15.10 -10.69
N TYR B 689 -24.61 14.10 -10.82
CA TYR B 689 -23.64 13.75 -9.77
C TYR B 689 -24.32 13.45 -8.44
N THR B 690 -25.10 12.38 -8.42
CA THR B 690 -25.80 12.02 -7.18
C THR B 690 -24.80 11.56 -6.12
N ARG B 691 -25.03 12.01 -4.90
CA ARG B 691 -24.12 11.75 -3.79
C ARG B 691 -24.09 10.29 -3.40
N HIS B 692 -25.27 9.67 -3.30
CA HIS B 692 -25.42 8.34 -2.73
C HIS B 692 -24.50 7.36 -3.44
N GLU B 693 -24.27 7.56 -4.73
CA GLU B 693 -23.57 6.57 -5.52
C GLU B 693 -22.08 6.87 -5.61
N ILE B 694 -21.70 8.15 -5.62
CA ILE B 694 -20.29 8.49 -5.48
C ILE B 694 -19.78 8.04 -4.12
N LYS B 695 -20.70 7.79 -3.18
CA LYS B 695 -20.31 7.21 -1.89
C LYS B 695 -19.47 5.95 -2.07
N ASP B 696 -19.55 5.31 -3.22
CA ASP B 696 -19.01 3.96 -3.35
C ASP B 696 -17.53 4.01 -3.73
N SER B 697 -16.85 5.07 -3.28
CA SER B 697 -15.41 5.23 -3.41
C SER B 697 -14.99 5.35 -4.86
N GLY B 698 -15.56 6.33 -5.58
CA GLY B 698 -15.15 6.56 -6.95
C GLY B 698 -15.81 7.72 -7.66
N LEU B 699 -15.02 8.52 -8.36
CA LEU B 699 -15.54 9.45 -9.36
C LEU B 699 -14.67 9.41 -10.62
N LEU B 700 -13.48 8.78 -10.59
CA LEU B 700 -12.17 9.05 -9.91
C LEU B 700 -11.43 7.69 -10.06
N ASP B 701 -10.10 7.51 -9.88
CA ASP B 701 -9.09 8.27 -9.13
C ASP B 701 -9.38 8.27 -7.60
N TYR B 702 -9.37 7.07 -7.03
CA TYR B 702 -9.67 6.84 -5.62
C TYR B 702 -8.85 7.74 -4.70
N THR B 703 -7.55 7.85 -4.98
CA THR B 703 -6.74 8.76 -4.19
C THR B 703 -7.29 10.17 -4.26
N GLU B 704 -7.78 10.57 -5.43
CA GLU B 704 -8.46 11.87 -5.54
C GLU B 704 -9.81 11.83 -4.83
N VAL B 705 -10.43 10.66 -4.71
CA VAL B 705 -11.56 10.57 -3.80
C VAL B 705 -11.15 11.03 -2.42
N GLN B 706 -10.06 10.47 -1.91
CA GLN B 706 -9.56 10.85 -0.60
C GLN B 706 -9.23 12.34 -0.56
N ARG B 707 -8.72 12.86 -1.66
CA ARG B 707 -8.35 14.27 -1.72
C ARG B 707 -9.57 15.17 -1.61
N ARG B 708 -10.58 14.94 -2.45
CA ARG B 708 -11.78 15.76 -2.40
C ARG B 708 -12.46 15.62 -1.05
N ASN B 709 -12.29 14.47 -0.39
CA ASN B 709 -12.80 14.36 0.96
C ASN B 709 -12.31 15.50 1.85
N GLN B 710 -11.21 16.13 1.49
CA GLN B 710 -10.78 17.34 2.16
C GLN B 710 -11.36 18.60 1.54
N LEU B 711 -11.67 18.56 0.24
CA LEU B 711 -12.16 19.73 -0.47
C LEU B 711 -13.25 20.48 0.27
N HIS B 712 -13.95 19.81 1.19
CA HIS B 712 -15.06 20.43 1.90
C HIS B 712 -14.60 21.52 2.86
N ASP B 713 -13.60 21.26 3.70
CA ASP B 713 -13.05 22.39 4.45
C ASP B 713 -12.33 23.33 3.50
N LEU B 714 -11.93 22.81 2.34
CA LEU B 714 -11.21 23.62 1.37
C LEU B 714 -12.10 24.56 0.57
N ARG B 715 -13.34 24.79 0.99
CA ARG B 715 -14.11 25.87 0.39
C ARG B 715 -14.94 26.67 1.39
N PHE B 716 -14.95 26.33 2.67
CA PHE B 716 -15.79 27.05 3.60
C PHE B 716 -15.36 26.87 5.05
N ALA B 717 -14.87 27.96 5.64
CA ALA B 717 -15.13 28.21 7.05
C ALA B 717 -15.20 29.71 7.32
N ASP B 718 -16.35 30.29 6.97
CA ASP B 718 -16.89 31.56 7.42
C ASP B 718 -18.13 31.74 6.58
N ILE B 719 -19.11 32.51 7.03
CA ILE B 719 -20.34 32.55 6.25
C ILE B 719 -20.51 33.91 5.59
N ASP B 720 -20.14 34.97 6.30
CA ASP B 720 -20.56 36.29 5.89
C ASP B 720 -19.58 37.35 6.37
N THR B 721 -19.38 38.36 5.53
CA THR B 721 -18.59 39.53 5.85
C THR B 721 -18.88 40.61 4.83
N VAL B 722 -19.28 41.78 5.32
CA VAL B 722 -19.65 42.89 4.46
C VAL B 722 -18.38 43.55 3.96
N ILE B 723 -18.08 43.36 2.68
CA ILE B 723 -16.89 43.91 2.08
C ILE B 723 -16.89 45.42 2.13
N ILE C 104 19.57 16.23 22.20
CA ILE C 104 19.40 15.00 22.95
C ILE C 104 19.85 13.81 22.13
N LYS C 105 20.74 13.00 22.70
CA LYS C 105 21.28 11.83 22.02
C LYS C 105 20.75 10.58 22.74
N ALA C 106 20.37 9.58 21.93
CA ALA C 106 19.67 8.41 22.46
C ALA C 106 20.63 7.29 22.83
N GLU C 107 20.07 6.26 23.51
CA GLU C 107 20.84 5.08 23.87
C GLU C 107 21.27 4.27 22.65
N ASN C 108 20.48 4.30 21.58
CA ASN C 108 20.82 3.64 20.34
C ASN C 108 20.55 4.62 19.21
N THR C 109 21.60 5.29 18.75
CA THR C 109 21.52 6.18 17.60
C THR C 109 22.64 5.82 16.64
N ASP C 110 22.31 5.02 15.64
CA ASP C 110 23.15 4.89 14.46
C ASP C 110 22.49 5.42 13.20
N ALA C 111 21.19 5.70 13.24
CA ALA C 111 20.46 6.31 12.15
C ALA C 111 20.46 7.82 12.33
N ASN C 112 21.22 8.51 11.49
CA ASN C 112 21.23 9.96 11.53
C ASN C 112 19.87 10.49 11.13
N PHE C 113 19.72 11.81 11.27
CA PHE C 113 18.40 12.41 11.32
C PHE C 113 18.21 13.38 10.17
N TYR C 114 17.26 13.03 9.33
CA TYR C 114 17.18 13.52 7.95
C TYR C 114 16.01 14.48 7.90
N VAL C 115 16.27 15.75 8.20
CA VAL C 115 15.22 16.56 8.79
C VAL C 115 14.35 17.22 7.72
N CYS C 116 13.53 16.40 7.05
CA CYS C 116 12.38 16.72 6.21
C CYS C 116 12.40 18.11 5.59
N PRO C 117 13.41 18.48 4.81
CA PRO C 117 13.24 19.62 3.94
C PRO C 117 12.64 19.17 2.62
N PRO C 118 11.35 19.42 2.40
CA PRO C 118 10.76 19.00 1.14
C PRO C 118 11.39 19.79 0.01
N PRO C 119 11.41 19.25 -1.19
CA PRO C 119 11.90 20.03 -2.33
C PRO C 119 11.11 21.32 -2.44
N THR C 120 11.77 22.39 -2.88
CA THR C 120 11.08 23.65 -3.11
C THR C 120 11.32 24.05 -4.54
N GLY C 121 10.50 23.53 -5.45
CA GLY C 121 10.68 23.71 -6.88
C GLY C 121 11.20 22.47 -7.58
N ALA C 122 12.30 22.60 -8.31
CA ALA C 122 12.99 21.50 -8.97
C ALA C 122 13.28 20.36 -7.99
N THR C 123 13.42 19.13 -8.47
CA THR C 123 13.34 18.77 -9.88
C THR C 123 12.13 17.89 -10.17
N VAL C 124 12.05 17.39 -11.41
CA VAL C 124 10.89 16.67 -11.91
C VAL C 124 11.24 15.27 -12.41
N VAL C 125 12.25 14.63 -11.80
CA VAL C 125 12.79 13.36 -12.26
C VAL C 125 11.68 12.38 -12.66
N GLN C 126 11.87 11.74 -13.82
CA GLN C 126 10.85 10.91 -14.43
C GLN C 126 11.11 9.45 -14.08
N PHE C 127 10.08 8.63 -14.28
CA PHE C 127 10.05 7.26 -13.78
C PHE C 127 9.41 6.38 -14.84
N GLU C 128 10.11 5.32 -15.23
CA GLU C 128 9.65 4.46 -16.31
C GLU C 128 8.31 3.83 -15.96
N GLN C 129 7.43 3.75 -16.96
CA GLN C 129 6.18 3.05 -16.79
C GLN C 129 6.42 1.54 -16.75
N PRO C 130 5.46 0.77 -16.22
CA PRO C 130 5.61 -0.68 -16.28
C PRO C 130 5.77 -1.16 -17.70
N ARG C 131 6.87 -1.83 -18.00
CA ARG C 131 7.11 -2.31 -19.35
C ARG C 131 6.03 -3.33 -19.72
N ARG C 132 5.54 -3.22 -20.96
CA ARG C 132 4.52 -4.15 -21.44
C ARG C 132 4.96 -5.59 -21.25
N CYS C 133 4.06 -6.40 -20.72
CA CYS C 133 4.33 -7.80 -20.50
C CYS C 133 4.20 -8.62 -21.78
N PRO C 134 4.89 -9.74 -21.87
CA PRO C 134 5.26 -10.28 -23.17
C PRO C 134 4.11 -10.95 -23.91
N THR C 135 4.49 -11.57 -25.01
CA THR C 135 3.61 -12.24 -25.95
C THR C 135 3.47 -13.72 -25.60
N ARG C 136 3.03 -14.47 -26.58
CA ARG C 136 2.56 -15.86 -26.56
C ARG C 136 3.22 -16.53 -27.77
N PRO C 137 2.86 -17.81 -28.15
CA PRO C 137 3.85 -18.78 -28.69
C PRO C 137 5.03 -18.40 -29.58
N GLU C 138 5.81 -19.45 -29.83
CA GLU C 138 7.22 -19.68 -30.10
C GLU C 138 7.62 -19.18 -31.51
N GLY C 139 8.56 -19.86 -32.16
CA GLY C 139 9.88 -19.41 -32.57
C GLY C 139 10.27 -17.99 -32.91
N GLN C 140 11.28 -17.56 -32.16
CA GLN C 140 12.18 -16.45 -32.45
C GLN C 140 13.57 -16.92 -32.02
N ASN C 141 14.61 -16.44 -32.69
CA ASN C 141 15.95 -16.97 -32.47
C ASN C 141 16.41 -16.92 -31.02
N TYR C 142 16.01 -15.92 -30.24
CA TYR C 142 16.20 -15.90 -28.80
C TYR C 142 17.67 -16.06 -28.39
N THR C 143 18.60 -15.62 -29.24
CA THR C 143 20.02 -15.95 -29.08
C THR C 143 20.61 -15.21 -27.89
N GLU C 144 21.21 -15.95 -26.98
CA GLU C 144 21.56 -15.40 -25.67
C GLU C 144 22.99 -14.89 -25.65
N GLY C 145 23.28 -14.08 -24.65
CA GLY C 145 24.59 -13.50 -24.47
C GLY C 145 24.45 -12.22 -23.68
N ILE C 146 25.60 -11.60 -23.44
CA ILE C 146 25.72 -10.40 -22.63
C ILE C 146 25.32 -9.18 -23.45
N ALA C 147 24.57 -8.29 -22.83
CA ALA C 147 24.35 -6.96 -23.36
C ALA C 147 24.91 -5.95 -22.37
N VAL C 148 25.35 -4.81 -22.89
CA VAL C 148 25.82 -3.70 -22.10
C VAL C 148 25.24 -2.45 -22.71
N VAL C 149 24.40 -1.76 -21.94
CA VAL C 149 23.78 -0.54 -22.39
C VAL C 149 24.60 0.63 -21.91
N PHE C 150 24.93 1.52 -22.84
CA PHE C 150 25.53 2.78 -22.51
C PHE C 150 24.46 3.87 -22.51
N LYS C 151 24.63 4.83 -21.60
CA LYS C 151 23.84 6.05 -21.53
C LYS C 151 24.68 7.19 -22.09
N GLU C 152 24.03 8.28 -22.48
CA GLU C 152 24.67 9.31 -23.31
C GLU C 152 25.32 10.37 -22.43
N ASN C 153 26.13 9.94 -21.46
CA ASN C 153 27.12 10.80 -20.84
C ASN C 153 26.51 11.98 -20.07
N ILE C 154 25.19 12.07 -20.04
CA ILE C 154 24.50 13.23 -19.48
C ILE C 154 25.01 13.50 -18.07
N ALA C 155 25.22 14.77 -17.75
CA ALA C 155 25.76 15.16 -16.47
C ALA C 155 25.29 16.56 -16.10
N PRO C 156 24.90 16.78 -14.86
CA PRO C 156 24.56 18.12 -14.39
C PRO C 156 25.79 18.91 -13.95
N TYR C 157 26.13 19.98 -14.66
CA TYR C 157 27.12 20.91 -14.16
C TYR C 157 26.62 21.54 -12.86
N LYS C 158 27.52 21.78 -11.92
CA LYS C 158 27.15 22.32 -10.62
C LYS C 158 28.03 23.50 -10.26
N PHE C 159 27.42 24.56 -9.74
CA PHE C 159 28.18 25.71 -9.23
C PHE C 159 27.26 26.50 -8.31
N LYS C 160 27.61 27.76 -8.05
CA LYS C 160 26.86 28.54 -7.08
C LYS C 160 26.31 29.81 -7.70
N ALA C 161 25.20 30.28 -7.13
CA ALA C 161 24.54 31.52 -7.55
C ALA C 161 23.87 32.15 -6.34
N THR C 162 23.19 33.26 -6.57
CA THR C 162 22.49 33.99 -5.52
C THR C 162 21.35 34.81 -6.12
N MET C 163 20.25 34.90 -5.40
CA MET C 163 19.00 35.46 -5.88
C MET C 163 18.64 36.70 -5.09
N TYR C 164 17.97 37.63 -5.77
CA TYR C 164 17.77 38.98 -5.26
C TYR C 164 16.40 39.47 -5.72
N TYR C 165 15.55 39.85 -4.76
CA TYR C 165 14.30 40.49 -5.09
C TYR C 165 13.68 41.07 -3.81
N LYS C 166 13.17 42.29 -3.95
CA LYS C 166 12.35 42.93 -2.93
C LYS C 166 10.91 42.59 -3.20
N ASP C 167 10.17 42.23 -2.18
CA ASP C 167 8.74 42.09 -2.34
C ASP C 167 8.01 43.21 -1.61
N VAL C 168 6.79 43.48 -2.04
CA VAL C 168 5.98 44.56 -1.52
C VAL C 168 4.65 44.00 -1.07
N THR C 169 4.13 44.54 0.03
CA THR C 169 2.76 44.24 0.43
C THR C 169 2.05 45.54 0.75
N VAL C 170 0.81 45.62 0.30
CA VAL C 170 0.00 46.83 0.37
C VAL C 170 -1.35 46.47 0.97
N SER C 171 -1.92 47.38 1.75
CA SER C 171 -3.21 47.16 2.41
C SER C 171 -4.22 48.20 1.95
N GLN C 172 -4.97 47.86 0.92
CA GLN C 172 -6.11 48.68 0.51
C GLN C 172 -7.23 48.41 1.51
N VAL C 173 -7.10 49.00 2.65
CA VAL C 173 -8.11 48.85 3.69
C VAL C 173 -9.27 49.78 3.37
N TRP C 174 -10.48 49.29 3.62
CA TRP C 174 -11.66 50.14 3.71
C TRP C 174 -12.18 50.13 5.14
N PHE C 175 -12.31 51.32 5.72
CA PHE C 175 -12.69 51.49 7.12
C PHE C 175 -14.19 51.77 7.17
N GLY C 176 -14.90 51.04 8.03
CA GLY C 176 -16.33 51.18 8.11
C GLY C 176 -16.71 52.30 9.04
N HIS C 177 -17.48 52.02 10.09
CA HIS C 177 -17.68 52.99 11.15
C HIS C 177 -16.61 52.88 12.23
N ARG C 178 -16.37 51.69 12.74
CA ARG C 178 -15.26 51.42 13.63
C ARG C 178 -14.65 50.12 13.13
N TYR C 179 -15.25 49.61 12.07
CA TYR C 179 -14.81 48.36 11.47
C TYR C 179 -14.03 48.64 10.19
N SER C 180 -13.56 47.57 9.56
CA SER C 180 -12.56 47.66 8.52
C SER C 180 -12.58 46.41 7.64
N GLN C 181 -12.60 46.61 6.33
CA GLN C 181 -12.36 45.54 5.38
C GLN C 181 -11.02 45.75 4.71
N PHE C 182 -10.26 44.67 4.58
CA PHE C 182 -9.06 44.66 3.77
C PHE C 182 -9.47 44.48 2.34
N MET C 183 -9.86 45.58 1.68
CA MET C 183 -10.07 45.53 0.25
C MET C 183 -8.78 45.29 -0.51
N GLY C 184 -7.68 45.11 0.21
CA GLY C 184 -6.44 44.64 -0.39
C GLY C 184 -5.36 44.30 0.61
N ILE C 185 -4.75 43.13 0.46
CA ILE C 185 -3.47 42.79 1.08
C ILE C 185 -2.68 42.11 -0.04
N PHE C 186 -1.85 42.89 -0.74
CA PHE C 186 -1.27 42.47 -2.00
C PHE C 186 0.24 42.34 -1.86
N GLU C 187 0.78 41.23 -2.35
CA GLU C 187 2.20 40.92 -2.24
C GLU C 187 2.76 40.62 -3.62
N ASP C 188 3.81 41.34 -3.99
CA ASP C 188 4.42 41.26 -5.31
C ASP C 188 5.92 41.17 -5.15
N ARG C 189 6.58 40.53 -6.12
CA ARG C 189 8.01 40.33 -6.09
C ARG C 189 8.68 41.20 -7.14
N ALA C 190 9.94 41.56 -6.90
CA ALA C 190 10.66 42.49 -7.75
C ALA C 190 12.13 42.14 -7.76
N PRO C 191 12.67 41.66 -8.86
CA PRO C 191 14.12 41.41 -8.95
C PRO C 191 14.96 42.59 -8.50
N VAL C 192 15.74 42.41 -7.44
CA VAL C 192 16.71 43.42 -7.02
C VAL C 192 17.70 43.61 -8.17
N PRO C 193 17.87 44.83 -8.66
CA PRO C 193 18.66 45.03 -9.88
C PRO C 193 20.15 44.86 -9.68
N PHE C 194 20.91 45.13 -10.74
CA PHE C 194 22.36 44.98 -10.71
C PHE C 194 22.99 45.86 -9.62
N GLU C 195 22.60 47.14 -9.58
CA GLU C 195 23.33 48.13 -8.80
C GLU C 195 23.18 47.88 -7.30
N GLU C 196 21.99 47.47 -6.86
CA GLU C 196 21.80 47.22 -5.44
C GLU C 196 22.64 46.04 -4.99
N VAL C 197 22.79 45.03 -5.86
CA VAL C 197 23.72 43.95 -5.59
C VAL C 197 25.14 44.47 -5.48
N ILE C 198 25.62 45.16 -6.52
CA ILE C 198 27.01 45.60 -6.54
C ILE C 198 27.33 46.45 -5.32
N ASP C 199 26.47 47.41 -5.01
CA ASP C 199 26.74 48.34 -3.92
C ASP C 199 25.97 48.02 -2.65
N LYS C 200 24.65 48.07 -2.67
CA LYS C 200 23.88 47.87 -1.45
C LYS C 200 24.00 46.45 -0.94
N ILE C 201 24.37 45.51 -1.80
CA ILE C 201 24.56 44.14 -1.33
C ILE C 201 26.04 43.81 -1.25
N ASN C 202 26.74 43.80 -2.39
CA ASN C 202 28.14 43.42 -2.34
C ASN C 202 28.94 44.39 -1.48
N ALA C 203 28.80 45.69 -1.74
CA ALA C 203 29.51 46.66 -0.92
C ALA C 203 28.83 46.86 0.43
N LYS C 204 27.51 46.66 0.50
CA LYS C 204 26.78 47.02 1.72
C LYS C 204 25.96 45.91 2.35
N GLY C 205 25.53 44.92 1.58
CA GLY C 205 24.71 43.87 2.16
C GLY C 205 23.39 44.33 2.74
N VAL C 206 22.84 45.43 2.23
CA VAL C 206 21.67 46.07 2.83
C VAL C 206 20.69 46.44 1.73
N CYS C 207 19.42 46.61 2.13
CA CYS C 207 18.33 46.76 1.17
C CYS C 207 17.36 47.85 1.59
N ARG C 208 17.09 48.76 0.65
CA ARG C 208 16.20 49.90 0.87
C ARG C 208 14.81 49.50 1.32
N SER C 209 14.14 50.40 2.05
CA SER C 209 12.76 50.19 2.47
C SER C 209 11.78 50.62 1.40
N THR C 210 12.27 50.96 0.21
CA THR C 210 11.42 51.10 -0.95
C THR C 210 11.82 50.06 -1.98
N ALA C 211 10.81 49.43 -2.57
CA ALA C 211 10.97 48.53 -3.69
C ALA C 211 10.34 49.18 -4.91
N LYS C 212 11.10 49.25 -6.00
CA LYS C 212 10.73 50.03 -7.16
C LYS C 212 10.66 49.09 -8.37
N TYR C 213 9.46 48.84 -8.88
CA TYR C 213 9.33 47.81 -9.90
C TYR C 213 8.17 48.14 -10.82
N VAL C 214 8.29 47.70 -12.07
CA VAL C 214 7.21 47.83 -13.04
C VAL C 214 6.00 47.02 -12.57
N ARG C 215 4.82 47.59 -12.77
CA ARG C 215 3.57 46.86 -12.53
C ARG C 215 2.43 47.56 -13.25
N ASN C 216 1.63 46.81 -14.00
CA ASN C 216 0.64 47.33 -14.95
C ASN C 216 1.33 48.22 -15.98
N ASN C 217 2.55 47.88 -16.40
CA ASN C 217 3.43 48.61 -17.31
C ASN C 217 3.92 49.91 -16.69
N LEU C 218 3.51 50.23 -15.46
CA LEU C 218 3.97 51.42 -14.77
C LEU C 218 4.95 51.01 -13.67
N GLU C 219 6.11 51.67 -13.63
CA GLU C 219 6.96 51.55 -12.46
C GLU C 219 6.24 52.15 -11.25
N THR C 220 5.89 51.29 -10.30
CA THR C 220 5.36 51.77 -9.04
C THR C 220 6.46 51.66 -8.00
N THR C 221 6.43 52.58 -7.04
CA THR C 221 7.30 52.51 -5.88
C THR C 221 6.48 52.03 -4.70
N ALA C 222 7.14 51.37 -3.77
CA ALA C 222 6.52 50.98 -2.52
C ALA C 222 7.47 51.34 -1.40
N PHE C 223 6.93 51.91 -0.34
CA PHE C 223 7.69 52.33 0.82
C PHE C 223 7.48 51.32 1.95
N HIS C 224 8.10 51.60 3.09
CA HIS C 224 7.93 50.79 4.29
C HIS C 224 7.22 51.66 5.33
N ARG C 225 5.98 51.28 5.69
CA ARG C 225 5.18 51.91 6.74
C ARG C 225 4.66 53.29 6.36
N ASP C 226 4.27 53.50 5.09
CA ASP C 226 3.95 54.82 4.56
C ASP C 226 5.07 55.83 4.85
N ASP C 227 6.31 55.33 4.94
CA ASP C 227 7.49 56.17 5.10
C ASP C 227 8.57 55.66 4.16
N HIS C 228 9.41 56.59 3.70
CA HIS C 228 10.15 56.41 2.46
C HIS C 228 11.35 55.48 2.63
N GLU C 229 12.20 55.48 1.60
CA GLU C 229 13.28 54.52 1.43
C GLU C 229 14.18 54.45 2.66
N THR C 230 14.61 53.23 2.99
CA THR C 230 15.51 53.01 4.13
C THR C 230 16.18 51.65 3.97
N ASP C 231 17.49 51.64 3.84
CA ASP C 231 18.22 50.39 3.70
C ASP C 231 18.03 49.51 4.93
N MET C 232 17.66 48.26 4.69
CA MET C 232 17.31 47.32 5.75
C MET C 232 18.25 46.12 5.72
N GLU C 233 18.64 45.67 6.90
CA GLU C 233 19.58 44.56 7.02
C GLU C 233 18.97 43.28 6.43
N LEU C 234 19.78 42.53 5.71
CA LEU C 234 19.37 41.19 5.28
C LEU C 234 19.32 40.30 6.50
N LYS C 235 18.17 40.25 7.13
CA LYS C 235 18.03 39.41 8.29
C LYS C 235 17.70 37.99 7.87
N PRO C 236 18.30 37.01 8.53
CA PRO C 236 18.14 35.61 8.10
C PRO C 236 16.69 35.25 7.87
N ALA C 237 16.36 34.98 6.61
CA ALA C 237 15.04 34.47 6.27
C ALA C 237 14.87 33.02 6.67
N ASN C 238 15.93 32.38 7.17
CA ASN C 238 15.89 30.98 7.56
C ASN C 238 17.19 30.64 8.27
N ALA C 239 17.36 29.36 8.57
CA ALA C 239 18.60 28.83 9.11
C ALA C 239 18.88 27.50 8.42
N ALA C 240 19.94 27.46 7.61
CA ALA C 240 20.29 26.25 6.87
C ALA C 240 21.80 26.04 6.86
N THR C 241 22.23 24.91 6.29
CA THR C 241 23.66 24.59 6.27
C THR C 241 24.09 23.98 4.94
N ARG C 242 23.19 23.91 3.96
CA ARG C 242 23.48 23.12 2.76
C ARG C 242 23.55 23.95 1.48
N THR C 243 22.52 24.74 1.18
CA THR C 243 22.44 25.44 -0.10
C THR C 243 22.70 26.94 0.05
N SER C 244 23.55 27.34 1.00
CA SER C 244 23.97 28.73 1.16
C SER C 244 22.77 29.65 1.36
N ARG C 245 22.08 29.50 2.48
CA ARG C 245 20.75 30.08 2.71
C ARG C 245 20.73 31.60 2.62
N GLY C 246 19.54 32.17 2.73
CA GLY C 246 19.35 33.58 2.44
C GLY C 246 18.79 34.37 3.61
N TRP C 247 18.49 35.64 3.32
CA TRP C 247 18.11 36.61 4.34
C TRP C 247 17.00 37.50 3.84
N HIS C 248 16.21 37.96 4.81
CA HIS C 248 15.01 38.77 4.68
C HIS C 248 15.25 40.09 5.39
N THR C 249 14.20 40.90 5.51
CA THR C 249 14.28 42.14 6.27
C THR C 249 13.13 42.38 7.24
N THR C 250 11.95 41.78 7.04
CA THR C 250 10.81 42.14 7.86
C THR C 250 9.88 40.93 8.00
N ASP C 251 8.87 41.10 8.87
CA ASP C 251 7.89 40.04 9.12
C ASP C 251 6.46 40.49 8.85
N LEU C 252 6.09 41.69 9.29
CA LEU C 252 4.69 42.10 9.27
C LEU C 252 4.45 43.20 8.23
N LYS C 253 3.17 43.40 7.89
CA LYS C 253 2.73 44.42 6.96
C LYS C 253 2.14 45.61 7.71
N TYR C 254 2.05 46.75 7.04
CA TYR C 254 1.58 47.99 7.66
C TYR C 254 0.19 48.38 7.14
N ASN C 255 -0.59 49.03 8.00
CA ASN C 255 -1.88 49.59 7.65
C ASN C 255 -1.85 51.10 7.82
N PRO C 256 -2.42 51.84 6.89
CA PRO C 256 -2.43 53.30 7.00
C PRO C 256 -3.32 53.75 8.14
N SER C 257 -3.35 55.06 8.35
CA SER C 257 -4.24 55.64 9.35
C SER C 257 -5.69 55.36 8.98
N ARG C 258 -6.63 55.78 9.84
CA ARG C 258 -8.03 55.54 9.54
C ARG C 258 -8.61 56.69 8.73
N VAL C 259 -8.99 56.41 7.49
CA VAL C 259 -9.76 57.33 6.65
C VAL C 259 -10.85 56.53 5.96
N GLU C 260 -12.10 56.76 6.36
CA GLU C 260 -13.21 55.89 5.99
C GLU C 260 -13.80 56.31 4.65
N ALA C 261 -14.64 55.45 4.09
CA ALA C 261 -15.42 55.73 2.88
C ALA C 261 -14.55 56.00 1.66
N PHE C 262 -13.26 55.64 1.74
CA PHE C 262 -12.38 55.71 0.59
C PHE C 262 -11.25 54.70 0.82
N HIS C 263 -10.87 54.00 -0.25
CA HIS C 263 -9.80 53.02 -0.19
C HIS C 263 -8.53 53.70 0.29
N ARG C 264 -8.01 53.28 1.45
CA ARG C 264 -6.81 53.87 2.01
C ARG C 264 -5.73 52.81 2.12
N TYR C 265 -4.49 53.21 1.88
CA TYR C 265 -3.44 52.25 1.57
C TYR C 265 -2.23 52.45 2.48
N GLY C 266 -1.74 51.33 3.01
CA GLY C 266 -0.50 51.33 3.78
C GLY C 266 0.47 50.31 3.22
N THR C 267 1.78 50.60 3.28
CA THR C 267 2.77 49.86 2.52
C THR C 267 3.83 49.20 3.40
N THR C 268 4.48 48.18 2.84
CA THR C 268 5.60 47.49 3.47
C THR C 268 6.50 46.87 2.40
N VAL C 269 7.81 47.08 2.54
CA VAL C 269 8.80 46.60 1.59
C VAL C 269 9.74 45.66 2.31
N ASN C 270 10.16 44.59 1.61
CA ASN C 270 11.06 43.59 2.14
C ASN C 270 12.11 43.28 1.09
N CYS C 271 13.33 42.98 1.53
CA CYS C 271 14.38 42.52 0.62
C CYS C 271 14.63 41.03 0.81
N ILE C 272 15.11 40.38 -0.25
CA ILE C 272 15.30 38.94 -0.26
C ILE C 272 16.59 38.64 -1.02
N VAL C 273 17.61 38.16 -0.32
CA VAL C 273 18.88 37.84 -0.96
C VAL C 273 19.35 36.48 -0.45
N GLU C 274 19.57 35.54 -1.37
CA GLU C 274 19.78 34.17 -0.95
C GLU C 274 20.69 33.43 -1.93
N GLU C 275 21.81 32.92 -1.44
CA GLU C 275 22.66 32.12 -2.29
C GLU C 275 22.05 30.73 -2.44
N VAL C 276 22.52 30.00 -3.44
CA VAL C 276 21.94 28.72 -3.85
C VAL C 276 22.99 27.93 -4.60
N ASP C 277 22.85 26.61 -4.57
CA ASP C 277 23.53 25.73 -5.51
C ASP C 277 22.75 25.71 -6.81
N ALA C 278 23.46 25.51 -7.93
CA ALA C 278 22.90 25.63 -9.26
C ALA C 278 23.34 24.45 -10.11
N ARG C 279 22.39 23.80 -10.77
CA ARG C 279 22.63 22.52 -11.42
C ARG C 279 22.20 22.59 -12.87
N SER C 280 23.12 22.92 -13.76
CA SER C 280 22.94 22.69 -15.18
C SER C 280 22.94 21.20 -15.41
N VAL C 281 22.49 20.79 -16.58
CA VAL C 281 22.51 19.40 -16.97
C VAL C 281 22.92 19.31 -18.43
N TYR C 282 23.74 18.32 -18.74
CA TYR C 282 24.01 18.00 -20.12
C TYR C 282 22.69 17.88 -20.89
N PRO C 283 22.62 18.45 -22.09
CA PRO C 283 23.73 19.08 -22.83
C PRO C 283 23.99 20.55 -22.48
N TYR C 284 23.71 20.96 -21.25
CA TYR C 284 24.14 22.26 -20.75
C TYR C 284 23.60 23.40 -21.59
N ASP C 285 22.29 23.58 -21.58
CA ASP C 285 21.68 24.69 -22.30
C ASP C 285 20.71 25.43 -21.39
N GLU C 286 20.31 24.77 -20.30
CA GLU C 286 19.46 25.33 -19.26
C GLU C 286 19.86 24.67 -17.95
N PHE C 287 19.25 25.10 -16.86
CA PHE C 287 19.70 24.61 -15.56
C PHE C 287 18.62 24.78 -14.50
N VAL C 288 18.61 23.85 -13.55
CA VAL C 288 17.70 23.88 -12.42
C VAL C 288 18.35 24.65 -11.28
N LEU C 289 17.49 25.15 -10.40
CA LEU C 289 17.87 26.09 -9.35
C LEU C 289 17.61 25.44 -8.00
N ALA C 290 17.69 26.25 -6.95
CA ALA C 290 17.44 25.79 -5.59
C ALA C 290 16.22 26.45 -4.94
N THR C 291 15.90 27.68 -5.32
CA THR C 291 14.77 28.37 -4.69
C THR C 291 13.44 27.74 -5.12
N GLY C 292 13.34 27.38 -6.40
CA GLY C 292 12.10 26.88 -6.95
C GLY C 292 11.87 27.24 -8.39
N ASP C 293 12.56 28.27 -8.87
CA ASP C 293 12.43 28.66 -10.27
C ASP C 293 13.33 27.78 -11.14
N PHE C 294 13.07 27.80 -12.45
CA PHE C 294 13.96 27.20 -13.43
C PHE C 294 14.34 28.26 -14.43
N VAL C 295 15.63 28.36 -14.72
CA VAL C 295 16.15 29.34 -15.67
C VAL C 295 16.64 28.59 -16.91
N TYR C 296 16.48 29.23 -18.07
CA TYR C 296 16.61 28.59 -19.37
C TYR C 296 17.75 29.14 -20.19
N MET C 297 18.95 29.27 -19.61
CA MET C 297 20.11 29.78 -20.32
C MET C 297 21.21 28.73 -20.26
N SER C 298 22.14 28.79 -21.21
CA SER C 298 23.27 27.88 -21.14
C SER C 298 24.10 28.20 -19.90
N PRO C 299 24.65 27.18 -19.24
CA PRO C 299 25.47 27.43 -18.05
C PRO C 299 26.81 28.07 -18.35
N PHE C 300 27.45 27.71 -19.47
CA PHE C 300 28.71 28.32 -19.88
C PHE C 300 28.46 29.58 -20.69
N TYR C 301 27.22 30.06 -20.73
CA TYR C 301 26.87 31.26 -21.47
C TYR C 301 27.34 32.51 -20.75
N GLY C 302 27.81 33.48 -21.53
CA GLY C 302 28.34 34.70 -20.95
C GLY C 302 28.77 35.66 -22.01
N TYR C 303 29.98 36.21 -21.82
CA TYR C 303 30.57 37.13 -22.79
C TYR C 303 31.93 36.72 -23.30
N ARG C 304 32.56 35.67 -22.77
CA ARG C 304 33.95 35.37 -23.12
C ARG C 304 34.10 33.94 -23.62
N GLU C 305 35.21 33.69 -24.32
CA GLU C 305 35.58 32.37 -24.82
C GLU C 305 34.54 31.79 -25.77
N GLY C 306 33.92 32.63 -26.59
CA GLY C 306 32.90 32.17 -27.50
C GLY C 306 31.63 31.70 -26.84
N SER C 307 31.38 32.16 -25.60
CA SER C 307 30.17 31.77 -24.88
C SER C 307 28.91 32.39 -25.47
N HIS C 308 29.04 33.23 -26.50
CA HIS C 308 27.88 33.62 -27.29
C HIS C 308 27.29 32.44 -28.05
N THR C 309 28.12 31.50 -28.49
CA THR C 309 27.61 30.29 -29.11
C THR C 309 26.83 29.44 -28.13
N GLU C 310 27.11 29.59 -26.83
CA GLU C 310 26.37 28.87 -25.82
C GLU C 310 24.88 29.17 -25.94
N HIS C 311 24.06 28.19 -25.56
CA HIS C 311 22.62 28.36 -25.59
C HIS C 311 22.19 29.71 -25.01
N THR C 312 21.51 30.48 -25.84
CA THR C 312 20.90 31.72 -25.40
C THR C 312 19.40 31.62 -25.55
N SER C 313 18.68 32.00 -24.51
CA SER C 313 17.25 32.17 -24.59
C SER C 313 16.76 33.42 -23.87
N TYR C 314 17.65 34.31 -23.45
CA TYR C 314 17.29 35.54 -22.77
C TYR C 314 17.85 36.73 -23.53
N ALA C 315 17.19 37.88 -23.39
CA ALA C 315 17.67 39.08 -24.04
C ALA C 315 18.96 39.56 -23.40
N ALA C 316 19.56 40.59 -24.00
CA ALA C 316 20.83 41.13 -23.56
C ALA C 316 20.68 42.38 -22.70
N ASP C 317 19.68 42.42 -21.83
CA ASP C 317 19.41 43.58 -21.00
C ASP C 317 19.28 43.25 -19.51
N ARG C 318 19.38 41.98 -19.15
CA ARG C 318 19.25 41.61 -17.75
C ARG C 318 20.50 40.87 -17.28
N PHE C 319 21.23 40.29 -18.22
CA PHE C 319 22.46 39.56 -17.95
C PHE C 319 23.64 40.52 -17.98
N LYS C 320 24.19 40.79 -16.80
CA LYS C 320 25.35 41.64 -16.64
C LYS C 320 26.46 40.79 -16.05
N GLN C 321 27.36 40.33 -16.91
CA GLN C 321 28.45 39.45 -16.51
C GLN C 321 29.54 40.29 -15.86
N VAL C 322 29.33 40.65 -14.60
CA VAL C 322 30.32 41.39 -13.82
C VAL C 322 31.28 40.35 -13.22
N ASP C 323 32.35 40.08 -13.96
CA ASP C 323 33.34 39.10 -13.54
C ASP C 323 34.53 39.81 -12.93
N GLY C 324 35.39 39.07 -12.24
CA GLY C 324 36.43 39.71 -11.46
C GLY C 324 35.76 40.60 -10.43
N PHE C 325 34.57 40.19 -10.03
CA PHE C 325 33.67 40.98 -9.22
C PHE C 325 33.42 40.24 -7.93
N TYR C 326 33.92 40.80 -6.83
CA TYR C 326 33.86 40.14 -5.54
C TYR C 326 32.45 39.69 -5.19
N ALA C 327 32.34 38.50 -4.61
CA ALA C 327 31.07 38.01 -4.11
C ALA C 327 31.07 38.17 -2.59
N ARG C 328 30.23 39.07 -2.10
CA ARG C 328 30.10 39.28 -0.67
C ARG C 328 29.49 38.04 -0.05
N ASP C 329 30.29 37.29 0.70
CA ASP C 329 29.74 36.19 1.45
C ASP C 329 28.75 36.76 2.47
N LEU C 330 27.46 36.62 2.16
CA LEU C 330 26.42 37.23 2.96
C LEU C 330 26.06 36.38 4.16
N THR C 331 26.49 35.12 4.18
CA THR C 331 26.59 34.42 5.45
C THR C 331 27.60 35.09 6.38
N THR C 332 28.47 35.92 5.82
CA THR C 332 29.27 36.86 6.59
C THR C 332 28.92 38.31 6.31
N LYS C 333 28.03 38.59 5.37
CA LYS C 333 27.73 39.95 4.91
C LYS C 333 29.02 40.67 4.52
N ALA C 334 29.99 39.90 4.05
CA ALA C 334 31.32 40.40 3.74
C ALA C 334 31.85 39.65 2.54
N ARG C 335 32.63 40.34 1.71
CA ARG C 335 33.28 39.68 0.59
C ARG C 335 34.30 38.66 1.11
N ALA C 336 33.96 37.39 0.98
CA ALA C 336 34.89 36.34 1.34
C ALA C 336 35.14 35.47 0.13
N THR C 337 36.06 35.93 -0.72
CA THR C 337 36.40 35.28 -1.98
C THR C 337 37.49 36.04 -2.70
N ALA C 338 37.98 35.51 -3.80
CA ALA C 338 38.64 36.32 -4.79
C ALA C 338 37.57 37.02 -5.63
N PRO C 339 37.88 38.16 -6.26
CA PRO C 339 36.84 38.86 -7.02
C PRO C 339 36.21 37.95 -8.05
N THR C 340 34.94 37.62 -7.82
CA THR C 340 34.31 36.49 -8.45
C THR C 340 33.82 36.80 -9.86
N THR C 341 33.75 35.74 -10.66
CA THR C 341 33.25 35.80 -12.03
C THR C 341 31.72 35.80 -11.99
N ARG C 342 31.14 36.88 -11.50
CA ARG C 342 29.71 36.85 -11.29
C ARG C 342 28.97 37.30 -12.53
N ASN C 343 27.88 36.61 -12.81
CA ASN C 343 27.00 36.98 -13.89
C ASN C 343 25.65 37.24 -13.24
N LEU C 344 25.03 38.35 -13.59
CA LEU C 344 23.86 38.83 -12.89
C LEU C 344 22.72 38.97 -13.87
N LEU C 345 21.82 38.00 -13.87
CA LEU C 345 20.61 38.05 -14.66
C LEU C 345 19.50 38.62 -13.78
N THR C 346 19.14 39.87 -14.01
CA THR C 346 17.97 40.45 -13.38
C THR C 346 16.74 39.85 -14.07
N THR C 347 16.44 38.60 -13.74
CA THR C 347 15.32 37.89 -14.34
C THR C 347 14.02 38.65 -14.07
N PRO C 348 12.98 38.42 -14.88
CA PRO C 348 11.73 39.18 -14.71
C PRO C 348 11.10 39.07 -13.34
N LYS C 349 11.58 38.17 -12.49
CA LYS C 349 11.00 37.98 -11.17
C LYS C 349 12.03 37.98 -10.05
N PHE C 350 13.32 37.89 -10.39
CA PHE C 350 14.37 37.76 -9.39
C PHE C 350 15.68 38.11 -10.08
N THR C 351 16.77 38.01 -9.33
CA THR C 351 18.08 38.33 -9.87
C THR C 351 19.07 37.24 -9.45
N VAL C 352 19.81 36.73 -10.42
CA VAL C 352 20.77 35.67 -10.20
C VAL C 352 22.16 36.24 -10.40
N ALA C 353 23.08 35.87 -9.52
CA ALA C 353 24.48 36.23 -9.65
C ALA C 353 25.29 34.97 -9.40
N TRP C 354 26.11 34.58 -10.37
CA TRP C 354 26.60 33.21 -10.39
C TRP C 354 27.96 33.14 -11.04
N ASP C 355 28.73 32.14 -10.64
CA ASP C 355 30.04 31.92 -11.24
C ASP C 355 29.88 31.68 -12.74
N TRP C 356 30.71 32.35 -13.53
CA TRP C 356 30.76 32.08 -14.95
C TRP C 356 31.93 31.15 -15.24
N VAL C 357 31.68 30.15 -16.07
CA VAL C 357 32.66 29.09 -16.35
C VAL C 357 32.78 28.93 -17.85
N PRO C 358 33.96 28.56 -18.34
CA PRO C 358 34.08 28.18 -19.76
C PRO C 358 33.15 27.02 -20.10
N LYS C 359 33.04 26.76 -21.40
CA LYS C 359 32.33 25.58 -21.85
C LYS C 359 32.97 24.32 -21.24
N ARG C 360 32.14 23.52 -20.57
CA ARG C 360 32.61 22.32 -19.89
C ARG C 360 31.91 21.11 -20.47
N PRO C 361 32.37 20.63 -21.63
CA PRO C 361 31.88 19.34 -22.14
C PRO C 361 32.77 18.19 -21.70
N SER C 362 32.37 16.95 -22.01
CA SER C 362 33.15 15.76 -21.71
C SER C 362 33.18 14.86 -22.92
N VAL C 363 34.16 13.95 -22.97
CA VAL C 363 34.35 13.10 -24.14
C VAL C 363 34.40 11.63 -23.74
N CYS C 364 33.22 11.03 -23.63
CA CYS C 364 32.91 9.67 -24.07
C CYS C 364 31.40 9.63 -24.16
N THR C 365 30.87 9.84 -25.37
CA THR C 365 29.46 10.21 -25.49
C THR C 365 28.54 9.15 -24.93
N MET C 366 28.93 7.89 -25.05
CA MET C 366 28.15 6.82 -24.45
C MET C 366 28.80 6.40 -23.14
N THR C 367 27.96 6.18 -22.13
CA THR C 367 28.43 5.86 -20.79
C THR C 367 27.79 4.56 -20.35
N LYS C 368 28.63 3.57 -20.02
CA LYS C 368 28.16 2.22 -19.78
C LYS C 368 27.16 2.23 -18.64
N TRP C 369 25.88 2.07 -18.96
CA TRP C 369 24.84 2.31 -18.00
C TRP C 369 24.34 1.02 -17.34
N GLN C 370 24.28 -0.08 -18.08
CA GLN C 370 23.79 -1.35 -17.57
C GLN C 370 24.57 -2.49 -18.19
N GLU C 371 24.60 -3.64 -17.50
CA GLU C 371 25.03 -4.90 -18.09
C GLU C 371 24.00 -5.97 -17.73
N VAL C 372 23.65 -6.80 -18.70
CA VAL C 372 22.67 -7.87 -18.51
C VAL C 372 23.15 -9.09 -19.27
N ASP C 373 23.60 -10.11 -18.55
CA ASP C 373 24.01 -11.36 -19.19
C ASP C 373 22.81 -12.06 -19.81
N GLU C 374 21.64 -11.91 -19.19
CA GLU C 374 20.42 -12.50 -19.73
C GLU C 374 19.98 -11.66 -20.92
N MET C 375 20.73 -11.72 -22.01
CA MET C 375 20.38 -10.98 -23.21
C MET C 375 20.04 -11.94 -24.32
N LEU C 376 18.76 -12.08 -24.61
CA LEU C 376 18.34 -12.89 -25.74
C LEU C 376 17.86 -11.99 -26.86
N ARG C 377 18.25 -12.33 -28.08
CA ARG C 377 17.64 -11.78 -29.29
C ARG C 377 16.38 -12.58 -29.54
N SER C 378 15.21 -11.94 -29.38
CA SER C 378 13.98 -12.54 -29.86
C SER C 378 13.79 -12.04 -31.29
N GLU C 379 14.09 -12.91 -32.24
CA GLU C 379 14.04 -12.58 -33.65
C GLU C 379 12.58 -12.47 -34.07
N TYR C 380 12.03 -11.27 -33.97
CA TYR C 380 10.58 -11.15 -34.12
C TYR C 380 10.17 -9.74 -34.49
N GLY C 381 9.04 -9.64 -35.18
CA GLY C 381 8.41 -8.38 -35.49
C GLY C 381 9.18 -7.48 -36.42
N GLY C 382 9.71 -8.01 -37.51
CA GLY C 382 10.52 -7.22 -38.42
C GLY C 382 11.70 -6.59 -37.72
N SER C 383 12.17 -7.22 -36.66
CA SER C 383 13.13 -6.61 -35.75
C SER C 383 13.75 -7.69 -34.89
N PHE C 384 14.76 -7.31 -34.14
CA PHE C 384 15.18 -8.11 -33.00
C PHE C 384 14.66 -7.43 -31.75
N ARG C 385 14.39 -8.21 -30.71
CA ARG C 385 14.06 -7.63 -29.43
C ARG C 385 15.12 -8.09 -28.44
N PHE C 386 15.94 -7.16 -28.01
CA PHE C 386 16.94 -7.39 -26.98
C PHE C 386 16.19 -7.55 -25.66
N SER C 387 16.12 -8.77 -25.17
CA SER C 387 15.36 -9.09 -23.98
C SER C 387 16.32 -9.34 -22.82
N SER C 388 16.20 -8.51 -21.79
CA SER C 388 17.02 -8.51 -20.60
C SER C 388 16.24 -9.11 -19.45
N ASP C 389 16.63 -10.31 -19.04
CA ASP C 389 16.12 -10.91 -17.82
C ASP C 389 17.03 -10.62 -16.64
N ALA C 390 17.70 -9.48 -16.65
CA ALA C 390 18.29 -8.93 -15.44
C ALA C 390 17.67 -7.61 -15.03
N ILE C 391 17.34 -6.72 -15.96
CA ILE C 391 16.63 -5.48 -15.63
C ILE C 391 15.30 -5.50 -16.38
N SER C 392 14.95 -6.67 -16.93
CA SER C 392 13.61 -6.95 -17.40
C SER C 392 13.12 -6.04 -18.51
N THR C 393 13.78 -6.04 -19.66
CA THR C 393 13.33 -5.24 -20.78
C THR C 393 13.22 -6.10 -22.03
N THR C 394 12.56 -5.55 -23.06
CA THR C 394 12.64 -6.12 -24.40
C THR C 394 12.65 -4.98 -25.40
N PHE C 395 13.83 -4.49 -25.73
CA PHE C 395 13.91 -3.40 -26.67
C PHE C 395 13.77 -3.94 -28.09
N THR C 396 12.70 -3.53 -28.74
CA THR C 396 12.39 -3.93 -30.10
C THR C 396 13.20 -3.04 -31.03
N THR C 397 14.46 -3.41 -31.24
CA THR C 397 15.38 -2.63 -32.05
C THR C 397 15.52 -3.28 -33.42
N ASN C 398 15.91 -2.46 -34.39
CA ASN C 398 16.12 -2.91 -35.75
C ASN C 398 17.22 -3.96 -35.82
N LEU C 399 17.23 -4.72 -36.91
CA LEU C 399 18.25 -5.76 -37.09
C LEU C 399 19.65 -5.17 -37.17
N THR C 400 19.78 -3.96 -37.71
CA THR C 400 21.09 -3.35 -37.85
C THR C 400 21.53 -2.74 -36.53
N GLU C 401 22.79 -2.35 -36.48
CA GLU C 401 23.41 -1.89 -35.25
C GLU C 401 23.81 -0.42 -35.39
N TYR C 402 23.78 0.30 -34.27
CA TYR C 402 24.23 1.67 -34.26
C TYR C 402 25.74 1.71 -34.39
N PRO C 403 26.29 2.40 -35.38
CA PRO C 403 27.73 2.36 -35.59
C PRO C 403 28.46 3.28 -34.63
N LEU C 404 29.71 2.92 -34.33
CA LEU C 404 30.56 3.80 -33.55
C LEU C 404 30.78 5.13 -34.23
N SER C 405 30.36 5.28 -35.48
CA SER C 405 30.53 6.53 -36.20
C SER C 405 29.49 7.56 -35.78
N ARG C 406 28.22 7.16 -35.69
CA ARG C 406 27.16 8.13 -35.44
C ARG C 406 27.05 8.53 -33.98
N VAL C 407 27.97 8.07 -33.14
CA VAL C 407 28.19 8.63 -31.81
C VAL C 407 29.68 8.86 -31.66
N ASP C 408 30.05 9.68 -30.68
CA ASP C 408 31.44 10.13 -30.55
C ASP C 408 32.26 9.10 -29.79
N LEU C 409 33.56 9.05 -30.06
CA LEU C 409 34.50 8.16 -29.38
C LEU C 409 34.10 6.70 -29.49
N GLY C 410 34.07 6.17 -30.70
CA GLY C 410 33.67 4.79 -30.90
C GLY C 410 34.72 3.77 -30.49
N ASP C 411 35.64 4.18 -29.63
CA ASP C 411 36.69 3.27 -29.18
C ASP C 411 36.67 3.11 -27.66
N CYS C 412 36.56 4.21 -26.92
CA CYS C 412 36.48 4.13 -25.46
C CYS C 412 35.26 3.35 -25.04
N ILE C 413 34.10 3.68 -25.61
CA ILE C 413 32.87 2.94 -25.36
C ILE C 413 33.06 1.46 -25.62
N GLY C 414 33.63 1.13 -26.77
CA GLY C 414 33.83 -0.27 -27.13
C GLY C 414 34.74 -0.98 -26.14
N LYS C 415 35.77 -0.31 -25.66
CA LYS C 415 36.65 -0.92 -24.69
C LYS C 415 35.93 -1.16 -23.37
N ASP C 416 35.16 -0.16 -22.92
CA ASP C 416 34.37 -0.34 -21.71
C ASP C 416 33.46 -1.55 -21.84
N ALA C 417 32.82 -1.70 -22.99
CA ALA C 417 31.93 -2.84 -23.20
C ALA C 417 32.72 -4.15 -23.20
N ARG C 418 33.88 -4.16 -23.85
CA ARG C 418 34.70 -5.37 -23.86
C ARG C 418 35.08 -5.78 -22.44
N ASP C 419 35.43 -4.81 -21.61
CA ASP C 419 35.80 -5.11 -20.22
C ASP C 419 34.59 -5.63 -19.45
N ALA C 420 33.45 -4.98 -19.62
CA ALA C 420 32.22 -5.46 -18.98
C ALA C 420 31.94 -6.91 -19.35
N MET C 421 32.07 -7.24 -20.62
CA MET C 421 31.76 -8.59 -21.08
C MET C 421 32.77 -9.60 -20.54
N ASP C 422 34.06 -9.25 -20.57
CA ASP C 422 35.07 -10.12 -19.96
C ASP C 422 34.76 -10.37 -18.51
N ARG C 423 34.33 -9.32 -17.80
CA ARG C 423 33.96 -9.48 -16.39
C ARG C 423 32.80 -10.46 -16.24
N ILE C 424 31.76 -10.31 -17.06
CA ILE C 424 30.61 -11.21 -16.97
C ILE C 424 31.04 -12.65 -17.21
N PHE C 425 31.80 -12.87 -18.28
CA PHE C 425 32.31 -14.20 -18.56
C PHE C 425 33.06 -14.77 -17.37
N ALA C 426 34.14 -14.10 -16.98
CA ALA C 426 34.99 -14.61 -15.91
C ALA C 426 34.19 -14.81 -14.63
N ARG C 427 33.17 -14.00 -14.40
CA ARG C 427 32.43 -14.11 -13.15
C ARG C 427 31.43 -15.25 -13.19
N ARG C 428 31.00 -15.68 -14.38
CA ARG C 428 30.01 -16.74 -14.36
C ARG C 428 30.28 -17.83 -15.37
N TYR C 429 31.19 -17.61 -16.32
CA TYR C 429 31.28 -18.49 -17.46
C TYR C 429 32.70 -18.88 -17.86
N ASN C 430 33.63 -18.98 -16.91
CA ASN C 430 34.98 -19.44 -17.25
C ASN C 430 34.96 -20.66 -18.15
N ALA C 431 34.00 -21.56 -17.93
CA ALA C 431 33.79 -22.69 -18.83
C ALA C 431 32.31 -23.00 -19.02
N THR C 432 31.44 -22.00 -18.95
CA THR C 432 30.00 -22.23 -18.99
C THR C 432 29.37 -22.08 -20.37
N HIS C 433 29.74 -21.07 -21.14
CA HIS C 433 29.13 -20.81 -22.43
C HIS C 433 30.21 -20.69 -23.51
N ILE C 434 29.74 -20.43 -24.73
CA ILE C 434 30.59 -20.37 -25.91
C ILE C 434 30.64 -18.93 -26.42
N LYS C 435 31.84 -18.47 -26.74
CA LYS C 435 31.98 -17.17 -27.38
C LYS C 435 31.35 -17.23 -28.75
N VAL C 436 30.23 -16.52 -28.92
CA VAL C 436 29.42 -16.59 -30.13
C VAL C 436 29.51 -15.25 -30.83
N GLY C 437 30.12 -15.25 -32.02
CA GLY C 437 30.20 -14.07 -32.86
C GLY C 437 30.80 -12.86 -32.17
N GLN C 438 30.64 -11.72 -32.77
CA GLN C 438 31.08 -10.49 -32.13
C GLN C 438 29.92 -9.87 -31.38
N PRO C 439 30.20 -8.97 -30.45
CA PRO C 439 29.12 -8.18 -29.87
C PRO C 439 28.45 -7.35 -30.95
N GLN C 440 27.28 -6.81 -30.64
CA GLN C 440 26.42 -6.17 -31.61
C GLN C 440 25.74 -4.97 -30.98
N TYR C 441 25.75 -3.84 -31.68
CA TYR C 441 25.72 -2.51 -31.07
C TYR C 441 24.54 -1.73 -31.58
N TYR C 442 23.40 -1.89 -30.90
CA TYR C 442 22.11 -1.46 -31.39
C TYR C 442 21.65 -0.22 -30.64
N LEU C 443 20.86 0.60 -31.32
CA LEU C 443 20.23 1.77 -30.73
C LEU C 443 18.81 1.40 -30.31
N ALA C 444 18.59 1.25 -29.01
CA ALA C 444 17.23 1.28 -28.51
C ALA C 444 16.78 2.73 -28.47
N ASN C 445 15.69 3.02 -29.18
CA ASN C 445 15.35 4.39 -29.53
C ASN C 445 15.31 5.29 -28.30
N GLY C 446 15.63 6.56 -28.50
CA GLY C 446 15.86 7.47 -27.40
C GLY C 446 17.29 7.49 -26.91
N GLY C 447 18.12 6.54 -27.34
CA GLY C 447 19.51 6.52 -26.93
C GLY C 447 19.91 5.55 -25.83
N PHE C 448 19.55 4.27 -25.97
CA PHE C 448 20.17 3.19 -25.21
C PHE C 448 21.15 2.48 -26.13
N LEU C 449 22.42 2.38 -25.71
CA LEU C 449 23.38 1.63 -26.50
C LEU C 449 23.42 0.19 -26.02
N ILE C 450 23.25 -0.74 -26.96
CA ILE C 450 23.14 -2.16 -26.66
C ILE C 450 24.31 -2.86 -27.34
N ALA C 451 25.40 -3.09 -26.63
CA ALA C 451 26.47 -3.93 -27.17
C ALA C 451 26.32 -5.35 -26.63
N TYR C 452 26.24 -6.31 -27.53
CA TYR C 452 25.78 -7.63 -27.13
C TYR C 452 26.68 -8.70 -27.72
N GLN C 453 27.45 -9.32 -26.86
CA GLN C 453 28.19 -10.48 -27.29
C GLN C 453 27.34 -11.72 -27.04
N PRO C 454 26.94 -12.43 -28.09
CA PRO C 454 26.09 -13.59 -27.93
C PRO C 454 26.78 -14.73 -27.21
N LEU C 455 25.98 -15.71 -26.80
CA LEU C 455 26.48 -16.86 -26.08
C LEU C 455 25.86 -18.13 -26.65
N LEU C 456 26.28 -19.26 -26.10
CA LEU C 456 25.71 -20.56 -26.47
C LEU C 456 26.00 -21.53 -25.35
N SER C 457 24.96 -22.17 -24.83
CA SER C 457 25.13 -23.20 -23.83
C SER C 457 25.76 -24.45 -24.48
N ASN C 458 26.37 -25.27 -23.63
CA ASN C 458 27.03 -26.47 -24.10
C ASN C 458 26.04 -27.56 -24.48
N THR C 459 24.76 -27.22 -24.57
CA THR C 459 23.72 -28.12 -25.04
C THR C 459 24.10 -28.53 -26.45
N LEU C 460 24.49 -29.80 -26.60
CA LEU C 460 25.00 -30.29 -27.87
C LEU C 460 26.16 -29.42 -28.32
N ALA C 461 27.25 -29.44 -27.56
CA ALA C 461 28.39 -28.57 -27.78
C ALA C 461 29.16 -28.90 -29.05
N GLU C 462 28.61 -29.77 -29.90
CA GLU C 462 29.33 -30.20 -31.09
C GLU C 462 28.96 -29.36 -32.31
N LEU C 463 28.60 -28.09 -32.11
CA LEU C 463 28.22 -27.19 -33.21
C LEU C 463 28.97 -25.86 -33.18
N TYR C 464 30.26 -25.82 -32.84
CA TYR C 464 30.90 -24.52 -32.70
C TYR C 464 31.08 -23.82 -34.04
N VAL C 465 31.90 -24.38 -34.92
CA VAL C 465 32.33 -23.65 -36.12
C VAL C 465 31.11 -23.31 -36.98
N ARG C 466 30.04 -24.08 -36.84
CA ARG C 466 28.86 -23.84 -37.67
C ARG C 466 27.88 -22.88 -36.99
N GLU C 467 27.47 -23.19 -35.76
CA GLU C 467 26.32 -22.49 -35.20
C GLU C 467 26.56 -21.00 -35.05
N HIS C 468 27.71 -20.59 -34.52
CA HIS C 468 28.05 -19.17 -34.59
C HIS C 468 27.92 -18.70 -36.04
N LEU C 469 28.60 -19.40 -36.95
CA LEU C 469 28.37 -19.22 -38.37
C LEU C 469 26.88 -19.09 -38.67
N ARG C 470 26.09 -20.09 -38.29
CA ARG C 470 24.65 -20.05 -38.55
C ARG C 470 24.04 -18.76 -38.02
N GLU C 471 24.25 -18.47 -36.74
CA GLU C 471 23.59 -17.29 -36.19
C GLU C 471 24.27 -16.01 -36.64
N GLN C 472 25.50 -16.10 -37.17
CA GLN C 472 26.06 -14.94 -37.83
C GLN C 472 25.27 -14.55 -39.07
N SER C 473 24.18 -15.26 -39.34
CA SER C 473 23.15 -14.88 -40.30
C SER C 473 22.34 -13.67 -39.85
N ARG C 474 22.60 -13.11 -38.67
CA ARG C 474 21.71 -12.10 -38.10
C ARG C 474 22.42 -10.84 -37.61
N LYS C 475 23.69 -10.63 -37.96
CA LYS C 475 24.42 -9.44 -37.48
C LYS C 475 23.76 -8.12 -37.88
N PRO C 476 23.53 -7.82 -39.17
CA PRO C 476 22.89 -6.53 -39.44
C PRO C 476 21.37 -6.66 -39.44
N SER C 491 22.77 -39.79 -64.97
CA SER C 491 24.18 -39.87 -65.31
C SER C 491 24.94 -40.76 -64.33
N VAL C 492 26.26 -40.87 -64.52
CA VAL C 492 27.08 -41.68 -63.63
C VAL C 492 27.15 -41.02 -62.26
N GLU C 493 27.02 -41.82 -61.20
CA GLU C 493 26.94 -41.30 -59.85
C GLU C 493 27.84 -42.10 -58.91
N ARG C 494 28.12 -41.52 -57.75
CA ARG C 494 29.02 -42.08 -56.75
C ARG C 494 28.66 -41.51 -55.39
N ILE C 495 29.21 -42.09 -54.34
CA ILE C 495 28.96 -41.65 -52.97
C ILE C 495 30.11 -40.76 -52.50
N LYS C 496 29.78 -39.57 -52.03
CA LYS C 496 30.73 -38.67 -51.41
C LYS C 496 30.05 -37.96 -50.25
N THR C 497 30.24 -38.49 -49.05
CA THR C 497 29.64 -37.90 -47.87
C THR C 497 30.51 -36.74 -47.36
N THR C 498 29.89 -35.86 -46.59
CA THR C 498 30.64 -34.76 -45.99
C THR C 498 31.51 -35.28 -44.84
N SER C 499 32.40 -34.42 -44.36
CA SER C 499 33.42 -34.87 -43.41
C SER C 499 32.81 -35.38 -42.12
N SER C 500 31.73 -34.75 -41.66
CA SER C 500 30.95 -35.30 -40.56
C SER C 500 29.54 -34.76 -40.66
N ILE C 501 28.66 -35.49 -41.34
CA ILE C 501 27.27 -35.07 -41.48
C ILE C 501 26.62 -34.80 -40.14
N GLU C 502 27.25 -35.24 -39.04
CA GLU C 502 26.87 -34.74 -37.73
C GLU C 502 26.78 -33.23 -37.70
N PHE C 503 27.47 -32.54 -38.60
CA PHE C 503 27.20 -31.12 -38.77
C PHE C 503 25.72 -30.89 -38.99
N ALA C 504 25.16 -31.47 -40.04
CA ALA C 504 23.76 -31.25 -40.38
C ALA C 504 22.83 -31.87 -39.34
N ARG C 505 23.19 -33.02 -38.78
CA ARG C 505 22.37 -33.61 -37.74
C ARG C 505 22.28 -32.69 -36.53
N LEU C 506 23.43 -32.20 -36.08
CA LEU C 506 23.46 -31.31 -34.92
C LEU C 506 22.75 -29.99 -35.22
N GLN C 507 22.72 -29.57 -36.48
CA GLN C 507 21.95 -28.37 -36.81
C GLN C 507 20.44 -28.62 -36.78
N PHE C 508 20.00 -29.76 -37.31
CA PHE C 508 18.62 -30.19 -37.13
C PHE C 508 18.23 -30.12 -35.66
N THR C 509 19.04 -30.77 -34.82
CA THR C 509 18.81 -30.72 -33.38
C THR C 509 18.87 -29.29 -32.85
N TYR C 510 19.76 -28.47 -33.41
CA TYR C 510 19.86 -27.08 -33.01
C TYR C 510 18.52 -26.39 -33.15
N ASN C 511 17.96 -26.42 -34.36
CA ASN C 511 16.65 -25.82 -34.59
C ASN C 511 15.61 -26.39 -33.64
N HIS C 512 15.60 -27.72 -33.52
CA HIS C 512 14.47 -28.40 -32.89
C HIS C 512 14.49 -28.23 -31.37
N ILE C 513 15.68 -28.06 -30.79
CA ILE C 513 15.78 -27.80 -29.36
C ILE C 513 15.73 -26.31 -29.09
N GLN C 514 16.23 -25.51 -30.03
CA GLN C 514 16.14 -24.07 -29.94
C GLN C 514 14.69 -23.66 -29.73
N ARG C 515 13.81 -24.22 -30.56
CA ARG C 515 12.38 -23.94 -30.45
C ARG C 515 11.87 -24.02 -29.02
N PRO C 516 11.88 -25.16 -28.32
CA PRO C 516 11.35 -25.16 -26.95
C PRO C 516 12.24 -24.42 -25.98
N VAL C 517 13.55 -24.39 -26.22
CA VAL C 517 14.42 -23.58 -25.38
C VAL C 517 13.98 -22.13 -25.41
N ASN C 518 13.80 -21.59 -26.62
CA ASN C 518 13.32 -20.22 -26.75
C ASN C 518 11.98 -20.04 -26.07
N ASP C 519 11.11 -21.04 -26.16
CA ASP C 519 9.82 -20.93 -25.48
C ASP C 519 10.00 -20.80 -23.98
N MET C 520 10.86 -21.65 -23.40
CA MET C 520 11.14 -21.58 -21.98
C MET C 520 11.68 -20.21 -21.58
N LEU C 521 12.62 -19.68 -22.38
CA LEU C 521 13.10 -18.32 -22.15
C LEU C 521 11.94 -17.34 -22.16
N GLY C 522 11.07 -17.44 -23.16
CA GLY C 522 9.94 -16.53 -23.23
C GLY C 522 9.10 -16.57 -21.98
N ARG C 523 8.87 -17.77 -21.45
CA ARG C 523 7.95 -17.89 -20.32
C ARG C 523 8.58 -17.40 -19.03
N VAL C 524 9.86 -17.72 -18.81
CA VAL C 524 10.55 -17.17 -17.65
C VAL C 524 10.59 -15.64 -17.74
N ALA C 525 10.65 -15.13 -18.96
CA ALA C 525 10.60 -13.68 -19.14
C ALA C 525 9.21 -13.13 -18.85
N ILE C 526 8.17 -13.90 -19.15
CA ILE C 526 6.82 -13.49 -18.78
C ILE C 526 6.71 -13.34 -17.28
N ALA C 527 7.23 -14.32 -16.54
CA ALA C 527 7.28 -14.22 -15.09
C ALA C 527 8.03 -12.97 -14.67
N TRP C 528 9.20 -12.76 -15.27
CA TRP C 528 9.99 -11.56 -15.05
C TRP C 528 9.13 -10.30 -15.16
N CYS C 529 8.43 -10.15 -16.28
CA CYS C 529 7.68 -8.93 -16.55
C CYS C 529 6.53 -8.75 -15.58
N GLU C 530 5.77 -9.82 -15.34
CA GLU C 530 4.63 -9.66 -14.44
C GLU C 530 5.10 -9.25 -13.06
N LEU C 531 6.18 -9.87 -12.57
CA LEU C 531 6.72 -9.45 -11.28
C LEU C 531 7.10 -7.99 -11.26
N GLN C 532 7.92 -7.56 -12.24
CA GLN C 532 8.39 -6.17 -12.21
C GLN C 532 7.23 -5.20 -12.29
N ASN C 533 6.20 -5.55 -13.07
CA ASN C 533 5.10 -4.61 -13.25
C ASN C 533 4.20 -4.57 -12.02
N HIS C 534 4.04 -5.71 -11.32
CA HIS C 534 3.47 -5.65 -9.99
C HIS C 534 4.21 -4.62 -9.15
N GLU C 535 5.51 -4.83 -9.00
CA GLU C 535 6.31 -4.02 -8.11
C GLU C 535 6.26 -2.54 -8.45
N LEU C 536 6.19 -2.19 -9.73
CA LEU C 536 6.15 -0.78 -10.09
C LEU C 536 4.95 -0.09 -9.46
N THR C 537 3.76 -0.59 -9.77
CA THR C 537 2.54 -0.06 -9.17
C THR C 537 2.64 -0.06 -7.66
N LEU C 538 3.25 -1.10 -7.09
CA LEU C 538 3.46 -1.10 -5.65
C LEU C 538 4.22 0.14 -5.21
N TRP C 539 5.39 0.37 -5.82
CA TRP C 539 6.21 1.51 -5.46
C TRP C 539 5.47 2.82 -5.64
N ASN C 540 4.54 2.87 -6.59
CA ASN C 540 3.77 4.09 -6.78
C ASN C 540 3.12 4.53 -5.48
N GLU C 541 2.22 3.70 -4.94
CA GLU C 541 1.58 4.05 -3.68
C GLU C 541 2.59 4.06 -2.55
N ALA C 542 3.68 3.30 -2.68
CA ALA C 542 4.70 3.30 -1.64
C ALA C 542 5.29 4.69 -1.46
N ARG C 543 5.71 5.31 -2.55
CA ARG C 543 6.25 6.67 -2.47
C ARG C 543 5.14 7.67 -2.17
N LYS C 544 3.89 7.36 -2.53
CA LYS C 544 2.82 8.27 -2.11
C LYS C 544 2.66 8.25 -0.59
N LEU C 545 2.87 7.08 0.02
CA LEU C 545 2.97 7.01 1.48
C LEU C 545 4.23 7.70 1.97
N ASN C 546 5.39 7.21 1.54
CA ASN C 546 6.65 7.77 1.99
C ASN C 546 7.61 7.88 0.83
N PRO C 547 7.64 9.02 0.14
CA PRO C 547 8.62 9.17 -0.95
C PRO C 547 10.03 9.31 -0.42
N ASN C 548 10.20 9.83 0.79
CA ASN C 548 11.52 9.88 1.40
C ASN C 548 12.14 8.50 1.46
N ALA C 549 11.48 7.57 2.17
CA ALA C 549 12.05 6.23 2.28
C ALA C 549 12.21 5.61 0.91
N ILE C 550 11.14 5.62 0.11
CA ILE C 550 11.16 4.94 -1.18
C ILE C 550 12.33 5.43 -2.02
N ALA C 551 12.37 6.72 -2.30
CA ALA C 551 13.47 7.29 -3.08
C ALA C 551 14.80 7.04 -2.40
N SER C 552 14.91 7.46 -1.14
CA SER C 552 16.19 7.46 -0.45
C SER C 552 16.83 6.08 -0.43
N VAL C 553 16.01 5.03 -0.49
CA VAL C 553 16.57 3.69 -0.50
C VAL C 553 16.79 3.20 -1.93
N THR C 554 15.87 3.52 -2.84
CA THR C 554 16.08 3.16 -4.24
C THR C 554 17.33 3.84 -4.80
N VAL C 555 17.81 4.88 -4.13
CA VAL C 555 18.97 5.62 -4.59
C VAL C 555 20.13 5.38 -3.62
N GLY C 556 19.82 5.13 -2.35
CA GLY C 556 20.82 5.04 -1.31
C GLY C 556 21.09 6.35 -0.61
N ARG C 557 21.09 7.46 -1.34
CA ARG C 557 21.21 8.78 -0.75
C ARG C 557 20.07 9.06 0.21
N ARG C 558 20.32 9.89 1.23
CA ARG C 558 19.29 10.27 2.18
C ARG C 558 18.64 11.58 1.75
N VAL C 559 17.45 11.48 1.19
CA VAL C 559 16.86 12.60 0.45
C VAL C 559 15.42 12.81 0.86
N SER C 560 14.86 13.97 0.52
CA SER C 560 13.45 14.25 0.77
C SER C 560 12.71 14.45 -0.54
N ALA C 561 11.68 13.65 -0.79
CA ALA C 561 10.97 13.74 -2.06
C ALA C 561 9.54 14.15 -1.80
N ARG C 562 8.84 14.49 -2.88
CA ARG C 562 7.42 14.81 -2.76
C ARG C 562 6.75 14.65 -4.11
N MET C 563 5.41 14.68 -4.08
CA MET C 563 4.58 14.27 -5.21
C MET C 563 4.30 15.44 -6.15
N LEU C 564 4.79 15.33 -7.38
CA LEU C 564 4.42 16.26 -8.44
C LEU C 564 3.38 15.63 -9.36
N GLY C 565 2.28 15.21 -8.74
CA GLY C 565 1.30 14.49 -9.52
C GLY C 565 1.71 13.03 -9.60
N ASP C 566 2.41 12.68 -10.68
CA ASP C 566 2.80 11.32 -10.96
C ASP C 566 4.31 11.10 -10.93
N VAL C 567 5.10 12.13 -10.61
CA VAL C 567 6.54 11.99 -10.51
C VAL C 567 7.01 12.59 -9.19
N MET C 568 8.33 12.63 -9.01
CA MET C 568 8.90 13.05 -7.75
C MET C 568 9.66 14.36 -7.88
N ALA C 569 9.76 15.06 -6.75
CA ALA C 569 10.68 16.17 -6.58
C ALA C 569 11.64 15.79 -5.47
N VAL C 570 12.91 16.18 -5.64
CA VAL C 570 14.03 15.69 -4.83
C VAL C 570 14.68 16.85 -4.08
N SER C 571 15.13 16.54 -2.87
CA SER C 571 15.97 17.42 -2.06
C SER C 571 16.64 16.55 -1.00
N THR C 572 17.97 16.59 -0.96
CA THR C 572 18.75 15.72 -0.09
C THR C 572 18.66 16.21 1.35
N CYS C 573 18.50 15.28 2.30
CA CYS C 573 18.41 15.61 3.71
C CYS C 573 19.81 15.58 4.31
N VAL C 574 19.98 16.25 5.45
CA VAL C 574 21.29 16.24 6.11
C VAL C 574 21.27 15.21 7.23
N PRO C 575 22.05 14.15 7.13
CA PRO C 575 22.27 13.29 8.29
C PRO C 575 22.91 14.05 9.44
N VAL C 576 22.15 14.26 10.51
CA VAL C 576 22.66 14.94 11.70
C VAL C 576 22.66 13.94 12.83
N ALA C 577 23.40 14.27 13.88
CA ALA C 577 23.33 13.49 15.11
C ALA C 577 22.08 13.88 15.90
N ALA C 578 21.72 13.01 16.83
CA ALA C 578 20.55 13.21 17.67
C ALA C 578 20.66 14.45 18.55
N ASP C 579 21.80 14.65 19.20
CA ASP C 579 21.99 15.72 20.17
C ASP C 579 21.60 17.09 19.64
N ASN C 580 21.80 17.37 18.35
CA ASN C 580 21.28 18.58 17.76
C ASN C 580 19.78 18.69 17.91
N VAL C 581 19.08 17.56 17.96
CA VAL C 581 17.63 17.52 17.93
C VAL C 581 17.15 17.13 19.32
N ILE C 582 16.13 17.84 19.81
CA ILE C 582 15.68 17.73 21.18
C ILE C 582 14.17 17.74 21.17
N VAL C 583 13.57 16.60 21.46
CA VAL C 583 12.13 16.53 21.57
C VAL C 583 11.73 17.04 22.95
N GLN C 584 10.89 18.08 22.98
CA GLN C 584 10.45 18.65 24.24
C GLN C 584 9.58 17.65 24.98
N ASN C 585 9.37 17.86 26.28
CA ASN C 585 8.70 16.83 27.06
C ASN C 585 7.19 16.94 26.95
N SER C 586 6.66 18.17 26.96
CA SER C 586 5.21 18.37 26.93
C SER C 586 4.81 18.97 25.59
N MET C 587 3.84 18.33 24.95
CA MET C 587 3.38 18.73 23.62
C MET C 587 1.89 18.93 23.63
N ARG C 588 1.44 20.14 23.29
CA ARG C 588 0.02 20.41 23.14
C ARG C 588 -0.28 21.81 22.59
N ILE C 589 -1.40 21.96 21.87
CA ILE C 589 -1.82 23.28 21.44
C ILE C 589 -2.84 23.82 22.41
N SER C 590 -2.73 25.12 22.70
CA SER C 590 -3.58 25.78 23.68
C SER C 590 -4.59 26.73 23.05
N SER C 591 -4.69 26.75 21.72
CA SER C 591 -5.71 27.55 21.05
C SER C 591 -7.06 27.39 21.70
N ARG C 592 -7.56 26.17 21.74
CA ARG C 592 -8.62 25.77 22.66
C ARG C 592 -8.12 24.56 23.43
N PRO C 593 -8.55 24.41 24.68
CA PRO C 593 -8.02 23.32 25.50
C PRO C 593 -8.30 21.96 24.87
N GLY C 594 -7.29 21.09 24.94
CA GLY C 594 -7.46 19.72 24.52
C GLY C 594 -6.88 19.33 23.18
N ALA C 595 -5.64 19.69 22.88
CA ALA C 595 -4.99 19.22 21.67
C ALA C 595 -3.48 19.11 21.89
N CYS C 596 -3.02 17.88 22.12
CA CYS C 596 -1.60 17.60 22.33
C CYS C 596 -0.96 17.26 20.99
N TYR C 597 0.17 17.90 20.69
CA TYR C 597 0.68 17.93 19.33
C TYR C 597 0.98 16.53 18.78
N SER C 598 0.90 16.40 17.45
CA SER C 598 0.95 15.09 16.82
C SER C 598 2.35 14.51 16.84
N ARG C 599 3.28 15.14 16.12
CA ARG C 599 4.60 14.58 15.86
C ARG C 599 5.61 15.29 16.72
N PRO C 600 6.65 14.59 17.16
CA PRO C 600 7.50 15.11 18.24
C PRO C 600 8.08 16.47 17.91
N LEU C 601 7.62 17.49 18.63
CA LEU C 601 8.19 18.81 18.52
C LEU C 601 9.66 18.75 18.92
N VAL C 602 10.50 19.31 18.07
CA VAL C 602 11.93 19.20 18.19
C VAL C 602 12.54 20.59 18.09
N SER C 603 13.53 20.80 18.94
CA SER C 603 14.46 21.92 18.81
C SER C 603 15.74 21.30 18.30
N PHE C 604 16.08 21.61 17.06
CA PHE C 604 17.10 20.87 16.36
C PHE C 604 18.19 21.83 15.94
N ARG C 605 19.16 21.33 15.18
CA ARG C 605 20.28 22.13 14.71
C ARG C 605 20.84 21.54 13.43
N TYR C 606 20.97 22.39 12.41
CA TYR C 606 21.66 22.01 11.19
C TYR C 606 23.14 21.79 11.45
N GLU C 607 23.76 22.71 12.18
CA GLU C 607 25.13 22.56 12.60
C GLU C 607 25.18 21.93 13.99
N ASP C 608 26.38 21.54 14.41
CA ASP C 608 26.55 21.03 15.77
C ASP C 608 26.19 22.08 16.80
N GLN C 609 26.65 23.32 16.60
CA GLN C 609 26.24 24.44 17.44
C GLN C 609 25.18 25.29 16.73
N GLY C 610 24.50 24.70 15.74
CA GLY C 610 23.56 25.42 14.91
C GLY C 610 22.41 26.04 15.68
N PRO C 611 21.51 26.69 14.96
CA PRO C 611 20.30 27.20 15.61
C PRO C 611 19.38 26.06 15.95
N LEU C 612 19.10 25.91 17.25
CA LEU C 612 18.01 25.04 17.63
C LEU C 612 16.70 25.65 17.16
N VAL C 613 16.20 25.13 16.05
CA VAL C 613 15.00 25.66 15.44
C VAL C 613 13.87 24.68 15.75
N GLU C 614 12.63 25.14 15.60
CA GLU C 614 11.49 24.35 16.02
C GLU C 614 10.85 23.65 14.83
N GLY C 615 10.59 22.36 14.99
CA GLY C 615 9.93 21.56 13.98
C GLY C 615 9.24 20.40 14.65
N GLN C 616 8.79 19.41 13.90
CA GLN C 616 8.31 18.19 14.52
C GLN C 616 9.05 17.01 13.91
N LEU C 617 9.39 16.04 14.76
CA LEU C 617 10.03 14.83 14.29
C LEU C 617 9.05 14.08 13.39
N GLY C 618 9.47 13.80 12.16
CA GLY C 618 8.75 12.90 11.29
C GLY C 618 9.07 11.45 11.64
N GLU C 619 8.52 10.54 10.85
CA GLU C 619 8.72 9.12 11.11
C GLU C 619 10.17 8.73 10.89
N ASN C 620 10.76 8.06 11.88
CA ASN C 620 12.03 7.38 11.66
C ASN C 620 13.11 8.33 11.16
N ASN C 621 13.56 9.24 12.02
CA ASN C 621 14.63 10.20 11.77
C ASN C 621 14.17 11.31 10.85
N GLU C 622 12.94 11.25 10.34
CA GLU C 622 12.36 12.37 9.63
C GLU C 622 12.02 13.47 10.63
N LEU C 623 12.05 14.72 10.18
CA LEU C 623 11.76 15.85 11.03
C LEU C 623 10.90 16.85 10.27
N ARG C 624 9.59 16.68 10.34
CA ARG C 624 8.68 17.61 9.67
C ARG C 624 8.83 19.00 10.27
N LEU C 625 9.40 19.91 9.49
CA LEU C 625 9.86 21.20 9.96
C LEU C 625 8.76 22.06 10.57
N THR C 626 7.50 21.82 10.25
CA THR C 626 6.41 22.64 10.76
C THR C 626 5.92 22.08 12.08
N ARG C 627 5.33 22.96 12.89
CA ARG C 627 4.72 22.58 14.17
C ARG C 627 3.30 23.10 14.19
N ASP C 628 2.38 22.32 13.64
CA ASP C 628 0.95 22.60 13.80
C ASP C 628 0.24 21.27 14.02
N ALA C 629 1.00 20.19 13.91
CA ALA C 629 0.42 18.85 13.96
C ALA C 629 0.02 18.53 15.40
N ILE C 630 -1.28 18.63 15.68
CA ILE C 630 -1.81 18.26 16.98
C ILE C 630 -2.64 17.00 16.83
N GLU C 631 -3.08 16.44 17.94
CA GLU C 631 -3.77 15.18 18.03
C GLU C 631 -4.49 15.15 19.37
N PRO C 632 -5.38 14.18 19.62
CA PRO C 632 -6.00 14.07 20.94
C PRO C 632 -4.97 13.82 22.02
N CYS C 633 -5.07 14.57 23.11
CA CYS C 633 -4.23 14.23 24.24
C CYS C 633 -4.82 12.95 24.80
N THR C 634 -4.45 11.84 24.18
CA THR C 634 -5.24 10.62 24.23
C THR C 634 -5.00 9.93 25.55
N VAL C 635 -6.02 9.94 26.41
CA VAL C 635 -5.83 9.56 27.80
C VAL C 635 -5.43 8.09 27.81
N GLY C 636 -4.14 7.85 28.00
CA GLY C 636 -3.57 6.55 27.75
C GLY C 636 -2.61 6.57 26.58
N HIS C 637 -2.27 7.76 26.08
CA HIS C 637 -1.34 7.84 24.97
C HIS C 637 0.05 7.40 25.40
N ARG C 638 0.58 6.39 24.72
CA ARG C 638 1.94 5.91 24.98
C ARG C 638 2.53 5.58 23.62
N ARG C 639 3.43 6.42 23.13
CA ARG C 639 3.93 6.22 21.78
C ARG C 639 5.44 6.33 21.74
N TYR C 640 6.06 5.38 21.04
CA TYR C 640 7.46 5.44 20.66
C TYR C 640 7.60 6.10 19.30
N PHE C 641 8.79 6.63 19.05
CA PHE C 641 9.17 7.14 17.75
C PHE C 641 10.64 6.85 17.52
N THR C 642 10.98 6.39 16.32
CA THR C 642 12.37 6.02 16.05
C THR C 642 13.28 7.20 16.33
N PHE C 643 14.26 6.96 17.19
CA PHE C 643 15.25 7.97 17.53
C PHE C 643 16.61 7.33 17.32
N GLY C 644 17.21 7.60 16.15
CA GLY C 644 18.42 6.90 15.79
C GLY C 644 18.14 5.41 15.65
N GLY C 645 19.05 4.61 16.18
CA GLY C 645 18.84 3.18 16.21
C GLY C 645 17.98 2.75 17.38
N GLY C 646 17.31 3.70 18.01
CA GLY C 646 16.50 3.41 19.17
C GLY C 646 15.11 3.99 19.07
N TYR C 647 14.43 4.19 20.20
CA TYR C 647 13.08 4.70 20.18
C TYR C 647 12.82 5.57 21.40
N VAL C 648 12.22 6.73 21.13
CA VAL C 648 11.85 7.68 22.15
C VAL C 648 10.45 7.32 22.62
N TYR C 649 10.18 7.55 23.90
CA TYR C 649 8.90 7.22 24.51
C TYR C 649 8.26 8.48 25.03
N PHE C 650 7.01 8.71 24.65
CA PHE C 650 6.17 9.67 25.32
C PHE C 650 4.92 8.99 25.82
N GLU C 651 4.81 8.89 27.15
CA GLU C 651 3.60 8.45 27.80
C GLU C 651 2.72 9.69 27.98
N GLU C 652 1.54 9.65 27.37
CA GLU C 652 0.63 10.79 27.38
C GLU C 652 1.35 12.08 27.07
N TYR C 653 2.19 12.05 26.03
CA TYR C 653 2.80 13.27 25.49
C TYR C 653 3.80 13.84 26.49
N ALA C 654 4.41 12.94 27.26
CA ALA C 654 5.46 13.25 28.21
C ALA C 654 6.55 12.19 28.10
N TYR C 655 7.79 12.64 27.96
CA TYR C 655 8.90 11.72 27.68
C TYR C 655 9.26 10.85 28.87
N SER C 656 9.26 9.53 28.69
CA SER C 656 9.92 8.68 29.67
C SER C 656 11.37 8.37 29.29
N HIS C 657 11.56 7.69 28.16
CA HIS C 657 12.81 6.99 27.96
C HIS C 657 12.91 6.49 26.54
N GLN C 658 14.14 6.15 26.14
CA GLN C 658 14.35 5.41 24.91
C GLN C 658 14.45 3.91 25.18
N LEU C 659 14.33 3.15 24.10
CA LEU C 659 14.55 1.71 24.14
C LEU C 659 15.19 1.29 22.82
N SER C 660 16.19 0.42 22.89
CA SER C 660 16.79 -0.14 21.70
C SER C 660 15.82 -1.09 21.01
N ARG C 661 16.06 -1.32 19.71
CA ARG C 661 15.15 -2.14 18.94
C ARG C 661 15.25 -3.61 19.35
N ALA C 662 16.38 -4.01 19.95
CA ALA C 662 16.52 -5.34 20.53
C ALA C 662 15.83 -5.45 21.89
N ASP C 663 15.51 -4.32 22.52
CA ASP C 663 14.77 -4.32 23.77
C ASP C 663 13.26 -4.28 23.55
N ILE C 664 12.80 -3.60 22.50
CA ILE C 664 11.41 -3.72 22.06
C ILE C 664 11.17 -5.02 21.32
N THR C 665 12.15 -5.92 21.31
CA THR C 665 11.98 -7.30 20.85
C THR C 665 11.63 -7.41 19.37
N THR C 666 12.60 -7.10 18.52
CA THR C 666 12.52 -7.36 17.09
C THR C 666 12.34 -8.87 16.86
N VAL C 667 12.09 -9.26 15.60
CA VAL C 667 11.55 -10.57 15.21
C VAL C 667 12.12 -11.73 16.02
N SER C 668 11.24 -12.59 16.52
CA SER C 668 11.56 -13.71 17.39
C SER C 668 11.03 -15.02 16.80
N THR C 669 11.40 -16.14 17.41
CA THR C 669 10.86 -17.45 17.04
C THR C 669 10.41 -18.26 18.25
N PHE C 670 11.03 -18.06 19.42
CA PHE C 670 10.53 -18.75 20.60
C PHE C 670 9.29 -17.99 21.07
N ILE C 671 9.22 -16.71 20.71
CA ILE C 671 7.97 -15.98 20.69
C ILE C 671 7.59 -15.83 19.22
N ASP C 672 6.29 -15.98 18.95
CA ASP C 672 5.88 -16.52 17.66
C ASP C 672 6.78 -17.74 17.47
N LEU C 673 6.65 -18.79 18.30
CA LEU C 673 5.49 -19.18 19.16
C LEU C 673 4.67 -18.14 19.93
N ASN C 674 3.35 -18.35 19.93
CA ASN C 674 2.37 -17.29 19.94
C ASN C 674 1.81 -16.92 21.32
N ILE C 675 2.67 -16.81 22.34
CA ILE C 675 2.21 -16.38 23.65
C ILE C 675 1.40 -15.10 23.52
N THR C 676 0.43 -14.91 24.41
CA THR C 676 -0.41 -13.72 24.41
C THR C 676 0.42 -12.48 24.72
N MET C 677 -0.18 -11.32 24.47
CA MET C 677 0.49 -10.06 24.73
C MET C 677 -0.40 -9.16 25.57
N LEU C 678 0.01 -7.90 25.66
CA LEU C 678 -0.76 -6.84 26.30
C LEU C 678 -2.16 -6.71 25.72
N GLU C 679 -3.08 -6.11 26.48
CA GLU C 679 -4.38 -5.71 25.97
C GLU C 679 -4.94 -4.55 26.78
N ASP C 680 -6.13 -4.06 26.43
CA ASP C 680 -6.62 -2.80 26.95
C ASP C 680 -8.03 -2.94 27.51
N HIS C 681 -8.38 -2.11 28.50
CA HIS C 681 -9.69 -2.17 29.15
C HIS C 681 -10.17 -0.76 29.47
N GLU C 682 -11.17 -0.70 30.34
CA GLU C 682 -11.89 0.53 30.66
C GLU C 682 -11.01 1.62 31.27
N PHE C 683 -11.48 2.87 31.14
CA PHE C 683 -10.82 4.05 31.70
C PHE C 683 -11.88 5.07 32.05
N VAL C 684 -11.51 6.19 32.68
CA VAL C 684 -12.53 7.00 33.34
C VAL C 684 -12.64 8.43 32.80
N PRO C 685 -12.59 8.65 31.50
CA PRO C 685 -13.50 9.64 30.91
C PRO C 685 -14.62 8.95 30.13
N LEU C 686 -15.82 9.54 30.10
CA LEU C 686 -16.78 9.19 29.04
C LEU C 686 -17.15 7.71 28.97
N GLU C 687 -18.13 7.29 29.79
CA GLU C 687 -18.52 5.91 30.07
C GLU C 687 -18.44 5.02 28.85
N VAL C 688 -18.43 3.70 29.05
CA VAL C 688 -17.32 2.81 28.74
C VAL C 688 -16.37 3.38 27.70
N TYR C 689 -15.08 3.16 27.92
CA TYR C 689 -13.98 4.11 27.81
C TYR C 689 -14.07 5.11 26.66
N THR C 690 -13.51 6.30 26.91
CA THR C 690 -13.82 7.57 26.27
C THR C 690 -13.49 7.58 24.78
N ARG C 691 -13.76 8.74 24.18
CA ARG C 691 -13.49 8.97 22.77
C ARG C 691 -12.04 9.38 22.51
N HIS C 692 -11.31 9.80 23.56
CA HIS C 692 -9.94 10.26 23.37
C HIS C 692 -9.07 9.19 22.71
N GLU C 693 -9.38 7.92 22.95
CA GLU C 693 -8.59 6.85 22.36
C GLU C 693 -9.11 6.48 20.98
N ILE C 694 -10.45 6.52 20.81
CA ILE C 694 -11.01 6.34 19.48
C ILE C 694 -10.37 7.31 18.50
N LYS C 695 -10.17 8.56 18.94
CA LYS C 695 -9.59 9.54 18.04
C LYS C 695 -8.06 9.45 18.00
N ASP C 696 -7.47 8.50 18.74
CA ASP C 696 -6.03 8.26 18.61
C ASP C 696 -5.70 7.33 17.46
N SER C 697 -6.57 7.26 16.45
CA SER C 697 -6.41 6.29 15.37
C SER C 697 -6.31 4.89 15.99
N GLY C 698 -7.31 4.52 16.78
CA GLY C 698 -7.30 3.23 17.42
C GLY C 698 -7.32 2.10 16.43
N LEU C 699 -8.48 1.81 15.84
CA LEU C 699 -8.58 0.79 14.81
C LEU C 699 -9.66 1.08 13.77
N LEU C 700 -9.38 1.81 12.69
CA LEU C 700 -8.29 2.79 12.51
C LEU C 700 -6.84 2.29 12.60
N ASP C 701 -6.31 1.50 11.66
CA ASP C 701 -6.81 1.20 10.30
C ASP C 701 -7.08 2.45 9.48
N TYR C 702 -5.98 3.09 9.06
CA TYR C 702 -6.05 4.29 8.23
C TYR C 702 -7.18 4.23 7.22
N THR C 703 -7.40 3.06 6.62
CA THR C 703 -8.56 2.90 5.74
C THR C 703 -9.86 3.12 6.50
N GLU C 704 -9.98 2.51 7.68
CA GLU C 704 -11.18 2.76 8.47
C GLU C 704 -11.23 4.21 8.91
N VAL C 705 -10.07 4.78 9.27
CA VAL C 705 -10.00 6.19 9.61
C VAL C 705 -10.69 7.02 8.56
N GLN C 706 -10.24 6.90 7.31
CA GLN C 706 -10.79 7.75 6.27
C GLN C 706 -12.26 7.45 6.05
N ARG C 707 -12.60 6.16 5.92
CA ARG C 707 -13.97 5.84 5.55
C ARG C 707 -14.97 6.37 6.57
N ARG C 708 -14.56 6.50 7.83
CA ARG C 708 -15.48 7.11 8.77
C ARG C 708 -15.38 8.63 8.72
N ASN C 709 -14.17 9.17 8.92
CA ASN C 709 -14.04 10.61 9.10
C ASN C 709 -14.62 11.39 7.92
N GLN C 710 -14.60 10.83 6.72
CA GLN C 710 -15.19 11.49 5.57
C GLN C 710 -16.66 11.79 5.78
N LEU C 711 -17.31 11.11 6.72
CA LEU C 711 -18.74 11.27 6.92
C LEU C 711 -19.07 12.56 7.64
N HIS C 712 -18.14 13.51 7.71
CA HIS C 712 -18.42 14.73 8.42
C HIS C 712 -19.20 15.74 7.61
N ASP C 713 -19.17 15.62 6.28
CA ASP C 713 -20.23 16.22 5.48
C ASP C 713 -21.60 15.79 6.01
N LEU C 714 -21.77 14.49 6.24
CA LEU C 714 -22.93 13.99 6.96
C LEU C 714 -23.02 14.54 8.36
N ARG C 715 -21.89 14.85 8.99
CA ARG C 715 -21.88 15.50 10.28
C ARG C 715 -21.95 17.01 10.18
N PHE C 716 -22.53 17.53 9.10
CA PHE C 716 -22.56 18.96 8.81
C PHE C 716 -23.98 19.36 8.46
N ALA C 717 -24.57 20.25 9.26
CA ALA C 717 -25.93 20.74 9.06
C ALA C 717 -25.93 22.25 9.18
N ASP C 718 -25.94 22.93 8.05
CA ASP C 718 -25.80 24.38 8.05
C ASP C 718 -27.14 25.05 7.79
N ILE C 719 -28.22 24.29 7.98
CA ILE C 719 -29.52 24.77 7.53
C ILE C 719 -30.50 24.66 8.67
N ASP C 720 -31.19 25.76 8.96
CA ASP C 720 -32.19 25.82 10.01
C ASP C 720 -33.38 26.59 9.47
N THR C 721 -34.31 25.89 8.85
CA THR C 721 -35.44 26.53 8.18
C THR C 721 -36.74 25.83 8.58
N VAL C 722 -37.84 26.43 8.17
CA VAL C 722 -39.17 25.86 8.37
C VAL C 722 -39.45 24.97 7.17
N ILE C 723 -40.24 23.92 7.38
CA ILE C 723 -40.49 22.95 6.34
C ILE C 723 -41.97 22.66 6.20
#